data_8V4X
#
_entry.id   8V4X
#
_cell.length_a   135.32
_cell.length_b   78.77
_cell.length_c   135.88
_cell.angle_alpha   90
_cell.angle_beta   112.52
_cell.angle_gamma   90
#
_symmetry.space_group_name_H-M   'P 1 21 1'
#
loop_
_entity.id
_entity.type
_entity.pdbx_description
1 polymer 'Mucosa-associated lymphoid tissue lymphoma translocation protein 1'
2 polymer 'Inhibitor peptide'
3 non-polymer "N-{7-[(1S)-1-methoxyethyl]-2-methyl[1,3]thiazolo[5,4-b]pyridin-6-yl}-N'-[6-(2H-1,2,3-triazol-2-yl)-5-(trifluoromethyl)pyridin-3-yl]urea"
4 water water
#
loop_
_entity_poly.entity_id
_entity_poly.type
_entity_poly.pdbx_seq_one_letter_code
_entity_poly.pdbx_strand_id
1 'polypeptide(L)'
;STTDQPLAKDKVALLIGNMNYREHPKLKAPLVDVYELTNLLRQLDFKVVSLLDLTEYEMRNAVDEFLLLLDKGVYGLLYY
AGHGYENFGNSFMVPVDAPNPYRSENCLCVQNILKLMQEKETGLNVFLLDMCRKRNDYDDTIPILDALKVTANIVFGYAT
CQGAEAFEIQHSGLANGIFMKFLKDRLLEDKKITVLLDEVAEDMGKCHLTKGKQALEIRSSLSEKRALTDPIQGTEYSAE
SLVRNLQWAKAHELPESMCLKFDCGVQIQLGFAAEFSNVMIIYTSIVYKPPEIIMCDAYVTDFPLDLDIDPKDANKGTPE
ETGSYLVSKDLPKHCLYTRLSSLQKLKEHLVFTVCLSYQYSGLEDTVEDKQEVNVGKPLIAKLDMHR
;
A,B,C,D,E,F
2 'polypeptide(L)' (PHQ)VRPR(CF0) G,H,I,J,K,L
#
loop_
_chem_comp.id
_chem_comp.type
_chem_comp.name
_chem_comp.formula
A1AAB non-polymer N-{7-[(1S)-1-methoxyethyl]-2-methyl[1,3]thiazolo[5,4-b]pyridin-6-yl}-N'-[6-(2H-1,2,3-triazol-2-yl)-5-(trifluoromethyl)pyridin-3-yl]urea 'C19 H17 F3 N8 O2 S'
CF0 non-polymer fluoromethane 'C H3 F'
PHQ non-polymer 'benzyl chlorocarbonate' 'C8 H7 Cl O2'
#
# COMPACT_ATOMS: atom_id res chain seq x y z
N PRO A 6 15.79 -23.27 -12.94
CA PRO A 6 16.02 -22.37 -14.07
C PRO A 6 17.09 -21.32 -13.79
N LEU A 7 17.53 -20.61 -14.83
CA LEU A 7 18.54 -19.57 -14.69
C LEU A 7 18.06 -18.25 -15.27
N ALA A 8 18.68 -17.15 -14.84
CA ALA A 8 18.33 -15.83 -15.35
C ALA A 8 19.48 -15.27 -16.16
N LYS A 9 19.21 -14.60 -17.29
CA LYS A 9 20.29 -13.97 -18.07
C LYS A 9 20.95 -12.86 -17.22
N ASP A 10 20.12 -12.12 -16.46
CA ASP A 10 20.46 -11.07 -15.50
C ASP A 10 19.26 -10.91 -14.53
N LYS A 11 19.42 -10.18 -13.43
CA LYS A 11 18.35 -9.94 -12.47
C LYS A 11 18.37 -8.45 -12.14
N VAL A 12 17.48 -7.65 -12.76
CA VAL A 12 17.47 -6.21 -12.52
C VAL A 12 16.17 -5.71 -11.87
N ALA A 13 16.27 -4.68 -11.02
CA ALA A 13 15.08 -4.16 -10.36
C ALA A 13 14.99 -2.64 -10.21
N LEU A 14 13.82 -2.05 -10.48
CA LEU A 14 13.60 -0.62 -10.30
C LEU A 14 12.66 -0.46 -9.12
N LEU A 15 13.05 0.38 -8.16
CA LEU A 15 12.30 0.61 -6.92
C LEU A 15 11.97 2.07 -6.78
N ILE A 16 10.69 2.42 -6.63
CA ILE A 16 10.30 3.81 -6.41
C ILE A 16 9.48 3.94 -5.12
N GLY A 17 9.81 4.94 -4.32
CA GLY A 17 9.10 5.24 -3.09
C GLY A 17 8.69 6.70 -3.09
N ASN A 18 7.38 7.00 -3.07
CA ASN A 18 6.91 8.40 -3.09
C ASN A 18 6.29 8.80 -1.74
N MET A 19 6.68 9.97 -1.21
CA MET A 19 6.23 10.43 0.08
C MET A 19 5.90 11.91 0.07
N ASN A 20 6.72 12.70 -0.62
CA ASN A 20 6.63 14.14 -0.61
C ASN A 20 5.56 14.75 -1.52
N TYR A 21 4.32 14.35 -1.32
CA TYR A 21 3.20 14.83 -2.14
C TYR A 21 2.86 16.29 -1.85
N ARG A 22 2.66 17.10 -2.92
CA ARG A 22 2.34 18.53 -2.80
C ARG A 22 0.86 18.79 -2.41
N GLU A 23 -0.10 18.33 -3.24
CA GLU A 23 -1.52 18.55 -2.94
C GLU A 23 -2.23 17.30 -2.38
N HIS A 24 -1.49 16.22 -2.06
CA HIS A 24 -2.02 14.96 -1.52
C HIS A 24 -1.35 14.60 -0.18
N PRO A 25 -1.99 13.77 0.67
CA PRO A 25 -1.36 13.44 1.97
C PRO A 25 0.02 12.80 1.84
N LYS A 26 0.93 13.21 2.71
CA LYS A 26 2.30 12.73 2.67
C LYS A 26 2.48 11.38 3.36
N LEU A 27 3.44 10.58 2.89
CA LEU A 27 3.72 9.29 3.49
C LEU A 27 5.12 9.24 4.18
N LYS A 28 5.36 8.24 5.05
CA LYS A 28 6.64 8.12 5.74
C LYS A 28 7.33 6.79 5.45
N ALA A 29 6.55 5.70 5.44
CA ALA A 29 7.08 4.34 5.27
C ALA A 29 7.74 3.99 3.93
N PRO A 30 7.36 4.50 2.71
CA PRO A 30 8.07 4.07 1.50
C PRO A 30 9.59 4.25 1.58
N LEU A 31 10.10 5.15 2.42
CA LEU A 31 11.55 5.32 2.63
C LEU A 31 12.13 4.00 3.16
N VAL A 32 11.58 3.49 4.28
CA VAL A 32 12.02 2.25 4.91
C VAL A 32 11.75 1.07 4.02
N ASP A 33 10.59 1.04 3.39
CA ASP A 33 10.18 -0.04 2.50
C ASP A 33 11.14 -0.21 1.30
N VAL A 34 11.44 0.89 0.60
CA VAL A 34 12.37 0.86 -0.52
C VAL A 34 13.77 0.51 -0.01
N TYR A 35 14.21 1.15 1.10
CA TYR A 35 15.52 0.87 1.65
C TYR A 35 15.73 -0.60 1.99
N GLU A 36 14.74 -1.25 2.62
CA GLU A 36 14.87 -2.64 3.04
C GLU A 36 14.80 -3.62 1.88
N LEU A 37 13.86 -3.40 0.97
CA LEU A 37 13.73 -4.24 -0.21
C LEU A 37 14.98 -4.14 -1.09
N THR A 38 15.63 -2.95 -1.15
CA THR A 38 16.86 -2.78 -1.93
C THR A 38 17.95 -3.72 -1.39
N ASN A 39 18.13 -3.75 -0.05
CA ASN A 39 19.16 -4.58 0.57
C ASN A 39 18.89 -6.06 0.35
N LEU A 40 17.63 -6.47 0.50
CA LEU A 40 17.26 -7.86 0.32
C LEU A 40 17.44 -8.32 -1.12
N LEU A 41 17.15 -7.44 -2.12
CA LEU A 41 17.31 -7.78 -3.53
C LEU A 41 18.78 -7.84 -3.92
N ARG A 42 19.61 -6.98 -3.32
CA ARG A 42 21.07 -6.97 -3.54
C ARG A 42 21.69 -8.28 -3.04
N GLN A 43 21.18 -8.80 -1.89
CA GLN A 43 21.62 -10.10 -1.36
C GLN A 43 21.32 -11.22 -2.37
N LEU A 44 20.22 -11.05 -3.15
CA LEU A 44 19.71 -11.93 -4.18
C LEU A 44 20.32 -11.60 -5.55
N ASP A 45 21.53 -11.04 -5.61
CA ASP A 45 22.21 -10.73 -6.88
C ASP A 45 21.45 -9.77 -7.83
N PHE A 46 20.42 -9.06 -7.36
CA PHE A 46 19.70 -8.11 -8.21
C PHE A 46 20.47 -6.81 -8.29
N LYS A 47 20.49 -6.15 -9.44
CA LYS A 47 21.14 -4.84 -9.57
C LYS A 47 19.99 -3.89 -9.37
N VAL A 48 19.97 -3.17 -8.25
CA VAL A 48 18.84 -2.30 -7.92
C VAL A 48 19.14 -0.81 -8.11
N VAL A 49 18.15 -0.09 -8.61
CA VAL A 49 18.11 1.37 -8.66
C VAL A 49 16.88 1.68 -7.78
N SER A 50 17.10 2.48 -6.74
CA SER A 50 16.09 2.82 -5.75
C SER A 50 15.92 4.34 -5.67
N LEU A 51 14.76 4.84 -6.13
CA LEU A 51 14.49 6.26 -6.17
C LEU A 51 13.39 6.72 -5.21
N LEU A 52 13.58 7.91 -4.63
CA LEU A 52 12.60 8.51 -3.73
C LEU A 52 12.01 9.80 -4.26
N ASP A 53 10.69 9.94 -4.06
CA ASP A 53 9.90 11.12 -4.38
C ASP A 53 10.13 11.61 -5.79
N LEU A 54 9.68 10.85 -6.77
CA LEU A 54 9.86 11.24 -8.15
C LEU A 54 8.60 11.92 -8.67
N THR A 55 8.79 12.93 -9.48
CA THR A 55 7.69 13.62 -10.13
C THR A 55 7.36 12.86 -11.44
N GLU A 56 6.22 13.15 -12.09
CA GLU A 56 5.82 12.44 -13.30
C GLU A 56 6.92 12.26 -14.35
N TYR A 57 7.67 13.34 -14.66
CA TYR A 57 8.75 13.28 -15.66
C TYR A 57 9.84 12.28 -15.27
N GLU A 58 10.25 12.32 -13.99
CA GLU A 58 11.29 11.47 -13.43
C GLU A 58 10.86 10.00 -13.34
N MET A 59 9.56 9.74 -13.13
CA MET A 59 9.06 8.38 -13.08
C MET A 59 9.02 7.79 -14.50
N ARG A 60 8.59 8.61 -15.47
CA ARG A 60 8.55 8.21 -16.84
C ARG A 60 9.95 7.92 -17.37
N ASN A 61 10.94 8.73 -17.01
CA ASN A 61 12.32 8.49 -17.48
C ASN A 61 12.95 7.24 -16.89
N ALA A 62 12.72 6.97 -15.59
CA ALA A 62 13.26 5.81 -14.91
C ALA A 62 12.58 4.53 -15.40
N VAL A 63 11.25 4.58 -15.63
CA VAL A 63 10.51 3.41 -16.10
C VAL A 63 11.01 3.01 -17.48
N ASP A 64 11.10 4.00 -18.39
CA ASP A 64 11.56 3.83 -19.76
C ASP A 64 12.95 3.23 -19.84
N GLU A 65 13.90 3.74 -19.04
CA GLU A 65 15.27 3.20 -19.06
C GLU A 65 15.40 1.82 -18.45
N PHE A 66 14.49 1.47 -17.52
CA PHE A 66 14.46 0.15 -16.89
C PHE A 66 14.04 -0.90 -17.95
N LEU A 67 13.04 -0.56 -18.77
CA LEU A 67 12.53 -1.40 -19.84
C LEU A 67 13.62 -1.65 -20.88
N LEU A 68 14.40 -0.63 -21.20
CA LEU A 68 15.49 -0.76 -22.16
C LEU A 68 16.54 -1.79 -21.67
N LEU A 69 16.80 -1.82 -20.36
CA LEU A 69 17.74 -2.77 -19.78
C LEU A 69 17.23 -4.22 -19.77
N LEU A 70 15.91 -4.40 -19.79
CA LEU A 70 15.33 -5.74 -19.80
C LEU A 70 15.58 -6.40 -21.14
N ASP A 71 15.76 -7.72 -21.14
CA ASP A 71 16.03 -8.47 -22.37
C ASP A 71 15.65 -9.95 -22.22
N LYS A 72 15.85 -10.76 -23.30
CA LYS A 72 15.54 -12.18 -23.31
C LYS A 72 16.18 -12.92 -22.14
N GLY A 73 15.34 -13.41 -21.25
CA GLY A 73 15.77 -14.16 -20.07
C GLY A 73 16.01 -13.34 -18.81
N VAL A 74 15.89 -12.01 -18.89
CA VAL A 74 16.14 -11.16 -17.73
C VAL A 74 14.98 -11.16 -16.70
N TYR A 75 15.34 -11.16 -15.41
CA TYR A 75 14.37 -11.12 -14.32
C TYR A 75 14.12 -9.65 -13.95
N GLY A 76 13.01 -9.10 -14.40
CA GLY A 76 12.66 -7.72 -14.13
C GLY A 76 11.69 -7.56 -12.98
N LEU A 77 12.02 -6.70 -12.02
CA LEU A 77 11.19 -6.49 -10.85
C LEU A 77 10.92 -5.01 -10.66
N LEU A 78 9.66 -4.64 -10.54
CA LEU A 78 9.31 -3.25 -10.26
C LEU A 78 8.60 -3.19 -8.89
N TYR A 79 9.02 -2.25 -8.05
CA TYR A 79 8.41 -2.04 -6.76
C TYR A 79 7.95 -0.61 -6.65
N TYR A 80 6.70 -0.41 -6.27
CA TYR A 80 6.16 0.91 -6.08
C TYR A 80 5.47 0.98 -4.76
N ALA A 81 5.90 1.91 -3.88
CA ALA A 81 5.28 2.19 -2.59
C ALA A 81 4.90 3.68 -2.65
N GLY A 82 3.62 3.99 -2.46
CA GLY A 82 3.15 5.37 -2.57
C GLY A 82 1.71 5.49 -3.02
N HIS A 83 1.26 6.70 -3.41
CA HIS A 83 -0.13 6.89 -3.82
C HIS A 83 -0.47 6.21 -5.13
N GLY A 84 -1.65 5.60 -5.16
CA GLY A 84 -2.13 4.91 -6.35
C GLY A 84 -3.63 4.68 -6.42
N TYR A 85 -4.12 4.39 -7.63
CA TYR A 85 -5.52 4.11 -7.83
C TYR A 85 -5.78 3.03 -8.91
N GLU A 86 -6.96 2.39 -8.83
CA GLU A 86 -7.35 1.38 -9.80
C GLU A 86 -8.72 1.68 -10.42
N ASN A 87 -8.74 1.92 -11.73
CA ASN A 87 -9.98 2.21 -12.46
C ASN A 87 -10.12 1.28 -13.65
N PHE A 88 -11.21 0.52 -13.68
CA PHE A 88 -11.52 -0.42 -14.76
C PHE A 88 -10.36 -1.38 -15.02
N GLY A 89 -9.81 -1.92 -13.95
CA GLY A 89 -8.74 -2.91 -14.01
C GLY A 89 -7.36 -2.38 -14.28
N ASN A 90 -7.21 -1.05 -14.39
CA ASN A 90 -5.90 -0.46 -14.66
C ASN A 90 -5.33 0.16 -13.39
N SER A 91 -4.09 -0.17 -13.08
CA SER A 91 -3.42 0.36 -11.91
C SER A 91 -2.58 1.56 -12.30
N PHE A 92 -2.62 2.62 -11.49
CA PHE A 92 -1.87 3.84 -11.78
C PHE A 92 -1.01 4.27 -10.60
N MET A 93 0.22 4.66 -10.89
CA MET A 93 1.15 5.10 -9.87
C MET A 93 1.14 6.63 -9.90
N VAL A 94 0.74 7.26 -8.80
CA VAL A 94 0.63 8.71 -8.69
C VAL A 94 1.96 9.33 -8.25
N PRO A 95 2.60 10.19 -9.06
CA PRO A 95 3.87 10.81 -8.63
C PRO A 95 3.67 11.98 -7.67
N VAL A 96 4.73 12.38 -6.93
CA VAL A 96 4.63 13.45 -5.94
C VAL A 96 4.09 14.77 -6.49
N ASP A 97 4.24 15.03 -7.80
CA ASP A 97 3.78 16.30 -8.37
C ASP A 97 2.38 16.26 -8.97
N ALA A 98 1.56 15.31 -8.55
CA ALA A 98 0.20 15.19 -9.09
C ALA A 98 -0.71 16.28 -8.55
N PRO A 99 -1.53 16.88 -9.43
CA PRO A 99 -2.47 17.89 -8.96
C PRO A 99 -3.65 17.28 -8.22
N ASN A 100 -4.43 18.10 -7.52
CA ASN A 100 -5.63 17.63 -6.87
C ASN A 100 -6.78 18.49 -7.36
N PRO A 101 -7.67 17.93 -8.21
CA PRO A 101 -7.75 16.54 -8.66
C PRO A 101 -6.84 16.23 -9.84
N TYR A 102 -6.65 14.93 -10.10
CA TYR A 102 -5.75 14.47 -11.16
C TYR A 102 -6.41 13.40 -12.03
N ARG A 103 -5.84 13.19 -13.21
CA ARG A 103 -6.34 12.19 -14.15
C ARG A 103 -5.21 11.25 -14.59
N SER A 104 -5.51 10.22 -15.41
CA SER A 104 -4.54 9.25 -15.93
C SER A 104 -3.33 9.86 -16.66
N GLU A 105 -3.44 11.10 -17.14
CA GLU A 105 -2.32 11.77 -17.83
C GLU A 105 -1.23 12.26 -16.87
N ASN A 106 -1.60 12.46 -15.60
CA ASN A 106 -0.67 12.85 -14.54
C ASN A 106 0.03 11.61 -13.92
N CYS A 107 -0.54 10.41 -14.08
CA CYS A 107 -0.03 9.20 -13.46
C CYS A 107 0.68 8.25 -14.44
N LEU A 108 1.18 7.10 -13.96
CA LEU A 108 1.86 6.10 -14.79
C LEU A 108 1.06 4.81 -14.78
N CYS A 109 0.76 4.24 -15.95
CA CYS A 109 -0.06 3.03 -16.00
C CYS A 109 0.75 1.75 -15.92
N VAL A 110 0.52 0.96 -14.86
CA VAL A 110 1.21 -0.31 -14.62
C VAL A 110 0.95 -1.28 -15.75
N GLN A 111 -0.31 -1.30 -16.22
CA GLN A 111 -0.73 -2.14 -17.33
C GLN A 111 0.03 -1.81 -18.62
N ASN A 112 0.29 -0.52 -18.85
CA ASN A 112 1.01 -0.07 -20.03
C ASN A 112 2.47 -0.50 -19.98
N ILE A 113 3.08 -0.47 -18.78
CA ILE A 113 4.46 -0.88 -18.52
C ILE A 113 4.65 -2.36 -18.79
N LEU A 114 3.66 -3.17 -18.39
CA LEU A 114 3.65 -4.61 -18.58
C LEU A 114 3.80 -4.95 -20.08
N LYS A 115 3.06 -4.24 -20.96
CA LYS A 115 3.12 -4.40 -22.40
C LYS A 115 4.57 -4.29 -22.91
N LEU A 116 5.27 -3.25 -22.48
CA LEU A 116 6.65 -2.98 -22.85
C LEU A 116 7.65 -4.00 -22.30
N MET A 117 7.41 -4.51 -21.09
CA MET A 117 8.25 -5.53 -20.44
C MET A 117 8.30 -6.81 -21.30
N GLN A 118 7.14 -7.18 -21.86
CA GLN A 118 6.94 -8.37 -22.71
C GLN A 118 7.65 -8.24 -24.05
N GLU A 119 7.67 -7.02 -24.62
CA GLU A 119 8.30 -6.75 -25.91
C GLU A 119 9.76 -7.14 -25.89
N LYS A 120 10.46 -6.90 -24.76
CA LYS A 120 11.87 -7.27 -24.60
C LYS A 120 12.09 -8.78 -24.32
N GLU A 121 11.05 -9.63 -24.52
CA GLU A 121 11.06 -11.08 -24.35
C GLU A 121 11.70 -11.58 -23.04
N THR A 122 11.37 -10.91 -21.93
CA THR A 122 11.85 -11.24 -20.57
C THR A 122 11.48 -12.67 -20.12
N GLY A 123 12.22 -13.18 -19.14
CA GLY A 123 12.00 -14.52 -18.60
C GLY A 123 11.04 -14.52 -17.43
N LEU A 124 11.06 -13.44 -16.63
CA LEU A 124 10.20 -13.28 -15.47
C LEU A 124 9.94 -11.80 -15.24
N ASN A 125 8.67 -11.44 -15.01
CA ASN A 125 8.24 -10.07 -14.77
C ASN A 125 7.47 -9.99 -13.46
N VAL A 126 7.91 -9.13 -12.52
CA VAL A 126 7.26 -9.02 -11.22
C VAL A 126 6.89 -7.59 -10.88
N PHE A 127 5.66 -7.36 -10.42
CA PHE A 127 5.22 -6.03 -10.03
C PHE A 127 4.68 -6.05 -8.63
N LEU A 128 5.49 -5.63 -7.68
CA LEU A 128 5.07 -5.56 -6.30
C LEU A 128 4.59 -4.14 -6.10
N LEU A 129 3.29 -3.91 -6.30
CA LEU A 129 2.72 -2.57 -6.16
C LEU A 129 2.11 -2.47 -4.77
N ASP A 130 2.75 -1.67 -3.91
CA ASP A 130 2.41 -1.43 -2.51
C ASP A 130 1.69 -0.09 -2.43
N MET A 131 0.48 -0.03 -2.99
CA MET A 131 -0.35 1.17 -3.07
C MET A 131 -1.85 0.83 -2.91
N CYS A 132 -2.69 1.87 -2.68
CA CYS A 132 -4.14 1.71 -2.62
C CYS A 132 -4.70 1.39 -4.00
N ARG A 133 -5.87 0.77 -4.06
CA ARG A 133 -6.49 0.43 -5.33
C ARG A 133 -7.94 0.88 -5.41
N LYS A 134 -8.28 1.99 -4.74
CA LYS A 134 -9.63 2.53 -4.80
C LYS A 134 -9.84 3.35 -6.12
N ARG A 135 -11.11 3.58 -6.47
CA ARG A 135 -11.48 4.34 -7.66
C ARG A 135 -11.13 5.82 -7.51
N ASN A 136 -10.64 6.40 -8.59
CA ASN A 136 -10.41 7.83 -8.65
C ASN A 136 -11.57 8.27 -9.52
N ASP A 137 -12.64 8.73 -8.88
CA ASP A 137 -13.85 9.10 -9.60
C ASP A 137 -13.67 10.28 -10.55
N TYR A 138 -12.71 11.18 -10.28
CA TYR A 138 -12.44 12.32 -11.16
C TYR A 138 -12.00 11.88 -12.55
N ASP A 139 -11.21 10.80 -12.63
CA ASP A 139 -10.73 10.27 -13.90
C ASP A 139 -11.89 9.59 -14.67
N ASP A 140 -12.63 10.35 -15.49
CA ASP A 140 -13.76 9.79 -16.24
C ASP A 140 -13.38 9.22 -17.63
N THR A 141 -12.07 9.10 -17.93
CA THR A 141 -11.64 8.58 -19.22
C THR A 141 -11.74 7.05 -19.27
N ILE A 142 -12.11 6.51 -20.43
CA ILE A 142 -12.16 5.07 -20.62
C ILE A 142 -10.96 4.68 -21.46
N PRO A 143 -10.16 3.74 -20.96
CA PRO A 143 -8.91 3.41 -21.65
C PRO A 143 -8.99 2.26 -22.66
N ILE A 144 -8.69 2.56 -23.93
CA ILE A 144 -8.69 1.54 -24.97
C ILE A 144 -7.25 1.08 -25.18
N LEU A 145 -6.88 -0.04 -24.56
CA LEU A 145 -5.51 -0.56 -24.69
C LEU A 145 -5.49 -1.92 -25.36
N ASP A 146 -4.36 -2.24 -26.00
CA ASP A 146 -4.14 -3.51 -26.70
C ASP A 146 -4.14 -4.71 -25.72
N ALA A 147 -4.46 -5.89 -26.25
CA ALA A 147 -4.47 -7.12 -25.45
C ALA A 147 -3.04 -7.60 -25.26
N LEU A 148 -2.65 -7.88 -24.01
CA LEU A 148 -1.31 -8.36 -23.70
C LEU A 148 -1.02 -9.71 -24.37
N LYS A 149 0.25 -9.98 -24.70
CA LYS A 149 0.67 -11.25 -25.29
C LYS A 149 0.68 -12.34 -24.22
N VAL A 150 0.45 -13.58 -24.63
CA VAL A 150 0.47 -14.70 -23.70
C VAL A 150 1.91 -15.08 -23.48
N THR A 151 2.46 -14.68 -22.32
CA THR A 151 3.86 -14.95 -22.04
C THR A 151 4.05 -15.95 -20.89
N ALA A 152 3.02 -16.17 -20.03
CA ALA A 152 3.12 -17.11 -18.91
C ALA A 152 4.35 -16.90 -18.00
N ASN A 153 4.63 -15.63 -17.66
CA ASN A 153 5.77 -15.26 -16.84
C ASN A 153 5.56 -13.95 -16.03
N ILE A 154 4.31 -13.52 -15.87
CA ILE A 154 3.97 -12.31 -15.13
C ILE A 154 3.37 -12.65 -13.79
N VAL A 155 3.96 -12.05 -12.75
CA VAL A 155 3.55 -12.18 -11.37
C VAL A 155 3.29 -10.77 -10.82
N PHE A 156 2.10 -10.59 -10.27
CA PHE A 156 1.64 -9.33 -9.72
C PHE A 156 1.41 -9.45 -8.22
N GLY A 157 2.26 -8.80 -7.45
CA GLY A 157 2.12 -8.78 -6.01
C GLY A 157 1.46 -7.48 -5.59
N TYR A 158 0.16 -7.50 -5.33
CA TYR A 158 -0.56 -6.31 -4.88
C TYR A 158 -0.60 -6.30 -3.35
N ALA A 159 -0.37 -5.15 -2.72
CA ALA A 159 -0.41 -5.04 -1.27
C ALA A 159 -1.83 -5.12 -0.71
N THR A 160 -2.82 -4.77 -1.52
CA THR A 160 -4.22 -4.79 -1.15
C THR A 160 -5.09 -5.29 -2.34
N CYS A 161 -6.36 -5.56 -2.09
CA CYS A 161 -7.27 -6.04 -3.10
C CYS A 161 -7.90 -4.86 -3.88
N GLN A 162 -8.63 -5.14 -4.97
CA GLN A 162 -9.24 -4.09 -5.78
C GLN A 162 -10.37 -3.39 -5.03
N GLY A 163 -10.25 -2.07 -4.92
CA GLY A 163 -11.21 -1.24 -4.21
C GLY A 163 -10.89 -1.01 -2.74
N ALA A 164 -9.75 -1.53 -2.28
CA ALA A 164 -9.30 -1.42 -0.91
C ALA A 164 -7.98 -0.59 -0.81
N GLU A 165 -7.62 -0.15 0.41
CA GLU A 165 -6.44 0.65 0.62
C GLU A 165 -5.28 -0.20 1.10
N ALA A 166 -4.05 0.33 0.97
CA ALA A 166 -2.83 -0.27 1.51
C ALA A 166 -2.42 0.64 2.70
N PHE A 167 -1.93 0.04 3.79
CA PHE A 167 -1.64 0.79 5.00
C PHE A 167 -0.21 0.76 5.46
N GLU A 168 0.14 1.81 6.20
CA GLU A 168 1.38 1.99 6.92
C GLU A 168 0.99 2.55 8.31
N ILE A 169 1.84 2.37 9.33
CA ILE A 169 1.54 2.82 10.69
C ILE A 169 1.61 4.34 10.82
N GLN A 170 0.57 4.95 11.42
CA GLN A 170 0.40 6.40 11.55
C GLN A 170 1.62 7.14 12.06
N HIS A 171 2.36 7.74 11.09
CA HIS A 171 3.57 8.57 11.18
C HIS A 171 4.51 8.21 12.34
N SER A 172 4.59 6.92 12.71
CA SER A 172 5.37 6.54 13.87
C SER A 172 6.74 5.93 13.55
N GLY A 173 7.73 6.81 13.40
CA GLY A 173 9.13 6.50 13.17
C GLY A 173 9.49 5.68 11.94
N LEU A 174 10.53 4.86 12.10
CA LEU A 174 11.06 4.02 11.03
C LEU A 174 10.44 2.61 11.02
N ALA A 175 9.12 2.55 10.79
CA ALA A 175 8.38 1.30 10.68
C ALA A 175 7.97 1.11 9.22
N ASN A 176 7.89 -0.15 8.79
CA ASN A 176 7.48 -0.44 7.42
C ASN A 176 5.97 -0.38 7.29
N GLY A 177 5.48 -0.38 6.05
CA GLY A 177 4.06 -0.52 5.78
C GLY A 177 3.65 -1.98 6.01
N ILE A 178 2.35 -2.28 5.96
CA ILE A 178 1.86 -3.63 6.19
C ILE A 178 2.50 -4.65 5.22
N PHE A 179 2.45 -4.40 3.90
CA PHE A 179 3.03 -5.29 2.90
C PHE A 179 4.49 -5.67 3.15
N MET A 180 5.31 -4.67 3.44
CA MET A 180 6.74 -4.86 3.68
C MET A 180 7.07 -5.55 5.02
N LYS A 181 6.25 -5.28 6.06
CA LYS A 181 6.39 -5.92 7.37
C LYS A 181 6.40 -7.46 7.27
N PHE A 182 5.79 -8.00 6.22
CA PHE A 182 5.67 -9.42 5.97
C PHE A 182 6.63 -9.87 4.90
N LEU A 183 6.61 -9.19 3.73
CA LEU A 183 7.48 -9.52 2.60
C LEU A 183 8.97 -9.61 2.96
N LYS A 184 9.47 -8.77 3.88
CA LYS A 184 10.90 -8.78 4.20
C LYS A 184 11.36 -10.07 4.85
N ASP A 185 10.50 -10.72 5.65
CA ASP A 185 10.87 -11.99 6.29
C ASP A 185 10.52 -13.21 5.43
N ARG A 186 10.39 -13.02 4.11
CA ARG A 186 10.05 -14.09 3.19
C ARG A 186 10.87 -14.01 1.93
N LEU A 187 11.14 -12.80 1.43
CA LEU A 187 11.82 -12.53 0.16
C LEU A 187 13.04 -13.40 -0.18
N LEU A 188 13.98 -13.63 0.75
CA LEU A 188 15.19 -14.42 0.44
C LEU A 188 14.97 -15.93 0.30
N GLU A 189 13.74 -16.42 0.53
CA GLU A 189 13.41 -17.85 0.46
C GLU A 189 13.59 -18.43 -0.92
N ASP A 190 14.11 -19.66 -0.98
CA ASP A 190 14.33 -20.34 -2.25
C ASP A 190 13.14 -21.22 -2.63
N LYS A 191 12.02 -20.56 -2.90
CA LYS A 191 10.75 -21.14 -3.33
C LYS A 191 10.25 -20.30 -4.53
N LYS A 192 9.30 -20.83 -5.32
CA LYS A 192 8.75 -20.09 -6.49
C LYS A 192 8.22 -18.71 -6.06
N ILE A 193 8.40 -17.67 -6.88
CA ILE A 193 7.97 -16.32 -6.52
C ILE A 193 6.45 -16.29 -6.19
N THR A 194 5.66 -17.09 -6.88
CA THR A 194 4.23 -17.22 -6.61
C THR A 194 3.95 -17.84 -5.22
N VAL A 195 4.67 -18.90 -4.86
CA VAL A 195 4.51 -19.54 -3.55
C VAL A 195 4.99 -18.64 -2.39
N LEU A 196 6.03 -17.83 -2.62
CA LEU A 196 6.58 -16.91 -1.64
C LEU A 196 5.57 -15.82 -1.34
N LEU A 197 4.88 -15.31 -2.38
CA LEU A 197 3.82 -14.32 -2.21
C LEU A 197 2.61 -14.95 -1.50
N ASP A 198 2.33 -16.24 -1.77
CA ASP A 198 1.26 -17.00 -1.13
C ASP A 198 1.50 -17.07 0.37
N GLU A 199 2.75 -17.31 0.79
CA GLU A 199 3.09 -17.34 2.21
C GLU A 199 2.90 -15.96 2.82
N VAL A 200 3.28 -14.88 2.09
CA VAL A 200 3.13 -13.49 2.55
C VAL A 200 1.65 -13.14 2.80
N ALA A 201 0.74 -13.72 2.02
CA ALA A 201 -0.70 -13.51 2.19
C ALA A 201 -1.19 -14.14 3.48
N GLU A 202 -0.63 -15.31 3.84
CA GLU A 202 -0.98 -16.05 5.05
C GLU A 202 -0.48 -15.35 6.28
N ASP A 203 0.74 -14.81 6.24
CA ASP A 203 1.29 -14.06 7.37
C ASP A 203 0.45 -12.80 7.60
N MET A 204 0.14 -12.05 6.53
CA MET A 204 -0.67 -10.84 6.56
C MET A 204 -2.05 -11.09 7.15
N GLY A 205 -2.63 -12.25 6.84
CA GLY A 205 -3.94 -12.66 7.34
C GLY A 205 -3.99 -13.06 8.80
N LYS A 206 -2.89 -12.85 9.53
CA LYS A 206 -2.76 -13.06 10.97
C LYS A 206 -2.54 -11.70 11.68
N CYS A 207 -2.19 -10.62 10.94
CA CYS A 207 -2.05 -9.27 11.48
C CYS A 207 -3.45 -8.80 11.88
N HIS A 208 -3.52 -8.16 13.03
CA HIS A 208 -4.80 -7.73 13.55
C HIS A 208 -5.15 -6.33 13.07
N LEU A 209 -4.15 -5.44 13.04
CA LEU A 209 -4.31 -4.06 12.58
C LEU A 209 -5.15 -3.91 11.29
N THR A 210 -4.87 -4.75 10.25
CA THR A 210 -5.55 -4.67 8.96
C THR A 210 -6.32 -5.94 8.57
N LYS A 211 -7.31 -6.29 9.37
CA LYS A 211 -8.17 -7.43 9.09
C LYS A 211 -9.43 -6.85 8.50
N GLY A 212 -9.84 -7.36 7.34
CA GLY A 212 -11.01 -6.87 6.64
C GLY A 212 -10.80 -5.56 5.90
N LYS A 213 -9.59 -4.99 5.99
CA LYS A 213 -9.23 -3.76 5.31
C LYS A 213 -8.06 -3.94 4.33
N GLN A 214 -7.14 -4.88 4.62
CA GLN A 214 -6.00 -5.14 3.75
C GLN A 214 -5.61 -6.64 3.63
N ALA A 215 -5.76 -7.18 2.41
CA ALA A 215 -5.35 -8.54 2.08
C ALA A 215 -4.48 -8.50 0.80
N LEU A 216 -3.44 -9.32 0.75
CA LEU A 216 -2.53 -9.34 -0.39
C LEU A 216 -3.17 -10.00 -1.61
N GLU A 217 -3.18 -9.33 -2.76
CA GLU A 217 -3.72 -9.90 -3.99
C GLU A 217 -2.57 -10.36 -4.89
N ILE A 218 -2.59 -11.61 -5.34
CA ILE A 218 -1.58 -12.14 -6.25
C ILE A 218 -2.24 -12.47 -7.57
N ARG A 219 -1.74 -11.93 -8.68
CA ARG A 219 -2.26 -12.28 -9.99
C ARG A 219 -1.11 -12.83 -10.81
N SER A 220 -1.13 -14.13 -11.15
CA SER A 220 -0.02 -14.74 -11.86
C SER A 220 -0.43 -15.52 -13.09
N SER A 221 0.48 -15.52 -14.08
CA SER A 221 0.39 -16.32 -15.29
C SER A 221 1.56 -17.34 -15.38
N LEU A 222 2.60 -17.17 -14.53
CA LEU A 222 3.84 -17.94 -14.38
C LEU A 222 3.69 -19.46 -14.32
N SER A 223 4.22 -20.13 -15.35
CA SER A 223 4.22 -21.57 -15.52
C SER A 223 5.52 -22.18 -14.99
N GLU A 224 6.67 -21.64 -15.38
CA GLU A 224 7.97 -22.17 -14.93
C GLU A 224 8.21 -21.90 -13.45
N LYS A 225 8.97 -22.78 -12.80
CA LYS A 225 9.32 -22.64 -11.39
C LYS A 225 10.43 -21.61 -11.25
N ARG A 226 10.08 -20.33 -11.35
CA ARG A 226 11.06 -19.26 -11.21
C ARG A 226 11.02 -18.63 -9.82
N ALA A 227 12.17 -18.11 -9.36
CA ALA A 227 12.33 -17.52 -8.04
C ALA A 227 13.37 -16.40 -8.07
N LEU A 228 13.25 -15.42 -7.16
CA LEU A 228 14.22 -14.32 -7.11
C LEU A 228 15.64 -14.82 -6.78
N THR A 229 15.77 -16.03 -6.19
CA THR A 229 17.04 -16.68 -5.85
C THR A 229 17.75 -17.34 -7.04
N ASP A 230 17.07 -17.48 -8.20
CA ASP A 230 17.65 -18.13 -9.38
C ASP A 230 18.97 -17.54 -9.81
N PRO A 231 19.96 -18.38 -10.13
CA PRO A 231 21.28 -17.86 -10.48
C PRO A 231 21.41 -17.23 -11.87
N ILE A 232 22.47 -16.48 -12.09
CA ILE A 232 22.79 -15.83 -13.36
C ILE A 232 23.82 -16.71 -14.11
N GLN A 233 23.57 -17.02 -15.40
CA GLN A 233 24.48 -17.89 -16.16
C GLN A 233 25.73 -17.12 -16.74
N GLY A 234 26.70 -17.88 -17.27
CA GLY A 234 27.92 -17.38 -17.90
C GLY A 234 28.76 -16.46 -17.04
N VAL A 243 27.40 -3.41 -21.09
CA VAL A 243 26.48 -2.35 -21.54
C VAL A 243 25.39 -2.09 -20.50
N ARG A 244 24.77 -3.14 -19.98
CA ARG A 244 23.77 -3.01 -18.92
C ARG A 244 24.51 -2.67 -17.62
N ASN A 245 25.61 -3.40 -17.34
CA ASN A 245 26.41 -3.17 -16.15
C ASN A 245 27.15 -1.84 -16.22
N LEU A 246 27.52 -1.38 -17.43
CA LEU A 246 28.23 -0.12 -17.61
C LEU A 246 27.32 1.07 -17.31
N GLN A 247 26.08 1.05 -17.84
CA GLN A 247 25.12 2.12 -17.62
C GLN A 247 24.62 2.16 -16.18
N TRP A 248 24.50 0.99 -15.56
CA TRP A 248 24.05 0.87 -14.17
C TRP A 248 25.16 1.31 -13.21
N ALA A 249 26.44 1.09 -13.55
CA ALA A 249 27.54 1.51 -12.69
C ALA A 249 27.72 3.03 -12.71
N LYS A 250 27.38 3.69 -13.83
CA LYS A 250 27.47 5.15 -13.99
C LYS A 250 26.52 5.89 -13.04
N ALA A 251 25.35 5.29 -12.74
CA ALA A 251 24.39 5.87 -11.82
C ALA A 251 24.67 5.56 -10.32
N HIS A 252 25.80 4.88 -10.01
CA HIS A 252 26.11 4.52 -8.63
C HIS A 252 27.53 4.87 -8.24
N GLU A 253 27.98 6.02 -8.70
CA GLU A 253 29.31 6.49 -8.39
C GLU A 253 29.20 7.59 -7.33
N LEU A 254 30.00 7.49 -6.28
CA LEU A 254 30.01 8.49 -5.21
C LEU A 254 31.30 9.27 -5.27
N PRO A 255 31.27 10.58 -4.94
CA PRO A 255 32.53 11.36 -4.90
C PRO A 255 33.48 10.80 -3.86
N GLU A 256 34.77 10.78 -4.17
CA GLU A 256 35.77 10.25 -3.24
C GLU A 256 36.05 11.20 -2.09
N SER A 257 36.45 10.62 -0.94
CA SER A 257 36.75 11.32 0.28
C SER A 257 37.81 12.38 0.05
N MET A 258 37.57 13.60 0.50
CA MET A 258 38.53 14.68 0.30
C MET A 258 39.02 15.31 1.62
N CYS A 259 40.00 16.24 1.55
CA CYS A 259 40.55 16.93 2.72
C CYS A 259 40.54 18.42 2.47
N LEU A 260 39.87 19.16 3.34
CA LEU A 260 39.81 20.60 3.23
C LEU A 260 40.76 21.29 4.17
N LYS A 261 41.98 21.59 3.69
CA LYS A 261 42.99 22.29 4.48
C LYS A 261 42.65 23.78 4.44
N PHE A 262 42.51 24.41 5.60
CA PHE A 262 42.12 25.82 5.70
C PHE A 262 43.30 26.77 5.95
N ASP A 263 43.08 28.08 5.72
CA ASP A 263 44.09 29.10 5.94
C ASP A 263 44.65 29.06 7.37
N CYS A 264 43.78 29.02 8.40
CA CYS A 264 44.25 28.95 9.79
C CYS A 264 44.85 27.59 10.19
N GLY A 265 45.07 26.70 9.23
CA GLY A 265 45.67 25.40 9.48
C GLY A 265 44.70 24.29 9.88
N VAL A 266 43.39 24.50 9.70
CA VAL A 266 42.37 23.50 10.05
C VAL A 266 42.12 22.45 8.94
N GLN A 267 42.34 21.17 9.25
CA GLN A 267 42.10 20.10 8.28
C GLN A 267 40.76 19.42 8.49
N ILE A 268 39.84 19.59 7.54
CA ILE A 268 38.53 18.95 7.59
C ILE A 268 38.48 17.72 6.66
N GLN A 269 37.63 16.77 6.99
CA GLN A 269 37.43 15.52 6.25
C GLN A 269 35.99 15.50 5.72
N LEU A 270 35.80 15.15 4.45
CA LEU A 270 34.48 15.07 3.83
C LEU A 270 34.25 13.67 3.34
N GLY A 271 33.28 13.00 3.92
CA GLY A 271 32.92 11.64 3.49
C GLY A 271 31.57 11.64 2.80
N PHE A 272 31.33 10.64 1.95
CA PHE A 272 30.06 10.55 1.23
C PHE A 272 29.49 9.14 1.30
N ALA A 273 28.16 9.03 1.41
CA ALA A 273 27.52 7.72 1.49
C ALA A 273 26.29 7.67 0.61
N ALA A 274 25.99 6.48 0.07
CA ALA A 274 24.85 6.32 -0.80
C ALA A 274 23.72 5.70 -0.01
N GLU A 275 22.69 6.49 0.27
CA GLU A 275 21.52 6.03 1.01
C GLU A 275 20.50 5.42 -0.01
N PHE A 276 20.14 6.21 -1.02
CA PHE A 276 19.28 5.85 -2.14
C PHE A 276 19.98 6.23 -3.44
N SER A 277 19.48 5.76 -4.59
CA SER A 277 20.08 6.16 -5.87
C SER A 277 20.00 7.67 -6.10
N ASN A 278 19.06 8.38 -5.45
CA ASN A 278 19.00 9.83 -5.56
C ASN A 278 19.22 10.56 -4.21
N VAL A 279 19.67 9.83 -3.19
CA VAL A 279 19.93 10.34 -1.85
C VAL A 279 21.37 10.00 -1.42
N MET A 280 22.16 11.03 -1.13
CA MET A 280 23.55 10.91 -0.71
C MET A 280 23.72 11.68 0.59
N ILE A 281 24.50 11.12 1.53
CA ILE A 281 24.81 11.72 2.83
C ILE A 281 26.24 12.24 2.80
N ILE A 282 26.47 13.46 3.30
CA ILE A 282 27.81 14.01 3.43
C ILE A 282 28.13 14.13 4.93
N TYR A 283 29.35 13.76 5.35
CA TYR A 283 29.72 13.81 6.75
C TYR A 283 31.08 14.49 6.99
N THR A 284 31.08 15.65 7.67
CA THR A 284 32.27 16.45 7.97
C THR A 284 32.94 16.18 9.34
N SER A 285 34.22 15.75 9.34
CA SER A 285 34.97 15.53 10.58
C SER A 285 36.24 16.42 10.68
N ILE A 286 36.46 17.07 11.84
CA ILE A 286 37.66 17.89 12.05
C ILE A 286 38.80 16.93 12.39
N VAL A 287 39.73 16.72 11.42
CA VAL A 287 40.85 15.79 11.59
C VAL A 287 42.09 16.48 12.18
N TYR A 288 42.25 17.80 11.93
CA TYR A 288 43.31 18.56 12.58
C TYR A 288 42.79 19.90 13.09
N LYS A 289 43.07 20.15 14.37
CA LYS A 289 42.69 21.37 15.06
C LYS A 289 43.94 22.01 15.69
N PRO A 290 44.41 23.19 15.18
CA PRO A 290 45.56 23.86 15.82
C PRO A 290 45.32 24.12 17.32
N PRO A 291 46.39 24.10 18.13
CA PRO A 291 46.20 24.23 19.60
C PRO A 291 45.71 25.59 20.09
N GLU A 292 45.79 26.62 19.25
CA GLU A 292 45.28 27.94 19.63
C GLU A 292 43.82 28.17 19.21
N ILE A 293 43.16 27.16 18.61
CA ILE A 293 41.77 27.30 18.21
C ILE A 293 40.97 26.67 19.33
N ILE A 294 40.44 27.51 20.23
CA ILE A 294 39.65 27.11 21.41
C ILE A 294 38.19 26.74 21.10
N MET A 295 37.69 27.17 19.94
CA MET A 295 36.32 26.93 19.49
C MET A 295 36.32 26.88 17.97
N CYS A 296 35.69 25.86 17.36
CA CYS A 296 35.55 25.80 15.90
C CYS A 296 34.42 24.89 15.50
N ASP A 297 33.68 25.32 14.48
CA ASP A 297 32.54 24.57 14.00
C ASP A 297 32.69 24.29 12.51
N ALA A 298 32.44 23.04 12.13
CA ALA A 298 32.51 22.53 10.76
C ALA A 298 31.13 22.59 10.09
N TYR A 299 30.75 23.76 9.56
CA TYR A 299 29.47 23.92 8.87
C TYR A 299 29.59 23.58 7.38
N VAL A 300 28.44 23.31 6.72
CA VAL A 300 28.37 23.04 5.29
C VAL A 300 27.12 23.81 4.78
N THR A 301 27.34 24.96 4.15
CA THR A 301 26.26 25.86 3.71
C THR A 301 26.16 26.00 2.17
N ASP A 302 25.15 26.76 1.68
CA ASP A 302 24.94 27.08 0.26
C ASP A 302 24.94 25.88 -0.67
N PHE A 303 23.79 25.24 -0.77
CA PHE A 303 23.61 24.10 -1.68
C PHE A 303 22.74 24.56 -2.86
N PRO A 304 22.76 23.85 -4.02
CA PRO A 304 21.93 24.28 -5.16
C PRO A 304 20.46 24.40 -4.77
N LEU A 305 19.80 25.47 -5.21
CA LEU A 305 18.39 25.70 -4.87
C LEU A 305 17.48 24.63 -5.45
N ASP A 306 17.85 24.06 -6.62
CA ASP A 306 17.13 23.01 -7.34
C ASP A 306 17.06 21.69 -6.53
N LEU A 307 18.01 21.46 -5.61
CA LEU A 307 18.01 20.29 -4.74
C LEU A 307 16.92 20.46 -3.68
N ASP A 308 16.83 21.68 -3.09
CA ASP A 308 15.92 22.08 -2.02
C ASP A 308 16.38 21.50 -0.67
N ILE A 309 17.39 22.16 -0.06
CA ILE A 309 17.94 21.73 1.22
C ILE A 309 17.59 22.73 2.32
N ASP A 310 16.72 22.32 3.26
CA ASP A 310 16.35 23.21 4.37
C ASP A 310 17.47 23.24 5.41
N PRO A 311 17.99 24.43 5.74
CA PRO A 311 19.09 24.52 6.72
C PRO A 311 18.74 24.02 8.13
N LYS A 312 17.43 23.95 8.44
CA LYS A 312 17.00 23.42 9.73
C LYS A 312 17.27 21.91 9.83
N ASP A 313 17.37 21.21 8.67
CA ASP A 313 17.62 19.76 8.55
C ASP A 313 19.11 19.42 8.30
N ALA A 314 19.96 20.43 8.04
CA ALA A 314 21.39 20.25 7.74
C ALA A 314 22.31 20.29 8.94
N ASN A 315 23.43 19.56 8.86
CA ASN A 315 24.47 19.48 9.89
C ASN A 315 23.97 18.93 11.23
N LYS A 316 23.62 17.63 11.29
CA LYS A 316 23.15 17.02 12.54
C LYS A 316 24.21 16.13 13.16
N GLY A 317 24.16 15.96 14.47
CA GLY A 317 25.15 15.17 15.19
C GLY A 317 25.21 13.70 14.82
N THR A 318 24.06 13.14 14.42
CA THR A 318 23.87 11.75 14.03
C THR A 318 23.09 11.64 12.69
N PRO A 319 23.31 10.59 11.88
CA PRO A 319 22.57 10.47 10.60
C PRO A 319 21.06 10.39 10.78
N GLU A 320 20.61 9.85 11.90
CA GLU A 320 19.22 9.65 12.23
C GLU A 320 18.40 10.93 12.22
N GLU A 321 18.97 12.07 12.67
CA GLU A 321 18.22 13.34 12.72
C GLU A 321 18.20 14.11 11.38
N THR A 322 18.55 13.43 10.28
CA THR A 322 18.48 13.96 8.91
C THR A 322 17.50 13.14 8.05
N GLY A 323 17.17 11.92 8.50
CA GLY A 323 16.33 10.96 7.81
C GLY A 323 17.12 9.76 7.29
N SER A 324 18.37 9.60 7.73
CA SER A 324 19.27 8.56 7.24
C SER A 324 19.31 7.24 8.06
N TYR A 325 19.82 6.18 7.41
CA TYR A 325 20.01 4.83 7.90
C TYR A 325 21.50 4.40 7.89
N LEU A 326 22.44 5.37 7.87
CA LEU A 326 23.90 5.13 7.86
C LEU A 326 24.39 4.46 9.15
N VAL A 327 25.48 3.68 9.03
CA VAL A 327 26.16 2.95 10.11
C VAL A 327 26.82 3.93 11.13
N LYS A 333 33.60 9.63 13.56
CA LYS A 333 33.56 10.10 14.94
C LYS A 333 33.50 11.63 15.03
N HIS A 334 32.51 12.17 15.79
CA HIS A 334 32.31 13.62 15.98
C HIS A 334 32.07 14.36 14.65
N CYS A 335 31.29 13.75 13.75
CA CYS A 335 30.99 14.39 12.47
C CYS A 335 29.54 14.90 12.38
N LEU A 336 29.29 15.79 11.43
CA LEU A 336 27.95 16.31 11.19
C LEU A 336 27.44 15.75 9.87
N TYR A 337 26.20 15.30 9.88
CA TYR A 337 25.59 14.68 8.72
C TYR A 337 24.65 15.65 8.01
N THR A 338 24.64 15.57 6.70
CA THR A 338 23.74 16.34 5.85
C THR A 338 23.20 15.37 4.82
N ARG A 339 21.88 15.29 4.69
CA ARG A 339 21.23 14.39 3.74
C ARG A 339 20.80 15.15 2.52
N LEU A 340 21.47 14.91 1.41
CA LEU A 340 21.16 15.56 0.13
C LEU A 340 20.26 14.71 -0.75
N SER A 341 18.96 14.96 -0.69
CA SER A 341 17.97 14.26 -1.50
C SER A 341 17.77 15.01 -2.85
N SER A 342 16.96 14.42 -3.77
CA SER A 342 16.64 14.98 -5.09
C SER A 342 17.87 15.22 -5.97
N LEU A 343 18.89 14.33 -5.91
CA LEU A 343 20.08 14.48 -6.76
C LEU A 343 19.72 14.55 -8.25
N GLN A 344 18.62 13.90 -8.66
CA GLN A 344 18.10 13.89 -10.03
C GLN A 344 17.59 15.27 -10.50
N LYS A 345 17.37 16.22 -9.57
CA LYS A 345 16.92 17.58 -9.90
C LYS A 345 18.09 18.54 -10.17
N LEU A 346 19.34 18.04 -10.22
CA LEU A 346 20.53 18.86 -10.42
C LEU A 346 20.72 19.27 -11.87
N LYS A 347 20.87 20.57 -12.12
CA LYS A 347 21.06 21.08 -13.47
C LYS A 347 22.57 21.24 -13.72
N GLU A 348 23.25 21.90 -12.77
CA GLU A 348 24.70 22.15 -12.82
C GLU A 348 25.47 21.12 -11.95
N HIS A 349 26.74 21.41 -11.61
CA HIS A 349 27.54 20.51 -10.80
C HIS A 349 27.32 20.83 -9.31
N LEU A 350 27.51 19.82 -8.45
CA LEU A 350 27.28 19.96 -7.03
C LEU A 350 28.39 20.73 -6.35
N VAL A 351 28.13 22.02 -6.20
CA VAL A 351 29.04 22.92 -5.54
C VAL A 351 28.37 23.42 -4.25
N PHE A 352 29.16 23.48 -3.17
CA PHE A 352 28.68 23.93 -1.87
C PHE A 352 29.83 24.54 -1.04
N THR A 353 29.47 25.31 -0.01
CA THR A 353 30.45 25.96 0.85
C THR A 353 30.68 25.18 2.14
N VAL A 354 31.94 25.04 2.56
CA VAL A 354 32.25 24.43 3.84
C VAL A 354 32.72 25.61 4.71
N CYS A 355 31.86 26.06 5.65
CA CYS A 355 32.12 27.19 6.52
C CYS A 355 32.94 26.85 7.73
N LEU A 356 33.69 27.83 8.24
CA LEU A 356 34.46 27.66 9.46
C LEU A 356 34.23 28.85 10.39
N SER A 357 33.67 28.57 11.58
CA SER A 357 33.42 29.56 12.61
C SER A 357 34.39 29.23 13.73
N TYR A 358 35.56 29.89 13.76
CA TYR A 358 36.61 29.60 14.74
C TYR A 358 36.91 30.78 15.67
N GLN A 359 37.61 30.50 16.78
CA GLN A 359 37.99 31.50 17.78
C GLN A 359 39.39 31.15 18.33
N TYR A 360 40.14 32.17 18.73
CA TYR A 360 41.49 31.98 19.21
C TYR A 360 41.65 32.10 20.72
N SER A 361 42.72 31.50 21.27
CA SER A 361 43.06 31.60 22.68
C SER A 361 43.66 32.98 22.88
N GLY A 362 42.80 33.94 23.14
CA GLY A 362 43.20 35.33 23.27
C GLY A 362 42.20 36.26 22.62
N LEU A 363 42.02 36.15 21.29
CA LEU A 363 41.08 36.98 20.54
C LEU A 363 39.66 36.89 21.11
N GLU A 364 38.88 37.99 20.99
CA GLU A 364 37.53 38.04 21.56
C GLU A 364 36.41 37.62 20.59
N ASP A 365 36.41 38.14 19.36
CA ASP A 365 35.38 37.83 18.37
C ASP A 365 35.72 36.56 17.58
N THR A 366 34.69 35.92 16.97
CA THR A 366 34.89 34.72 16.15
C THR A 366 35.25 35.12 14.71
N VAL A 367 35.96 34.24 13.99
CA VAL A 367 36.42 34.49 12.62
C VAL A 367 35.68 33.61 11.59
N GLU A 368 35.35 34.17 10.41
CA GLU A 368 34.65 33.42 9.35
C GLU A 368 35.60 33.01 8.22
N ASP A 369 35.51 31.76 7.76
CA ASP A 369 36.35 31.23 6.69
C ASP A 369 35.58 30.26 5.77
N LYS A 370 35.32 30.69 4.53
CA LYS A 370 34.61 29.88 3.54
C LYS A 370 35.57 29.10 2.64
N GLN A 371 35.02 28.18 1.82
CA GLN A 371 35.75 27.35 0.87
C GLN A 371 34.70 26.64 0.01
N GLU A 372 34.91 26.61 -1.32
CA GLU A 372 33.96 25.95 -2.20
C GLU A 372 34.40 24.55 -2.65
N VAL A 373 33.48 23.60 -2.57
CA VAL A 373 33.73 22.20 -2.91
C VAL A 373 32.90 21.73 -4.12
N ASN A 374 33.56 21.21 -5.17
CA ASN A 374 32.82 20.69 -6.32
C ASN A 374 32.90 19.16 -6.35
N VAL A 375 31.75 18.49 -6.18
CA VAL A 375 31.72 17.03 -6.25
C VAL A 375 31.12 16.47 -7.59
N GLY A 376 30.66 17.39 -8.47
CA GLY A 376 30.15 17.03 -9.78
C GLY A 376 28.71 16.58 -9.79
N LYS A 377 28.45 15.41 -10.37
CA LYS A 377 27.10 14.89 -10.47
C LYS A 377 27.04 13.51 -9.83
N PRO A 378 26.80 13.47 -8.51
CA PRO A 378 26.84 12.18 -7.80
C PRO A 378 25.62 11.28 -7.96
N LEU A 379 25.86 9.96 -7.93
CA LEU A 379 24.85 8.91 -8.05
C LEU A 379 23.99 9.10 -9.33
N ILE A 380 22.64 9.26 -9.25
CA ILE A 380 21.76 9.42 -10.41
C ILE A 380 21.89 10.80 -11.13
N ALA A 381 22.54 11.78 -10.46
CA ALA A 381 22.73 13.09 -11.07
C ALA A 381 23.60 13.03 -12.35
N LYS A 382 24.36 11.93 -12.55
CA LYS A 382 25.17 11.69 -13.74
C LYS A 382 24.31 11.44 -15.01
N LEU A 383 23.00 11.22 -14.85
CA LEU A 383 22.10 10.99 -15.97
C LEU A 383 21.38 12.30 -16.26
N ASP A 384 22.15 13.37 -16.42
CA ASP A 384 21.73 14.76 -16.68
C ASP A 384 20.49 14.95 -17.62
N MET A 385 19.29 15.03 -17.01
CA MET A 385 18.04 15.24 -17.73
C MET A 385 17.30 16.49 -17.23
N PRO B 6 21.01 -22.51 41.47
CA PRO B 6 20.09 -22.40 42.61
C PRO B 6 18.83 -23.24 42.46
N LEU B 7 18.11 -23.48 43.57
CA LEU B 7 16.91 -24.32 43.53
C LEU B 7 15.68 -23.66 44.23
N ALA B 8 14.52 -24.34 44.19
CA ALA B 8 13.29 -23.86 44.85
C ALA B 8 12.61 -25.02 45.54
N LYS B 9 12.11 -24.83 46.77
CA LYS B 9 11.37 -25.89 47.49
C LYS B 9 10.08 -26.32 46.76
N ASP B 10 9.58 -25.46 45.82
CA ASP B 10 8.41 -25.62 44.95
C ASP B 10 8.15 -24.29 44.19
N LYS B 11 7.64 -24.37 42.95
CA LYS B 11 7.35 -23.18 42.15
C LYS B 11 5.84 -23.04 41.92
N VAL B 12 5.20 -21.99 42.47
CA VAL B 12 3.74 -21.83 42.34
C VAL B 12 3.32 -20.49 41.72
N ALA B 13 2.19 -20.47 41.01
CA ALA B 13 1.72 -19.26 40.35
C ALA B 13 0.20 -19.09 40.33
N LEU B 14 -0.27 -17.89 40.69
CA LEU B 14 -1.69 -17.53 40.65
C LEU B 14 -1.85 -16.44 39.58
N LEU B 15 -2.62 -16.74 38.54
CA LEU B 15 -2.83 -15.85 37.40
C LEU B 15 -4.29 -15.46 37.33
N ILE B 16 -4.61 -14.15 37.35
CA ILE B 16 -6.00 -13.71 37.26
C ILE B 16 -6.15 -12.69 36.14
N GLY B 17 -7.17 -12.88 35.30
CA GLY B 17 -7.49 -12.00 34.20
C GLY B 17 -8.94 -11.54 34.29
N ASN B 18 -9.20 -10.28 34.67
CA ASN B 18 -10.57 -9.77 34.78
C ASN B 18 -10.97 -9.01 33.52
N MET B 19 -12.07 -9.41 32.88
CA MET B 19 -12.55 -8.83 31.63
C MET B 19 -13.97 -8.31 31.73
N ASN B 20 -14.91 -9.13 32.18
CA ASN B 20 -16.32 -8.81 32.26
C ASN B 20 -16.69 -7.88 33.42
N TYR B 21 -16.29 -6.62 33.32
CA TYR B 21 -16.59 -5.64 34.35
C TYR B 21 -18.06 -5.29 34.37
N ARG B 22 -18.55 -4.82 35.52
CA ARG B 22 -19.95 -4.48 35.65
C ARG B 22 -20.19 -3.02 35.30
N GLU B 23 -19.72 -2.09 36.15
CA GLU B 23 -19.89 -0.66 35.86
C GLU B 23 -18.65 -0.02 35.24
N HIS B 24 -17.76 -0.84 34.66
CA HIS B 24 -16.51 -0.39 34.04
C HIS B 24 -16.33 -1.01 32.65
N PRO B 25 -15.49 -0.41 31.78
CA PRO B 25 -15.34 -0.96 30.42
C PRO B 25 -14.72 -2.35 30.40
N LYS B 26 -15.26 -3.22 29.56
CA LYS B 26 -14.79 -4.59 29.46
C LYS B 26 -13.42 -4.71 28.77
N LEU B 27 -12.74 -5.84 28.95
CA LEU B 27 -11.44 -6.12 28.33
C LEU B 27 -11.51 -7.45 27.59
N LYS B 28 -10.67 -7.69 26.57
CA LYS B 28 -10.70 -8.97 25.84
C LYS B 28 -9.45 -9.80 26.02
N ALA B 29 -8.31 -9.13 25.96
CA ALA B 29 -6.97 -9.73 26.04
C ALA B 29 -6.65 -10.55 27.29
N PRO B 30 -7.05 -10.17 28.54
CA PRO B 30 -6.72 -11.03 29.69
C PRO B 30 -6.94 -12.54 29.51
N LEU B 31 -7.97 -12.96 28.74
CA LEU B 31 -8.25 -14.38 28.42
C LEU B 31 -7.01 -14.99 27.74
N VAL B 32 -6.59 -14.42 26.60
CA VAL B 32 -5.42 -14.88 25.87
C VAL B 32 -4.16 -14.76 26.72
N ASP B 33 -3.94 -13.60 27.32
CA ASP B 33 -2.79 -13.31 28.18
C ASP B 33 -2.59 -14.38 29.26
N VAL B 34 -3.63 -14.69 30.05
CA VAL B 34 -3.57 -15.68 31.10
C VAL B 34 -3.45 -17.10 30.51
N TYR B 35 -4.15 -17.43 29.41
CA TYR B 35 -4.00 -18.77 28.79
C TYR B 35 -2.57 -19.01 28.34
N GLU B 36 -1.98 -18.02 27.63
CA GLU B 36 -0.62 -18.05 27.09
C GLU B 36 0.45 -18.12 28.16
N LEU B 37 0.27 -17.33 29.23
CA LEU B 37 1.25 -17.31 30.31
C LEU B 37 1.20 -18.57 31.13
N THR B 38 -0.03 -19.12 31.37
CA THR B 38 -0.27 -20.37 32.11
C THR B 38 0.55 -21.49 31.52
N ASN B 39 0.50 -21.67 30.19
CA ASN B 39 1.25 -22.71 29.48
C ASN B 39 2.74 -22.50 29.60
N LEU B 40 3.22 -21.25 29.50
CA LEU B 40 4.65 -20.97 29.62
C LEU B 40 5.14 -21.33 31.00
N LEU B 41 4.41 -20.93 32.07
CA LEU B 41 4.81 -21.24 33.44
C LEU B 41 4.76 -22.73 33.67
N ARG B 42 3.72 -23.42 33.15
CA ARG B 42 3.59 -24.89 33.22
C ARG B 42 4.87 -25.58 32.69
N GLN B 43 5.39 -25.11 31.53
CA GLN B 43 6.62 -25.61 30.91
C GLN B 43 7.84 -25.44 31.83
N LEU B 44 7.83 -24.39 32.65
CA LEU B 44 8.89 -24.15 33.60
C LEU B 44 8.71 -24.95 34.91
N ASP B 45 7.83 -25.96 34.94
CA ASP B 45 7.56 -26.83 36.08
C ASP B 45 6.80 -26.13 37.24
N PHE B 46 6.12 -25.02 36.95
CA PHE B 46 5.33 -24.23 37.92
C PHE B 46 3.93 -24.81 38.05
N LYS B 47 3.41 -24.96 39.28
CA LYS B 47 2.03 -25.39 39.46
C LYS B 47 1.18 -24.13 39.32
N VAL B 48 0.50 -23.98 38.17
CA VAL B 48 -0.31 -22.79 37.89
C VAL B 48 -1.78 -22.98 38.26
N VAL B 49 -2.44 -21.89 38.64
CA VAL B 49 -3.86 -21.76 38.89
C VAL B 49 -4.25 -20.44 38.16
N SER B 50 -5.12 -20.55 37.17
CA SER B 50 -5.52 -19.41 36.37
C SER B 50 -7.02 -19.21 36.42
N LEU B 51 -7.45 -18.06 36.93
CA LEU B 51 -8.86 -17.73 37.08
C LEU B 51 -9.27 -16.47 36.25
N LEU B 52 -10.50 -16.44 35.73
CA LEU B 52 -10.99 -15.32 34.95
C LEU B 52 -12.21 -14.69 35.60
N ASP B 53 -12.36 -13.37 35.45
CA ASP B 53 -13.52 -12.62 35.92
C ASP B 53 -13.88 -12.89 37.39
N LEU B 54 -12.92 -12.69 38.31
CA LEU B 54 -13.22 -12.90 39.72
C LEU B 54 -13.75 -11.61 40.37
N THR B 55 -14.62 -11.78 41.36
CA THR B 55 -15.18 -10.64 42.08
C THR B 55 -14.27 -10.31 43.29
N GLU B 56 -14.64 -9.35 44.15
CA GLU B 56 -13.83 -8.96 45.30
C GLU B 56 -13.69 -10.18 46.22
N TYR B 57 -14.81 -10.75 46.67
CA TYR B 57 -14.82 -11.95 47.52
C TYR B 57 -13.99 -13.11 46.91
N GLU B 58 -14.20 -13.42 45.63
CA GLU B 58 -13.49 -14.50 44.97
C GLU B 58 -11.99 -14.23 44.90
N MET B 59 -11.60 -13.01 44.53
CA MET B 59 -10.20 -12.63 44.40
C MET B 59 -9.49 -12.73 45.72
N ARG B 60 -10.11 -12.28 46.82
CA ARG B 60 -9.53 -12.37 48.15
C ARG B 60 -9.33 -13.83 48.52
N ASN B 61 -10.36 -14.68 48.38
CA ASN B 61 -10.24 -16.11 48.70
C ASN B 61 -9.11 -16.77 47.89
N ALA B 62 -8.97 -16.42 46.60
CA ALA B 62 -7.93 -16.94 45.71
C ALA B 62 -6.53 -16.49 46.12
N VAL B 63 -6.37 -15.21 46.45
CA VAL B 63 -5.08 -14.69 46.88
C VAL B 63 -4.68 -15.32 48.20
N ASP B 64 -5.56 -15.26 49.22
CA ASP B 64 -5.39 -15.84 50.55
C ASP B 64 -5.07 -17.32 50.52
N GLU B 65 -5.71 -18.09 49.63
CA GLU B 65 -5.40 -19.52 49.53
C GLU B 65 -4.06 -19.76 48.81
N PHE B 66 -3.63 -18.83 47.94
CA PHE B 66 -2.33 -18.89 47.28
C PHE B 66 -1.24 -18.64 48.32
N LEU B 67 -1.44 -17.59 49.15
CA LEU B 67 -0.54 -17.17 50.21
C LEU B 67 -0.21 -18.32 51.14
N LEU B 68 -1.22 -19.14 51.46
CA LEU B 68 -1.06 -20.29 52.35
C LEU B 68 -0.12 -21.34 51.79
N LEU B 69 -0.23 -21.65 50.50
CA LEU B 69 0.63 -22.65 49.87
C LEU B 69 2.11 -22.26 49.81
N LEU B 70 2.44 -20.98 50.08
CA LEU B 70 3.81 -20.48 50.07
C LEU B 70 4.53 -20.91 51.32
N ASP B 71 5.82 -21.17 51.19
CA ASP B 71 6.65 -21.57 52.32
C ASP B 71 8.13 -21.18 52.05
N LYS B 72 9.01 -21.33 53.05
CA LYS B 72 10.44 -21.05 52.91
C LYS B 72 11.03 -21.87 51.74
N GLY B 73 11.62 -21.18 50.79
CA GLY B 73 12.18 -21.81 49.61
C GLY B 73 11.29 -21.70 48.39
N VAL B 74 10.00 -21.48 48.59
CA VAL B 74 9.04 -21.43 47.49
C VAL B 74 9.15 -20.15 46.65
N TYR B 75 9.08 -20.32 45.32
CA TYR B 75 9.07 -19.27 44.31
C TYR B 75 7.60 -18.91 44.05
N GLY B 76 7.14 -17.78 44.56
CA GLY B 76 5.77 -17.31 44.36
C GLY B 76 5.70 -16.33 43.21
N LEU B 77 4.67 -16.44 42.37
CA LEU B 77 4.54 -15.60 41.18
C LEU B 77 3.06 -15.33 40.93
N LEU B 78 2.70 -14.06 40.89
CA LEU B 78 1.32 -13.67 40.70
C LEU B 78 1.25 -12.79 39.49
N TYR B 79 0.35 -13.11 38.55
CA TYR B 79 0.16 -12.29 37.38
C TYR B 79 -1.26 -11.79 37.35
N TYR B 80 -1.43 -10.47 37.23
CA TYR B 80 -2.75 -9.89 37.13
C TYR B 80 -2.91 -9.08 35.87
N ALA B 81 -3.93 -9.43 35.06
CA ALA B 81 -4.33 -8.74 33.83
C ALA B 81 -5.73 -8.16 34.05
N GLY B 82 -5.87 -6.84 34.01
CA GLY B 82 -7.18 -6.22 34.22
C GLY B 82 -7.12 -4.77 34.65
N HIS B 83 -8.22 -4.26 35.22
CA HIS B 83 -8.28 -2.88 35.68
C HIS B 83 -7.52 -2.70 36.95
N GLY B 84 -6.83 -1.57 37.07
CA GLY B 84 -6.07 -1.26 38.28
C GLY B 84 -5.68 0.19 38.43
N TYR B 85 -5.38 0.58 39.67
CA TYR B 85 -4.94 1.95 39.93
C TYR B 85 -3.76 2.00 40.90
N GLU B 86 -3.04 3.12 40.93
CA GLU B 86 -1.93 3.28 41.86
C GLU B 86 -2.00 4.63 42.57
N ASN B 87 -2.31 4.61 43.89
CA ASN B 87 -2.40 5.82 44.71
C ASN B 87 -1.34 5.79 45.81
N PHE B 88 -0.55 6.87 45.92
CA PHE B 88 0.49 7.01 46.95
C PHE B 88 1.42 5.80 47.05
N GLY B 89 1.88 5.30 45.91
CA GLY B 89 2.81 4.19 45.87
C GLY B 89 2.22 2.80 45.84
N ASN B 90 1.03 2.62 46.45
CA ASN B 90 0.42 1.30 46.43
C ASN B 90 -0.35 1.01 45.13
N SER B 91 -0.31 -0.26 44.71
CA SER B 91 -0.94 -0.78 43.51
C SER B 91 -2.24 -1.48 43.90
N PHE B 92 -3.33 -1.26 43.17
CA PHE B 92 -4.62 -1.88 43.49
C PHE B 92 -5.26 -2.56 42.31
N MET B 93 -5.58 -3.85 42.46
CA MET B 93 -6.20 -4.67 41.45
C MET B 93 -7.72 -4.60 41.58
N VAL B 94 -8.41 -4.17 40.54
CA VAL B 94 -9.86 -3.99 40.58
C VAL B 94 -10.68 -5.23 40.18
N PRO B 95 -11.54 -5.77 41.07
CA PRO B 95 -12.38 -6.91 40.70
C PRO B 95 -13.54 -6.55 39.78
N VAL B 96 -14.17 -7.55 39.12
CA VAL B 96 -15.24 -7.26 38.17
C VAL B 96 -16.49 -6.61 38.79
N ASP B 97 -16.78 -6.90 40.07
CA ASP B 97 -17.97 -6.34 40.70
C ASP B 97 -17.80 -4.93 41.27
N ALA B 98 -16.60 -4.34 41.17
CA ALA B 98 -16.37 -3.01 41.71
C ALA B 98 -17.35 -1.95 41.20
N PRO B 99 -17.87 -1.11 42.10
CA PRO B 99 -18.81 -0.08 41.68
C PRO B 99 -18.13 1.10 40.98
N ASN B 100 -18.91 1.94 40.30
CA ASN B 100 -18.37 3.14 39.67
C ASN B 100 -19.09 4.35 40.26
N PRO B 101 -18.44 5.15 41.11
CA PRO B 101 -17.02 5.09 41.51
C PRO B 101 -16.72 4.11 42.65
N TYR B 102 -15.43 3.90 42.94
CA TYR B 102 -14.99 2.96 43.96
C TYR B 102 -13.79 3.46 44.79
N ARG B 103 -13.50 2.75 45.89
CA ARG B 103 -12.42 3.02 46.83
C ARG B 103 -11.50 1.76 46.99
N SER B 104 -10.53 1.83 47.92
CA SER B 104 -9.62 0.73 48.22
C SER B 104 -10.34 -0.46 48.90
N GLU B 105 -11.46 -0.20 49.60
CA GLU B 105 -12.26 -1.23 50.25
C GLU B 105 -12.92 -2.21 49.25
N ASN B 106 -12.94 -1.86 47.96
CA ASN B 106 -13.50 -2.72 46.92
C ASN B 106 -12.44 -3.47 46.13
N CYS B 107 -11.16 -3.07 46.23
CA CYS B 107 -10.06 -3.66 45.46
C CYS B 107 -9.02 -4.37 46.36
N LEU B 108 -8.07 -5.12 45.74
CA LEU B 108 -7.00 -5.79 46.45
C LEU B 108 -5.71 -5.00 46.33
N CYS B 109 -5.02 -4.77 47.45
CA CYS B 109 -3.78 -4.00 47.45
C CYS B 109 -2.56 -4.88 47.32
N VAL B 110 -1.79 -4.69 46.26
CA VAL B 110 -0.60 -5.46 45.91
C VAL B 110 0.46 -5.45 47.00
N GLN B 111 0.55 -4.37 47.75
CA GLN B 111 1.54 -4.24 48.84
C GLN B 111 1.14 -5.03 50.08
N ASN B 112 -0.17 -5.27 50.28
CA ASN B 112 -0.63 -6.06 51.41
C ASN B 112 -0.27 -7.52 51.16
N ILE B 113 -0.50 -8.00 49.92
CA ILE B 113 -0.19 -9.36 49.47
C ILE B 113 1.30 -9.66 49.61
N LEU B 114 2.13 -8.65 49.41
CA LEU B 114 3.58 -8.74 49.53
C LEU B 114 3.97 -8.96 50.99
N LYS B 115 3.39 -8.17 51.92
CA LYS B 115 3.70 -8.28 53.35
C LYS B 115 3.38 -9.67 53.85
N LEU B 116 2.21 -10.20 53.46
CA LEU B 116 1.77 -11.55 53.81
C LEU B 116 2.67 -12.62 53.18
N MET B 117 3.13 -12.38 51.95
CA MET B 117 4.01 -13.29 51.21
C MET B 117 5.37 -13.45 51.87
N GLN B 118 5.87 -12.35 52.43
CA GLN B 118 7.17 -12.31 53.08
C GLN B 118 7.19 -13.10 54.38
N GLU B 119 6.08 -13.04 55.14
CA GLU B 119 5.95 -13.78 56.40
C GLU B 119 6.12 -15.29 56.22
N LYS B 120 5.93 -15.80 54.99
CA LYS B 120 6.09 -17.22 54.64
C LYS B 120 7.57 -17.59 54.28
N GLU B 121 8.51 -16.60 54.33
CA GLU B 121 9.95 -16.73 54.06
C GLU B 121 10.29 -17.32 52.69
N THR B 122 9.45 -17.04 51.69
CA THR B 122 9.59 -17.46 50.29
C THR B 122 10.98 -17.10 49.72
N GLY B 123 11.45 -17.87 48.76
CA GLY B 123 12.76 -17.63 48.16
C GLY B 123 12.75 -16.58 47.06
N LEU B 124 11.56 -16.33 46.46
CA LEU B 124 11.42 -15.36 45.36
C LEU B 124 9.95 -14.95 45.22
N ASN B 125 9.68 -13.65 45.10
CA ASN B 125 8.31 -13.16 44.96
C ASN B 125 8.23 -12.33 43.70
N VAL B 126 7.49 -12.82 42.73
CA VAL B 126 7.35 -12.11 41.47
C VAL B 126 5.91 -11.62 41.30
N PHE B 127 5.75 -10.37 40.88
CA PHE B 127 4.43 -9.80 40.66
C PHE B 127 4.43 -9.15 39.31
N LEU B 128 3.74 -9.75 38.37
CA LEU B 128 3.62 -9.18 37.04
C LEU B 128 2.26 -8.49 37.01
N LEU B 129 2.27 -7.16 36.97
CA LEU B 129 1.05 -6.39 37.00
C LEU B 129 0.73 -5.75 35.65
N ASP B 130 -0.03 -6.48 34.83
CA ASP B 130 -0.45 -6.05 33.51
C ASP B 130 -1.72 -5.21 33.66
N MET B 131 -1.56 -3.96 34.09
CA MET B 131 -2.68 -3.06 34.39
C MET B 131 -2.25 -1.59 34.41
N CYS B 132 -3.25 -0.66 34.35
CA CYS B 132 -3.05 0.79 34.45
C CYS B 132 -2.54 1.17 35.84
N ARG B 133 -1.84 2.31 35.92
CA ARG B 133 -1.31 2.79 37.19
C ARG B 133 -1.66 4.26 37.43
N LYS B 134 -2.81 4.74 36.92
CA LYS B 134 -3.26 6.11 37.12
C LYS B 134 -3.91 6.27 38.51
N ARG B 135 -4.03 7.52 38.99
CA ARG B 135 -4.67 7.84 40.25
C ARG B 135 -6.19 7.60 40.21
N ASN B 136 -6.73 7.12 41.32
CA ASN B 136 -8.16 7.01 41.50
C ASN B 136 -8.39 8.15 42.45
N ASP B 137 -8.84 9.30 41.92
CA ASP B 137 -9.04 10.49 42.73
C ASP B 137 -10.16 10.34 43.76
N TYR B 138 -11.14 9.49 43.48
CA TYR B 138 -12.24 9.21 44.40
C TYR B 138 -11.74 8.51 45.67
N ASP B 139 -10.71 7.66 45.55
CA ASP B 139 -10.15 6.94 46.70
C ASP B 139 -9.31 7.88 47.57
N ASP B 140 -9.87 8.31 48.70
CA ASP B 140 -9.18 9.25 49.60
C ASP B 140 -8.79 8.65 50.96
N THR B 141 -8.06 7.53 50.95
CA THR B 141 -7.63 6.89 52.18
C THR B 141 -6.10 6.76 52.29
N ILE B 142 -5.53 7.32 53.35
CA ILE B 142 -4.09 7.24 53.58
C ILE B 142 -3.83 5.90 54.25
N PRO B 143 -3.03 5.02 53.62
CA PRO B 143 -2.82 3.68 54.19
C PRO B 143 -1.64 3.52 55.16
N ILE B 144 -1.91 3.00 56.36
CA ILE B 144 -0.85 2.78 57.34
C ILE B 144 -0.28 1.36 57.17
N LEU B 145 0.60 1.19 56.17
CA LEU B 145 1.21 -0.11 55.91
C LEU B 145 2.58 -0.17 56.60
N ASP B 146 2.90 -1.32 57.21
CA ASP B 146 4.16 -1.53 57.91
C ASP B 146 5.34 -1.61 56.95
N ALA B 147 6.55 -1.30 57.44
CA ALA B 147 7.74 -1.36 56.61
C ALA B 147 8.09 -2.83 56.34
N LEU B 148 8.08 -3.21 55.06
CA LEU B 148 8.38 -4.55 54.58
C LEU B 148 9.75 -5.01 55.07
N LYS B 149 9.88 -6.29 55.41
CA LYS B 149 11.16 -6.85 55.87
C LYS B 149 12.17 -6.93 54.72
N VAL B 150 13.44 -6.56 54.97
CA VAL B 150 14.47 -6.64 53.94
C VAL B 150 14.79 -8.10 53.67
N THR B 151 14.29 -8.61 52.56
CA THR B 151 14.46 -10.00 52.19
C THR B 151 15.31 -10.18 50.91
N ALA B 152 15.46 -9.12 50.07
CA ALA B 152 16.24 -9.15 48.82
C ALA B 152 15.83 -10.29 47.89
N ASN B 153 14.53 -10.38 47.63
CA ASN B 153 13.95 -11.41 46.79
C ASN B 153 12.62 -10.95 46.13
N ILE B 154 12.39 -9.64 46.05
CA ILE B 154 11.18 -9.09 45.46
C ILE B 154 11.45 -8.55 44.07
N VAL B 155 10.75 -9.12 43.10
CA VAL B 155 10.83 -8.68 41.72
C VAL B 155 9.42 -8.33 41.25
N PHE B 156 9.30 -7.16 40.62
CA PHE B 156 8.06 -6.61 40.11
C PHE B 156 8.25 -6.30 38.64
N GLY B 157 7.30 -6.75 37.85
CA GLY B 157 7.25 -6.49 36.44
C GLY B 157 5.96 -5.77 36.16
N TYR B 158 6.01 -4.44 36.15
CA TYR B 158 4.84 -3.63 35.85
C TYR B 158 4.73 -3.44 34.34
N ALA B 159 3.56 -3.70 33.76
CA ALA B 159 3.38 -3.52 32.31
C ALA B 159 3.58 -2.08 31.86
N THR B 160 3.35 -1.12 32.74
CA THR B 160 3.52 0.28 32.44
C THR B 160 4.13 1.02 33.65
N CYS B 161 4.41 2.31 33.53
CA CYS B 161 4.99 3.09 34.60
C CYS B 161 3.91 3.80 35.47
N GLN B 162 4.35 4.56 36.50
CA GLN B 162 3.41 5.23 37.39
C GLN B 162 2.69 6.39 36.74
N GLY B 163 1.37 6.39 36.89
CA GLY B 163 0.50 7.40 36.29
C GLY B 163 0.16 7.14 34.83
N ALA B 164 0.69 6.04 34.27
CA ALA B 164 0.48 5.70 32.88
C ALA B 164 -0.49 4.51 32.74
N GLU B 165 -1.04 4.34 31.55
CA GLU B 165 -1.94 3.26 31.25
C GLU B 165 -1.20 2.08 30.66
N ALA B 166 -1.75 0.88 30.82
CA ALA B 166 -1.25 -0.31 30.16
C ALA B 166 -2.25 -0.59 29.04
N PHE B 167 -1.82 -1.22 27.92
CA PHE B 167 -2.72 -1.38 26.77
C PHE B 167 -2.87 -2.79 26.18
N GLU B 168 -3.97 -2.95 25.39
CA GLU B 168 -4.35 -4.12 24.61
C GLU B 168 -5.00 -3.68 23.26
N ILE B 169 -5.01 -4.56 22.25
CA ILE B 169 -5.54 -4.24 20.91
C ILE B 169 -7.08 -4.11 20.91
N GLN B 170 -7.60 -3.13 20.15
CA GLN B 170 -9.02 -2.81 20.10
C GLN B 170 -9.91 -3.93 19.50
N HIS B 171 -9.41 -4.66 18.50
CA HIS B 171 -10.18 -5.74 17.89
C HIS B 171 -9.48 -7.09 17.96
N LEU B 174 -8.68 -12.64 19.31
CA LEU B 174 -7.67 -13.40 20.06
C LEU B 174 -6.26 -12.80 19.94
N ALA B 175 -6.09 -11.58 20.44
CA ALA B 175 -4.80 -10.88 20.44
C ALA B 175 -4.26 -10.74 21.90
N ASN B 176 -2.98 -10.39 22.05
CA ASN B 176 -2.38 -10.23 23.37
C ASN B 176 -2.30 -8.75 23.75
N GLY B 177 -2.13 -8.49 25.04
CA GLY B 177 -1.87 -7.15 25.52
C GLY B 177 -0.42 -6.78 25.20
N ILE B 178 -0.07 -5.49 25.35
CA ILE B 178 1.28 -5.05 25.00
C ILE B 178 2.37 -5.78 25.80
N PHE B 179 2.13 -5.97 27.10
CA PHE B 179 3.01 -6.69 28.01
C PHE B 179 3.21 -8.17 27.64
N MET B 180 2.13 -8.88 27.30
CA MET B 180 2.22 -10.31 26.95
C MET B 180 2.76 -10.57 25.52
N LYS B 181 2.55 -9.62 24.56
CA LYS B 181 3.07 -9.73 23.20
C LYS B 181 4.59 -9.92 23.19
N PHE B 182 5.28 -9.29 24.17
CA PHE B 182 6.73 -9.33 24.32
C PHE B 182 7.24 -10.28 25.38
N LEU B 183 6.48 -10.48 26.46
CA LEU B 183 6.90 -11.37 27.54
C LEU B 183 6.85 -12.85 27.13
N LYS B 184 5.90 -13.24 26.27
CA LYS B 184 5.81 -14.64 25.86
C LYS B 184 7.06 -15.11 25.14
N ASP B 185 7.74 -14.22 24.40
CA ASP B 185 8.93 -14.58 23.65
C ASP B 185 10.24 -14.57 24.49
N ARG B 186 10.16 -14.13 25.75
CA ARG B 186 11.35 -14.10 26.62
C ARG B 186 11.21 -14.98 27.85
N LEU B 187 9.99 -15.22 28.34
CA LEU B 187 9.75 -15.96 29.57
C LEU B 187 10.51 -17.28 29.73
N LEU B 188 10.60 -18.13 28.68
CA LEU B 188 11.29 -19.41 28.80
C LEU B 188 12.82 -19.36 28.70
N GLU B 189 13.44 -18.16 28.85
CA GLU B 189 14.89 -17.98 28.80
C GLU B 189 15.58 -18.39 30.10
N ASP B 190 16.89 -18.71 30.06
CA ASP B 190 17.60 -19.15 31.26
C ASP B 190 18.46 -18.07 31.92
N LYS B 191 17.96 -16.86 31.93
CA LYS B 191 18.63 -15.74 32.58
C LYS B 191 17.84 -15.38 33.84
N LYS B 192 18.46 -14.65 34.78
CA LYS B 192 17.82 -14.20 36.03
C LYS B 192 16.58 -13.37 35.69
N ILE B 193 15.45 -13.57 36.40
CA ILE B 193 14.19 -12.88 36.09
C ILE B 193 14.35 -11.36 35.89
N THR B 194 15.33 -10.73 36.54
CA THR B 194 15.58 -9.30 36.38
C THR B 194 16.15 -9.03 34.99
N VAL B 195 17.17 -9.80 34.58
CA VAL B 195 17.79 -9.69 33.26
C VAL B 195 16.76 -9.94 32.17
N LEU B 196 15.89 -10.95 32.38
CA LEU B 196 14.82 -11.34 31.46
C LEU B 196 13.83 -10.21 31.25
N LEU B 197 13.40 -9.54 32.33
CA LEU B 197 12.46 -8.41 32.28
C LEU B 197 13.08 -7.17 31.64
N ASP B 198 14.41 -7.01 31.83
CA ASP B 198 15.25 -5.96 31.27
C ASP B 198 15.32 -6.10 29.75
N GLU B 199 15.21 -7.34 29.20
CA GLU B 199 15.22 -7.61 27.77
C GLU B 199 13.85 -7.27 27.21
N VAL B 200 12.77 -7.71 27.87
CA VAL B 200 11.39 -7.40 27.48
C VAL B 200 11.18 -5.90 27.39
N ALA B 201 11.80 -5.13 28.30
CA ALA B 201 11.71 -3.68 28.31
C ALA B 201 12.26 -3.09 27.04
N GLU B 202 13.38 -3.66 26.53
CA GLU B 202 14.02 -3.21 25.29
C GLU B 202 13.06 -3.40 24.11
N ASP B 203 12.51 -4.60 23.98
CA ASP B 203 11.54 -5.01 22.96
C ASP B 203 10.29 -4.15 22.98
N MET B 204 9.84 -3.76 24.17
CA MET B 204 8.70 -2.86 24.29
C MET B 204 9.03 -1.48 23.69
N GLY B 205 10.29 -1.06 23.81
CA GLY B 205 10.78 0.19 23.27
C GLY B 205 10.84 0.25 21.76
N LYS B 206 10.75 -0.91 21.09
CA LYS B 206 10.75 -1.05 19.64
C LYS B 206 9.31 -1.11 19.05
N CYS B 207 8.28 -1.18 19.90
CA CYS B 207 6.89 -1.16 19.47
C CYS B 207 6.53 0.32 19.28
N HIS B 208 5.83 0.64 18.21
CA HIS B 208 5.46 2.03 17.94
C HIS B 208 4.07 2.40 18.46
N LEU B 209 3.15 1.42 18.50
CA LEU B 209 1.78 1.54 18.98
C LEU B 209 1.69 2.22 20.34
N THR B 210 2.64 1.90 21.22
CA THR B 210 2.65 2.41 22.58
C THR B 210 3.93 3.16 22.93
N LYS B 211 4.58 3.80 21.95
CA LYS B 211 5.81 4.55 22.22
C LYS B 211 5.49 5.87 22.91
N GLY B 212 5.97 6.03 24.13
CA GLY B 212 5.74 7.24 24.90
C GLY B 212 4.39 7.29 25.57
N LYS B 213 3.75 6.11 25.74
CA LYS B 213 2.45 5.96 26.39
C LYS B 213 2.55 4.84 27.45
N GLN B 214 3.24 3.74 27.10
CA GLN B 214 3.44 2.59 27.96
C GLN B 214 4.85 1.99 27.84
N ALA B 215 5.52 1.83 28.99
CA ALA B 215 6.84 1.23 29.05
C ALA B 215 6.95 0.35 30.30
N LEU B 216 7.55 -0.84 30.18
CA LEU B 216 7.81 -1.79 31.26
C LEU B 216 8.58 -1.11 32.39
N GLU B 217 8.18 -1.33 33.66
CA GLU B 217 8.87 -0.81 34.84
C GLU B 217 9.23 -1.98 35.74
N ILE B 218 10.51 -2.14 36.09
CA ILE B 218 10.98 -3.20 36.97
C ILE B 218 11.37 -2.61 38.29
N ARG B 219 10.85 -3.19 39.37
CA ARG B 219 11.25 -2.78 40.71
C ARG B 219 11.78 -4.04 41.33
N SER B 220 13.08 -4.08 41.60
CA SER B 220 13.71 -5.27 42.11
C SER B 220 14.66 -5.07 43.29
N SER B 221 14.63 -6.04 44.20
CA SER B 221 15.47 -6.14 45.40
C SER B 221 16.35 -7.41 45.40
N LEU B 222 15.95 -8.41 44.60
CA LEU B 222 16.54 -9.71 44.38
C LEU B 222 18.06 -9.73 44.32
N SER B 223 18.67 -10.27 45.37
CA SER B 223 20.12 -10.37 45.45
C SER B 223 20.64 -11.59 44.69
N GLU B 224 20.15 -12.79 45.02
CA GLU B 224 20.61 -14.03 44.36
C GLU B 224 20.24 -14.08 42.86
N LYS B 225 21.02 -14.81 42.06
CA LYS B 225 20.72 -14.96 40.64
C LYS B 225 19.60 -15.97 40.51
N ARG B 226 18.33 -15.55 40.68
CA ARG B 226 17.18 -16.46 40.61
C ARG B 226 16.44 -16.36 39.28
N ALA B 227 16.15 -17.50 38.68
CA ALA B 227 15.47 -17.56 37.39
C ALA B 227 14.26 -18.49 37.42
N LEU B 228 13.25 -18.25 36.56
CA LEU B 228 12.08 -19.12 36.50
C LEU B 228 12.38 -20.55 35.99
N THR B 229 13.65 -20.83 35.64
CA THR B 229 14.16 -22.12 35.18
C THR B 229 14.88 -22.90 36.28
N ASP B 230 14.98 -22.36 37.50
CA ASP B 230 15.67 -23.03 38.60
C ASP B 230 14.91 -24.29 38.99
N PRO B 231 15.59 -25.45 38.99
CA PRO B 231 14.89 -26.70 39.31
C PRO B 231 14.29 -26.74 40.72
N ILE B 232 13.21 -27.52 40.87
CA ILE B 232 12.63 -27.71 42.20
C ILE B 232 13.58 -28.67 42.95
N GLN B 233 14.00 -28.32 44.20
CA GLN B 233 14.94 -29.09 45.04
C GLN B 233 14.86 -30.62 44.87
N GLY B 234 16.02 -31.27 44.79
CA GLY B 234 16.07 -32.72 44.60
C GLY B 234 15.84 -33.15 43.16
N ASN B 245 0.22 -29.71 47.54
CA ASN B 245 0.16 -30.47 46.28
C ASN B 245 -1.19 -31.16 46.08
N LEU B 246 -1.89 -31.50 47.18
CA LEU B 246 -3.20 -32.14 47.08
C LEU B 246 -4.26 -31.10 46.72
N GLN B 247 -4.17 -29.91 47.35
CA GLN B 247 -5.10 -28.81 47.11
C GLN B 247 -5.03 -28.27 45.67
N TRP B 248 -3.89 -28.46 44.99
CA TRP B 248 -3.73 -28.04 43.60
C TRP B 248 -4.44 -29.07 42.69
N ALA B 249 -4.25 -30.37 42.97
CA ALA B 249 -4.89 -31.42 42.18
C ALA B 249 -6.40 -31.47 42.40
N LYS B 250 -6.88 -31.02 43.56
CA LYS B 250 -8.30 -30.99 43.90
C LYS B 250 -9.07 -30.00 43.02
N ALA B 251 -8.43 -28.88 42.62
CA ALA B 251 -9.08 -27.91 41.74
C ALA B 251 -8.75 -28.07 40.24
N HIS B 252 -8.18 -29.23 39.85
CA HIS B 252 -7.79 -29.49 38.46
C HIS B 252 -8.41 -30.79 37.90
N GLU B 253 -9.43 -31.36 38.59
CA GLU B 253 -10.05 -32.60 38.14
C GLU B 253 -11.25 -32.38 37.23
N LEU B 254 -11.29 -33.16 36.14
CA LEU B 254 -12.34 -33.10 35.13
C LEU B 254 -13.27 -34.29 35.24
N PRO B 255 -14.57 -34.08 34.95
CA PRO B 255 -15.51 -35.22 34.95
C PRO B 255 -15.13 -36.18 33.83
N GLU B 256 -15.21 -37.48 34.12
CA GLU B 256 -14.83 -38.49 33.15
C GLU B 256 -15.72 -38.49 31.90
N SER B 257 -15.15 -38.91 30.77
CA SER B 257 -15.84 -39.01 29.49
C SER B 257 -16.98 -40.02 29.64
N MET B 258 -18.25 -39.58 29.63
CA MET B 258 -19.38 -40.48 29.84
C MET B 258 -20.21 -40.76 28.58
N CYS B 259 -20.63 -42.04 28.41
CA CYS B 259 -21.44 -42.49 27.28
C CYS B 259 -22.93 -42.51 27.63
N LEU B 260 -23.71 -41.68 26.95
CA LEU B 260 -25.15 -41.54 27.15
C LEU B 260 -26.01 -42.34 26.18
N LYS B 261 -26.52 -43.51 26.62
CA LYS B 261 -27.40 -44.33 25.77
C LYS B 261 -28.84 -43.83 25.87
N PHE B 262 -29.56 -43.81 24.73
CA PHE B 262 -30.94 -43.34 24.72
C PHE B 262 -31.94 -44.47 24.42
N ASP B 263 -33.24 -44.21 24.72
CA ASP B 263 -34.27 -45.21 24.48
C ASP B 263 -34.50 -45.49 23.00
N CYS B 264 -34.21 -44.52 22.11
CA CYS B 264 -34.39 -44.75 20.67
C CYS B 264 -33.24 -45.53 20.01
N GLY B 265 -32.10 -45.66 20.70
CA GLY B 265 -30.94 -46.37 20.16
C GLY B 265 -29.72 -45.50 19.90
N VAL B 266 -29.85 -44.16 20.09
CA VAL B 266 -28.76 -43.21 19.86
C VAL B 266 -27.80 -43.12 21.04
N GLN B 267 -26.49 -43.14 20.75
CA GLN B 267 -25.48 -43.02 21.79
C GLN B 267 -24.69 -41.71 21.65
N ILE B 268 -24.77 -40.86 22.69
CA ILE B 268 -24.07 -39.58 22.69
C ILE B 268 -22.84 -39.68 23.57
N GLN B 269 -21.70 -39.16 23.08
CA GLN B 269 -20.43 -39.19 23.80
C GLN B 269 -20.20 -37.81 24.39
N LEU B 270 -20.02 -37.75 25.71
CA LEU B 270 -19.77 -36.49 26.39
C LEU B 270 -18.32 -36.41 26.82
N GLY B 271 -17.66 -35.34 26.43
CA GLY B 271 -16.27 -35.12 26.81
C GLY B 271 -16.07 -33.82 27.55
N PHE B 272 -15.04 -33.77 28.42
CA PHE B 272 -14.76 -32.57 29.20
C PHE B 272 -13.29 -32.14 29.08
N ALA B 273 -13.05 -30.84 28.91
CA ALA B 273 -11.69 -30.33 28.80
C ALA B 273 -11.47 -29.03 29.59
N ALA B 274 -10.30 -28.91 30.23
CA ALA B 274 -9.98 -27.72 31.00
C ALA B 274 -9.38 -26.59 30.16
N GLU B 275 -9.98 -25.41 30.24
CA GLU B 275 -9.48 -24.22 29.56
C GLU B 275 -8.73 -23.41 30.61
N PHE B 276 -9.41 -23.10 31.73
CA PHE B 276 -8.92 -22.37 32.90
C PHE B 276 -9.38 -23.11 34.17
N SER B 277 -8.77 -22.79 35.31
CA SER B 277 -9.17 -23.40 36.59
C SER B 277 -10.64 -23.16 36.91
N ASN B 278 -11.28 -22.15 36.29
CA ASN B 278 -12.70 -21.88 36.52
C ASN B 278 -13.54 -21.89 35.23
N VAL B 279 -13.02 -22.48 34.13
CA VAL B 279 -13.69 -22.54 32.83
C VAL B 279 -13.54 -23.95 32.24
N MET B 280 -14.66 -24.63 31.97
CA MET B 280 -14.63 -25.99 31.41
C MET B 280 -15.33 -26.06 30.07
N ILE B 281 -14.88 -26.97 29.17
CA ILE B 281 -15.51 -27.16 27.87
C ILE B 281 -16.15 -28.53 27.76
N ILE B 282 -17.44 -28.60 27.38
CA ILE B 282 -18.14 -29.86 27.15
C ILE B 282 -18.29 -30.04 25.63
N TYR B 283 -18.04 -31.24 25.12
CA TYR B 283 -18.24 -31.51 23.70
C TYR B 283 -19.15 -32.73 23.54
N THR B 284 -20.25 -32.56 22.80
CA THR B 284 -21.30 -33.59 22.61
C THR B 284 -21.21 -34.27 21.26
N SER B 285 -20.62 -35.47 21.18
CA SER B 285 -20.48 -36.26 19.94
C SER B 285 -21.57 -37.37 19.78
N ILE B 286 -21.75 -37.94 18.55
CA ILE B 286 -22.71 -39.04 18.31
C ILE B 286 -21.95 -40.30 17.84
N VAL B 287 -21.79 -41.29 18.74
CA VAL B 287 -21.02 -42.51 18.46
C VAL B 287 -21.85 -43.58 17.74
N TYR B 288 -23.19 -43.53 17.88
CA TYR B 288 -24.10 -44.43 17.14
C TYR B 288 -25.49 -43.81 16.95
N LYS B 289 -26.06 -43.99 15.74
CA LYS B 289 -27.41 -43.57 15.39
C LYS B 289 -28.04 -44.70 14.60
N PRO B 290 -29.25 -45.15 15.01
CA PRO B 290 -29.92 -46.22 14.25
C PRO B 290 -30.23 -45.79 12.80
N PRO B 291 -30.29 -46.77 11.88
CA PRO B 291 -30.51 -46.43 10.46
C PRO B 291 -31.79 -45.68 10.13
N GLU B 292 -32.85 -45.96 10.88
CA GLU B 292 -34.15 -45.37 10.66
C GLU B 292 -34.23 -43.90 11.01
N ILE B 293 -33.39 -43.42 11.94
CA ILE B 293 -33.42 -42.03 12.35
C ILE B 293 -32.66 -41.17 11.30
N ILE B 294 -33.42 -40.50 10.42
CA ILE B 294 -32.86 -39.70 9.33
C ILE B 294 -32.49 -38.25 9.70
N MET B 295 -32.92 -37.77 10.87
CA MET B 295 -32.57 -36.41 11.32
C MET B 295 -32.26 -36.53 12.79
N CYS B 296 -31.08 -36.08 13.24
CA CYS B 296 -30.76 -36.14 14.66
C CYS B 296 -29.91 -34.98 15.16
N ASP B 297 -30.17 -34.55 16.42
CA ASP B 297 -29.47 -33.46 17.11
C ASP B 297 -29.30 -33.69 18.60
N ALA B 298 -28.05 -33.82 19.05
CA ALA B 298 -27.74 -33.98 20.47
C ALA B 298 -27.17 -32.68 21.00
N TYR B 299 -27.94 -31.97 21.83
CA TYR B 299 -27.52 -30.69 22.40
C TYR B 299 -27.68 -30.65 23.91
N VAL B 300 -26.79 -29.96 24.62
CA VAL B 300 -26.88 -29.82 26.08
C VAL B 300 -27.51 -28.49 26.47
N THR B 301 -28.46 -28.53 27.40
CA THR B 301 -29.19 -27.35 27.86
C THR B 301 -29.57 -27.46 29.35
N ASP B 302 -29.99 -26.33 29.96
CA ASP B 302 -30.43 -26.23 31.35
C ASP B 302 -29.29 -26.30 32.37
N PHE B 303 -28.32 -25.41 32.20
CA PHE B 303 -27.21 -25.32 33.15
C PHE B 303 -27.66 -24.49 34.34
N PRO B 304 -27.15 -24.78 35.56
CA PRO B 304 -27.59 -24.01 36.74
C PRO B 304 -27.58 -22.50 36.54
N LEU B 305 -28.59 -21.79 37.07
CA LEU B 305 -28.72 -20.33 36.90
C LEU B 305 -27.49 -19.56 37.36
N ASP B 306 -26.79 -20.07 38.39
CA ASP B 306 -25.59 -19.46 38.97
C ASP B 306 -24.39 -19.38 37.98
N LEU B 307 -24.47 -20.10 36.84
CA LEU B 307 -23.41 -20.05 35.84
C LEU B 307 -23.65 -18.99 34.77
N ASP B 308 -24.91 -18.57 34.57
CA ASP B 308 -25.31 -17.58 33.56
C ASP B 308 -24.83 -17.91 32.14
N ILE B 309 -24.95 -19.19 31.72
CA ILE B 309 -24.53 -19.55 30.36
C ILE B 309 -25.64 -19.13 29.37
N ASP B 310 -25.29 -18.24 28.43
CA ASP B 310 -26.27 -17.75 27.46
C ASP B 310 -26.58 -18.87 26.47
N PRO B 311 -27.86 -19.11 26.18
CA PRO B 311 -28.22 -20.20 25.26
C PRO B 311 -27.72 -19.96 23.83
N LYS B 312 -27.69 -18.68 23.40
CA LYS B 312 -27.19 -18.32 22.08
C LYS B 312 -25.66 -18.41 21.98
N ASP B 313 -24.97 -18.81 23.04
CA ASP B 313 -23.51 -18.97 23.04
C ASP B 313 -23.08 -20.45 23.28
N ALA B 314 -24.04 -21.38 23.34
CA ALA B 314 -23.78 -22.80 23.60
C ALA B 314 -24.06 -23.68 22.36
N ASN B 315 -23.51 -24.92 22.35
CA ASN B 315 -23.64 -25.87 21.23
C ASN B 315 -23.20 -25.26 19.91
N LYS B 316 -21.91 -25.02 19.76
CA LYS B 316 -21.33 -24.45 18.53
C LYS B 316 -20.58 -25.52 17.74
N GLY B 317 -20.44 -25.30 16.43
CA GLY B 317 -19.76 -26.27 15.58
C GLY B 317 -18.29 -26.48 15.88
N THR B 318 -17.65 -25.42 16.37
CA THR B 318 -16.23 -25.37 16.69
C THR B 318 -16.01 -24.70 18.08
N PRO B 319 -14.92 -25.02 18.81
CA PRO B 319 -14.70 -24.38 20.12
C PRO B 319 -14.55 -22.86 20.08
N GLU B 320 -14.10 -22.32 18.95
CA GLU B 320 -13.90 -20.90 18.74
C GLU B 320 -15.13 -20.07 19.02
N GLU B 321 -16.28 -20.39 18.36
CA GLU B 321 -17.54 -19.65 18.50
C GLU B 321 -18.11 -19.55 19.93
N THR B 322 -17.56 -20.35 20.88
CA THR B 322 -17.94 -20.30 22.30
C THR B 322 -17.15 -19.25 23.06
N GLY B 323 -15.89 -19.03 22.64
CA GLY B 323 -14.95 -18.09 23.20
C GLY B 323 -13.76 -18.81 23.80
N SER B 324 -13.35 -19.93 23.19
CA SER B 324 -12.30 -20.78 23.76
C SER B 324 -11.21 -21.29 22.77
N TYR B 325 -10.25 -22.09 23.31
CA TYR B 325 -9.17 -22.75 22.58
C TYR B 325 -9.40 -24.27 22.68
N LYS B 333 -15.00 -35.14 16.77
CA LYS B 333 -15.02 -35.52 15.35
C LYS B 333 -16.10 -34.81 14.56
N HIS B 334 -17.30 -34.70 15.16
CA HIS B 334 -18.47 -34.02 14.57
C HIS B 334 -19.35 -33.55 15.74
N CYS B 335 -18.72 -32.92 16.76
CA CYS B 335 -19.41 -32.55 18.00
C CYS B 335 -19.72 -31.05 18.15
N LEU B 336 -20.60 -30.73 19.12
CA LEU B 336 -21.02 -29.37 19.47
C LEU B 336 -20.34 -28.94 20.75
N TYR B 337 -19.92 -27.67 20.82
CA TYR B 337 -19.16 -27.18 21.95
C TYR B 337 -19.92 -26.23 22.84
N THR B 338 -19.68 -26.37 24.14
CA THR B 338 -20.30 -25.54 25.17
C THR B 338 -19.20 -25.16 26.14
N ARG B 339 -19.13 -23.88 26.52
CA ARG B 339 -18.11 -23.37 27.43
C ARG B 339 -18.74 -22.91 28.72
N LEU B 340 -18.42 -23.59 29.80
CA LEU B 340 -18.94 -23.26 31.11
C LEU B 340 -17.92 -22.51 31.94
N SER B 341 -17.99 -21.19 31.90
CA SER B 341 -17.12 -20.35 32.71
C SER B 341 -17.87 -19.99 34.03
N SER B 342 -17.15 -19.42 35.01
CA SER B 342 -17.69 -19.10 36.33
C SER B 342 -17.93 -20.34 37.17
N LEU B 343 -17.07 -21.36 37.01
CA LEU B 343 -17.19 -22.60 37.78
C LEU B 343 -17.14 -22.37 39.29
N GLN B 344 -16.57 -21.23 39.74
CA GLN B 344 -16.51 -20.89 41.17
C GLN B 344 -17.90 -20.53 41.73
N LYS B 345 -18.83 -20.07 40.85
CA LYS B 345 -20.20 -19.69 41.22
C LYS B 345 -21.13 -20.89 41.46
N LEU B 346 -20.68 -22.12 41.12
CA LEU B 346 -21.43 -23.37 41.27
C LEU B 346 -21.64 -23.73 42.75
N LYS B 347 -22.82 -23.32 43.27
CA LYS B 347 -23.24 -23.52 44.66
C LYS B 347 -23.46 -24.99 45.02
N GLU B 348 -23.95 -25.81 44.08
CA GLU B 348 -24.20 -27.22 44.38
C GLU B 348 -23.57 -28.17 43.31
N HIS B 349 -24.34 -29.06 42.67
CA HIS B 349 -23.80 -29.97 41.67
C HIS B 349 -24.08 -29.49 40.24
N LEU B 350 -23.24 -29.91 39.29
CA LEU B 350 -23.41 -29.52 37.90
C LEU B 350 -24.33 -30.52 37.18
N VAL B 351 -25.61 -30.20 37.23
CA VAL B 351 -26.60 -31.01 36.55
C VAL B 351 -27.05 -30.25 35.31
N PHE B 352 -27.15 -30.97 34.20
CA PHE B 352 -27.59 -30.39 32.94
C PHE B 352 -28.29 -31.45 32.08
N THR B 353 -29.20 -31.00 31.22
CA THR B 353 -29.99 -31.86 30.35
C THR B 353 -29.33 -32.06 29.00
N VAL B 354 -29.25 -33.32 28.53
CA VAL B 354 -28.73 -33.66 27.22
C VAL B 354 -29.92 -34.09 26.35
N CYS B 355 -30.37 -33.19 25.47
CA CYS B 355 -31.54 -33.38 24.63
C CYS B 355 -31.25 -34.03 23.30
N LEU B 356 -32.22 -34.78 22.82
CA LEU B 356 -32.12 -35.44 21.53
C LEU B 356 -33.33 -35.10 20.69
N SER B 357 -33.12 -34.38 19.61
CA SER B 357 -34.18 -34.06 18.67
C SER B 357 -33.97 -35.02 17.51
N TYR B 358 -34.82 -36.04 17.40
CA TYR B 358 -34.69 -37.03 16.33
C TYR B 358 -35.95 -37.17 15.45
N GLN B 359 -35.82 -37.87 14.31
CA GLN B 359 -36.92 -38.09 13.37
C GLN B 359 -36.69 -39.36 12.54
N TYR B 360 -37.63 -40.32 12.63
CA TYR B 360 -37.55 -41.59 11.90
C TYR B 360 -37.93 -41.44 10.42
N SER B 361 -37.56 -42.41 9.58
CA SER B 361 -37.90 -42.39 8.17
C SER B 361 -39.35 -42.84 8.04
N GLY B 362 -40.18 -41.97 7.49
CA GLY B 362 -41.59 -42.27 7.35
C GLY B 362 -42.47 -41.40 8.24
N LEU B 363 -42.12 -41.31 9.52
CA LEU B 363 -42.88 -40.47 10.45
C LEU B 363 -42.70 -38.99 10.11
N GLU B 364 -43.79 -38.21 10.13
CA GLU B 364 -43.73 -36.80 9.77
C GLU B 364 -43.35 -35.90 10.96
N ASP B 365 -43.68 -36.34 12.20
CA ASP B 365 -43.39 -35.54 13.40
C ASP B 365 -41.99 -35.77 14.03
N THR B 366 -41.43 -34.71 14.62
CA THR B 366 -40.12 -34.76 15.28
C THR B 366 -40.26 -35.24 16.73
N VAL B 367 -39.36 -36.12 17.17
CA VAL B 367 -39.38 -36.69 18.51
C VAL B 367 -38.36 -36.00 19.42
N GLU B 368 -38.68 -35.82 20.72
CA GLU B 368 -37.76 -35.21 21.66
C GLU B 368 -37.48 -36.17 22.81
N ASP B 369 -36.26 -36.10 23.36
CA ASP B 369 -35.90 -36.94 24.51
C ASP B 369 -34.86 -36.27 25.41
N LYS B 370 -35.22 -36.06 26.67
CA LYS B 370 -34.32 -35.46 27.65
C LYS B 370 -33.51 -36.56 28.38
N GLN B 371 -32.60 -36.13 29.27
CA GLN B 371 -31.74 -36.99 30.08
C GLN B 371 -30.92 -36.06 30.97
N GLU B 372 -30.93 -36.28 32.29
CA GLU B 372 -30.16 -35.45 33.20
C GLU B 372 -28.79 -36.03 33.44
N VAL B 373 -27.79 -35.15 33.51
CA VAL B 373 -26.41 -35.56 33.70
C VAL B 373 -25.82 -34.79 34.89
N ASN B 374 -25.36 -35.49 35.93
CA ASN B 374 -24.73 -34.85 37.08
C ASN B 374 -23.24 -35.09 37.10
N VAL B 375 -22.44 -34.04 36.89
CA VAL B 375 -20.98 -34.18 36.91
C VAL B 375 -20.32 -33.59 38.22
N GLY B 376 -21.14 -33.30 39.22
CA GLY B 376 -20.67 -32.80 40.50
C GLY B 376 -20.01 -31.44 40.43
N LYS B 377 -18.82 -31.32 41.02
CA LYS B 377 -18.11 -30.05 41.05
C LYS B 377 -16.75 -30.13 40.36
N PRO B 378 -16.66 -29.72 39.09
CA PRO B 378 -15.38 -29.81 38.38
C PRO B 378 -14.45 -28.64 38.64
N LEU B 379 -13.14 -28.87 38.50
CA LEU B 379 -12.10 -27.87 38.65
C LEU B 379 -12.26 -27.06 39.99
N ILE B 380 -12.16 -25.69 39.99
CA ILE B 380 -12.26 -24.81 41.17
C ILE B 380 -13.58 -24.96 41.97
N ALA B 381 -14.62 -25.51 41.35
CA ALA B 381 -15.89 -25.68 42.04
C ALA B 381 -15.76 -26.63 43.24
N LYS B 382 -14.84 -27.63 43.17
CA LYS B 382 -14.60 -28.59 44.27
C LYS B 382 -14.28 -27.90 45.61
N LEU B 383 -13.62 -26.74 45.54
CA LEU B 383 -13.27 -25.95 46.72
C LEU B 383 -14.49 -25.09 47.11
N ASP B 384 -15.44 -25.66 47.85
CA ASP B 384 -16.67 -24.96 48.25
C ASP B 384 -16.47 -23.84 49.27
N GLN C 5 -7.35 -29.79 9.22
CA GLN C 5 -7.27 -28.75 10.26
C GLN C 5 -8.24 -27.58 9.96
N PRO C 6 -8.11 -26.78 8.86
CA PRO C 6 -9.15 -25.78 8.56
C PRO C 6 -10.43 -26.52 8.12
N LEU C 7 -11.63 -26.03 8.51
CA LEU C 7 -12.85 -26.77 8.20
C LEU C 7 -13.91 -26.02 7.45
N ALA C 8 -14.68 -26.76 6.64
CA ALA C 8 -15.78 -26.27 5.82
C ALA C 8 -17.13 -26.52 6.50
N LYS C 9 -18.00 -25.49 6.63
CA LYS C 9 -19.35 -25.69 7.19
C LYS C 9 -20.13 -26.70 6.30
N ASP C 10 -19.97 -26.53 4.97
CA ASP C 10 -20.46 -27.39 3.90
C ASP C 10 -19.64 -27.10 2.63
N LYS C 11 -19.67 -28.00 1.65
CA LYS C 11 -18.93 -27.82 0.42
C LYS C 11 -19.84 -27.99 -0.75
N VAL C 12 -20.34 -26.88 -1.29
CA VAL C 12 -21.25 -26.93 -2.43
C VAL C 12 -20.60 -26.38 -3.72
N ALA C 13 -20.97 -26.92 -4.88
CA ALA C 13 -20.40 -26.48 -6.15
C ALA C 13 -21.42 -26.43 -7.29
N LEU C 14 -21.25 -25.52 -8.24
CA LEU C 14 -22.15 -25.40 -9.38
C LEU C 14 -21.30 -25.45 -10.65
N LEU C 15 -21.77 -26.23 -11.63
CA LEU C 15 -21.07 -26.42 -12.89
C LEU C 15 -22.06 -26.15 -14.02
N ILE C 16 -21.69 -25.30 -14.99
CA ILE C 16 -22.53 -24.94 -16.12
C ILE C 16 -21.75 -25.12 -17.42
N GLY C 17 -22.21 -26.03 -18.27
CA GLY C 17 -21.55 -26.30 -19.54
C GLY C 17 -22.37 -26.00 -20.78
N ASN C 18 -22.24 -24.78 -21.33
CA ASN C 18 -22.95 -24.34 -22.53
C ASN C 18 -22.17 -24.72 -23.77
N MET C 19 -22.86 -25.35 -24.75
CA MET C 19 -22.27 -25.84 -26.00
C MET C 19 -23.13 -25.48 -27.24
N ASN C 20 -24.45 -25.73 -27.15
CA ASN C 20 -25.46 -25.55 -28.20
C ASN C 20 -25.91 -24.10 -28.30
N TYR C 21 -25.04 -23.23 -28.82
CA TYR C 21 -25.35 -21.81 -28.95
C TYR C 21 -26.26 -21.56 -30.16
N ARG C 22 -27.34 -20.77 -29.98
CA ARG C 22 -28.32 -20.48 -31.03
C ARG C 22 -27.82 -19.53 -32.14
N GLU C 23 -26.92 -18.59 -31.80
CA GLU C 23 -26.39 -17.67 -32.80
C GLU C 23 -24.85 -17.53 -32.74
N HIS C 24 -24.17 -18.46 -32.06
CA HIS C 24 -22.71 -18.45 -31.90
C HIS C 24 -22.08 -19.82 -32.15
N PRO C 25 -20.77 -19.89 -32.49
CA PRO C 25 -20.13 -21.19 -32.73
C PRO C 25 -20.36 -22.24 -31.65
N LYS C 26 -20.48 -23.52 -32.03
CA LYS C 26 -20.79 -24.56 -31.07
C LYS C 26 -19.58 -25.33 -30.57
N LEU C 27 -19.52 -25.53 -29.25
CA LEU C 27 -18.44 -26.27 -28.58
C LEU C 27 -18.91 -27.69 -28.28
N LYS C 28 -17.98 -28.64 -28.10
CA LYS C 28 -18.37 -30.02 -27.82
C LYS C 28 -17.74 -30.59 -26.53
N ALA C 29 -16.61 -30.01 -26.09
CA ALA C 29 -15.93 -30.47 -24.89
C ALA C 29 -16.56 -30.04 -23.54
N PRO C 30 -17.34 -28.93 -23.41
CA PRO C 30 -17.91 -28.60 -22.09
C PRO C 30 -18.73 -29.73 -21.46
N LEU C 31 -19.20 -30.71 -22.27
CA LEU C 31 -19.94 -31.86 -21.78
C LEU C 31 -19.04 -32.70 -20.90
N VAL C 32 -17.87 -33.13 -21.40
CA VAL C 32 -16.96 -34.00 -20.65
C VAL C 32 -16.26 -33.28 -19.52
N ASP C 33 -15.95 -31.98 -19.67
CA ASP C 33 -15.29 -31.21 -18.62
C ASP C 33 -16.19 -31.16 -17.37
N VAL C 34 -17.47 -30.85 -17.58
CA VAL C 34 -18.44 -30.74 -16.51
C VAL C 34 -18.75 -32.11 -15.91
N TYR C 35 -18.80 -33.17 -16.74
CA TYR C 35 -19.04 -34.52 -16.25
C TYR C 35 -17.87 -34.96 -15.36
N GLU C 36 -16.63 -34.81 -15.86
CA GLU C 36 -15.41 -35.18 -15.15
C GLU C 36 -15.16 -34.40 -13.88
N LEU C 37 -15.46 -33.09 -13.88
CA LEU C 37 -15.25 -32.29 -12.67
C LEU C 37 -16.27 -32.64 -11.61
N THR C 38 -17.54 -32.86 -12.00
CA THR C 38 -18.63 -33.23 -11.09
C THR C 38 -18.25 -34.46 -10.28
N ASN C 39 -17.68 -35.48 -10.96
CA ASN C 39 -17.19 -36.71 -10.34
C ASN C 39 -16.04 -36.45 -9.35
N LEU C 40 -15.11 -35.55 -9.70
CA LEU C 40 -13.97 -35.25 -8.84
C LEU C 40 -14.36 -34.45 -7.63
N LEU C 41 -15.30 -33.53 -7.77
CA LEU C 41 -15.80 -32.77 -6.63
C LEU C 41 -16.62 -33.68 -5.73
N ARG C 42 -17.38 -34.64 -6.30
CA ARG C 42 -18.12 -35.61 -5.50
C ARG C 42 -17.20 -36.52 -4.70
N GLN C 43 -16.01 -36.83 -5.23
CA GLN C 43 -14.99 -37.60 -4.54
C GLN C 43 -14.49 -36.81 -3.31
N LEU C 44 -14.43 -35.47 -3.43
CA LEU C 44 -13.99 -34.53 -2.40
C LEU C 44 -15.16 -34.13 -1.50
N ASP C 45 -16.09 -35.06 -1.21
CA ASP C 45 -17.29 -34.86 -0.39
C ASP C 45 -18.10 -33.60 -0.72
N PHE C 46 -18.00 -33.11 -1.96
CA PHE C 46 -18.73 -31.92 -2.39
C PHE C 46 -20.12 -32.30 -2.85
N LYS C 47 -21.09 -31.45 -2.54
CA LYS C 47 -22.47 -31.62 -3.02
C LYS C 47 -22.49 -30.78 -4.31
N VAL C 48 -22.73 -31.43 -5.45
CA VAL C 48 -22.63 -30.78 -6.75
C VAL C 48 -23.94 -30.81 -7.55
N VAL C 49 -24.07 -29.91 -8.54
CA VAL C 49 -25.18 -29.82 -9.47
C VAL C 49 -24.65 -29.24 -10.77
N SER C 50 -24.55 -30.11 -11.78
CA SER C 50 -24.02 -29.80 -13.11
C SER C 50 -25.15 -29.60 -14.10
N LEU C 51 -25.07 -28.53 -14.89
CA LEU C 51 -26.12 -28.22 -15.84
C LEU C 51 -25.58 -27.84 -17.20
N LEU C 52 -25.93 -28.59 -18.25
CA LEU C 52 -25.51 -28.28 -19.61
C LEU C 52 -26.51 -27.43 -20.33
N ASP C 53 -26.03 -26.61 -21.28
CA ASP C 53 -26.83 -25.76 -22.15
C ASP C 53 -27.95 -25.01 -21.44
N LEU C 54 -27.61 -23.88 -20.82
CA LEU C 54 -28.59 -23.06 -20.14
C LEU C 54 -28.74 -21.70 -20.82
N THR C 55 -29.95 -21.17 -20.79
CA THR C 55 -30.24 -19.85 -21.35
C THR C 55 -30.06 -18.78 -20.25
N GLU C 56 -30.19 -17.48 -20.57
CA GLU C 56 -30.03 -16.42 -19.59
C GLU C 56 -30.92 -16.62 -18.34
N TYR C 57 -32.22 -16.88 -18.54
CA TYR C 57 -33.13 -17.09 -17.41
C TYR C 57 -32.71 -18.30 -16.56
N GLU C 58 -32.30 -19.39 -17.22
CA GLU C 58 -31.90 -20.61 -16.55
C GLU C 58 -30.57 -20.46 -15.81
N MET C 59 -29.60 -19.78 -16.42
CA MET C 59 -28.31 -19.54 -15.79
C MET C 59 -28.49 -18.67 -14.58
N ARG C 60 -29.28 -17.60 -14.70
CA ARG C 60 -29.55 -16.73 -13.55
C ARG C 60 -30.28 -17.48 -12.45
N ASN C 61 -31.23 -18.35 -12.80
CA ASN C 61 -31.95 -19.15 -11.80
C ASN C 61 -31.02 -20.16 -11.07
N ALA C 62 -30.14 -20.83 -11.82
CA ALA C 62 -29.17 -21.78 -11.26
C ALA C 62 -28.14 -21.06 -10.40
N VAL C 63 -27.83 -19.80 -10.71
CA VAL C 63 -26.90 -19.02 -9.90
C VAL C 63 -27.62 -18.55 -8.62
N ASP C 64 -28.88 -18.12 -8.75
CA ASP C 64 -29.73 -17.66 -7.64
C ASP C 64 -30.02 -18.80 -6.64
N GLU C 65 -30.13 -20.05 -7.14
CA GLU C 65 -30.36 -21.17 -6.25
C GLU C 65 -29.06 -21.68 -5.61
N PHE C 66 -27.90 -21.44 -6.27
CA PHE C 66 -26.58 -21.78 -5.70
C PHE C 66 -26.28 -20.88 -4.49
N LEU C 67 -26.81 -19.64 -4.50
CA LEU C 67 -26.60 -18.72 -3.40
C LEU C 67 -27.42 -19.11 -2.14
N LEU C 68 -28.56 -19.77 -2.32
CA LEU C 68 -29.37 -20.21 -1.17
C LEU C 68 -28.70 -21.35 -0.38
N LEU C 69 -27.98 -22.22 -1.09
CA LEU C 69 -27.23 -23.33 -0.52
C LEU C 69 -26.02 -22.85 0.30
N LEU C 70 -25.49 -21.64 -0.03
CA LEU C 70 -24.37 -21.03 0.68
C LEU C 70 -24.83 -20.36 1.97
N ASP C 71 -23.93 -20.34 2.97
CA ASP C 71 -24.05 -19.75 4.31
C ASP C 71 -22.65 -19.56 4.94
N LYS C 72 -22.56 -18.99 6.16
CA LYS C 72 -21.27 -18.74 6.78
C LYS C 72 -20.44 -20.01 6.99
N GLY C 73 -19.27 -20.03 6.39
CA GLY C 73 -18.34 -21.15 6.48
C GLY C 73 -18.35 -22.09 5.29
N VAL C 74 -19.39 -22.00 4.45
CA VAL C 74 -19.52 -22.85 3.28
C VAL C 74 -18.44 -22.55 2.20
N TYR C 75 -18.05 -23.57 1.45
CA TYR C 75 -17.08 -23.50 0.36
C TYR C 75 -17.90 -23.51 -0.92
N GLY C 76 -17.83 -22.41 -1.67
CA GLY C 76 -18.58 -22.28 -2.90
C GLY C 76 -17.74 -22.25 -4.15
N LEU C 77 -17.82 -23.32 -4.96
CA LEU C 77 -17.08 -23.40 -6.21
C LEU C 77 -18.02 -23.25 -7.40
N LEU C 78 -17.62 -22.43 -8.38
CA LEU C 78 -18.38 -22.28 -9.61
C LEU C 78 -17.45 -22.59 -10.75
N TYR C 79 -17.83 -23.56 -11.59
CA TYR C 79 -17.09 -23.87 -12.78
C TYR C 79 -17.96 -23.47 -13.97
N TYR C 80 -17.33 -22.91 -14.99
CA TYR C 80 -18.03 -22.51 -16.19
C TYR C 80 -17.24 -22.96 -17.42
N ALA C 81 -17.92 -23.62 -18.35
CA ALA C 81 -17.28 -24.10 -19.57
C ALA C 81 -18.15 -23.68 -20.74
N GLY C 82 -17.60 -22.79 -21.57
CA GLY C 82 -18.29 -22.26 -22.75
C GLY C 82 -17.79 -20.89 -23.14
N HIS C 83 -18.53 -20.21 -24.03
CA HIS C 83 -18.21 -18.85 -24.49
C HIS C 83 -18.28 -17.80 -23.37
N GLY C 84 -17.35 -16.85 -23.40
CA GLY C 84 -17.26 -15.76 -22.42
C GLY C 84 -16.44 -14.59 -22.91
N TYR C 85 -16.32 -13.53 -22.08
CA TYR C 85 -15.55 -12.34 -22.50
C TYR C 85 -15.13 -11.43 -21.35
N GLU C 86 -14.07 -10.63 -21.55
CA GLU C 86 -13.63 -9.70 -20.53
C GLU C 86 -13.52 -8.27 -21.02
N ASN C 87 -14.42 -7.40 -20.53
CA ASN C 87 -14.53 -5.97 -20.83
C ASN C 87 -14.20 -5.12 -19.58
N PHE C 88 -13.04 -4.46 -19.61
CA PHE C 88 -12.56 -3.59 -18.52
C PHE C 88 -12.41 -4.36 -17.22
N GLY C 89 -11.80 -5.53 -17.30
CA GLY C 89 -11.55 -6.34 -16.12
C GLY C 89 -12.75 -7.07 -15.54
N ASN C 90 -13.87 -7.08 -16.26
CA ASN C 90 -15.05 -7.81 -15.80
C ASN C 90 -15.33 -8.98 -16.73
N SER C 91 -15.43 -10.19 -16.17
CA SER C 91 -15.65 -11.40 -16.92
C SER C 91 -17.14 -11.69 -17.01
N PHE C 92 -17.59 -12.15 -18.17
CA PHE C 92 -18.99 -12.46 -18.39
C PHE C 92 -19.11 -13.81 -19.00
N MET C 93 -20.15 -14.54 -18.64
CA MET C 93 -20.39 -15.86 -19.20
C MET C 93 -21.52 -15.78 -20.21
N VAL C 94 -21.32 -16.32 -21.42
CA VAL C 94 -22.31 -16.24 -22.50
C VAL C 94 -23.29 -17.42 -22.52
N PRO C 95 -24.61 -17.20 -22.35
CA PRO C 95 -25.56 -18.31 -22.43
C PRO C 95 -25.84 -18.75 -23.88
N VAL C 96 -26.45 -19.92 -24.06
CA VAL C 96 -26.72 -20.45 -25.39
C VAL C 96 -27.77 -19.62 -26.16
N ASP C 97 -28.68 -18.92 -25.45
CA ASP C 97 -29.71 -18.10 -26.09
C ASP C 97 -29.27 -16.65 -26.37
N ALA C 98 -28.05 -16.26 -25.95
CA ALA C 98 -27.57 -14.89 -26.16
C ALA C 98 -27.47 -14.58 -27.65
N PRO C 99 -27.92 -13.39 -28.06
CA PRO C 99 -27.91 -13.04 -29.47
C PRO C 99 -26.51 -12.68 -29.98
N ASN C 100 -26.42 -12.35 -31.26
CA ASN C 100 -25.21 -11.90 -31.94
C ASN C 100 -25.59 -10.62 -32.71
N PRO C 101 -25.16 -9.43 -32.25
CA PRO C 101 -24.24 -9.17 -31.13
C PRO C 101 -24.91 -9.15 -29.76
N TYR C 102 -24.08 -9.18 -28.69
CA TYR C 102 -24.60 -9.19 -27.33
C TYR C 102 -23.85 -8.22 -26.41
N ARG C 103 -24.47 -7.89 -25.29
CA ARG C 103 -23.89 -6.99 -24.30
C ARG C 103 -24.01 -7.59 -22.86
N SER C 104 -23.53 -6.85 -21.84
CA SER C 104 -23.54 -7.23 -20.43
C SER C 104 -24.91 -7.75 -19.98
N GLU C 105 -25.97 -7.08 -20.45
CA GLU C 105 -27.38 -7.36 -20.20
C GLU C 105 -27.80 -8.80 -20.55
N ASN C 106 -27.16 -9.39 -21.57
CA ASN C 106 -27.46 -10.76 -22.00
C ASN C 106 -26.62 -11.82 -21.29
N CYS C 107 -25.46 -11.43 -20.75
CA CYS C 107 -24.56 -12.36 -20.09
C CYS C 107 -24.52 -12.21 -18.58
N LEU C 108 -24.17 -13.29 -17.87
CA LEU C 108 -24.05 -13.22 -16.41
C LEU C 108 -22.67 -12.69 -16.01
N CYS C 109 -22.62 -11.67 -15.14
CA CYS C 109 -21.34 -11.12 -14.70
C CYS C 109 -20.74 -11.94 -13.58
N VAL C 110 -19.57 -12.53 -13.81
CA VAL C 110 -18.89 -13.34 -12.80
C VAL C 110 -18.66 -12.58 -11.50
N GLN C 111 -18.34 -11.30 -11.63
CA GLN C 111 -18.06 -10.41 -10.50
C GLN C 111 -19.26 -10.17 -9.60
N ASN C 112 -20.45 -9.96 -10.19
CA ASN C 112 -21.69 -9.78 -9.42
C ASN C 112 -21.98 -11.00 -8.57
N ILE C 113 -21.77 -12.22 -9.13
CA ILE C 113 -21.98 -13.50 -8.45
C ILE C 113 -21.17 -13.55 -7.17
N LEU C 114 -19.90 -13.14 -7.24
CA LEU C 114 -18.98 -13.10 -6.10
C LEU C 114 -19.46 -12.13 -5.03
N LYS C 115 -20.05 -11.01 -5.44
CA LYS C 115 -20.60 -10.01 -4.52
C LYS C 115 -21.73 -10.65 -3.72
N LEU C 116 -22.63 -11.36 -4.40
CA LEU C 116 -23.73 -12.05 -3.72
C LEU C 116 -23.24 -13.22 -2.85
N MET C 117 -22.13 -13.86 -3.26
CA MET C 117 -21.52 -14.92 -2.46
C MET C 117 -20.95 -14.36 -1.16
N GLN C 118 -20.44 -13.12 -1.18
CA GLN C 118 -19.86 -12.47 -0.02
C GLN C 118 -20.91 -12.16 1.03
N GLU C 119 -22.09 -11.71 0.59
CA GLU C 119 -23.19 -11.40 1.48
C GLU C 119 -23.63 -12.61 2.33
N LYS C 120 -23.37 -13.84 1.83
CA LYS C 120 -23.67 -15.06 2.54
C LYS C 120 -22.50 -15.56 3.43
N GLU C 121 -21.47 -14.72 3.68
CA GLU C 121 -20.32 -15.00 4.54
C GLU C 121 -19.58 -16.33 4.21
N THR C 122 -19.41 -16.66 2.92
CA THR C 122 -18.69 -17.87 2.48
C THR C 122 -17.26 -17.94 3.05
N GLY C 123 -16.80 -19.13 3.37
CA GLY C 123 -15.46 -19.35 3.89
C GLY C 123 -14.41 -19.53 2.78
N LEU C 124 -14.86 -19.95 1.57
CA LEU C 124 -14.00 -20.09 0.41
C LEU C 124 -14.79 -19.82 -0.86
N ASN C 125 -14.29 -18.94 -1.74
CA ASN C 125 -14.98 -18.60 -3.00
C ASN C 125 -14.11 -18.93 -4.18
N VAL C 126 -14.38 -20.05 -4.85
CA VAL C 126 -13.61 -20.46 -6.02
C VAL C 126 -14.42 -20.23 -7.30
N PHE C 127 -13.77 -19.77 -8.36
CA PHE C 127 -14.36 -19.53 -9.67
C PHE C 127 -13.41 -20.04 -10.70
N LEU C 128 -13.69 -21.18 -11.31
CA LEU C 128 -12.85 -21.70 -12.36
C LEU C 128 -13.52 -21.41 -13.71
N LEU C 129 -13.11 -20.34 -14.39
CA LEU C 129 -13.73 -19.95 -15.66
C LEU C 129 -12.94 -20.45 -16.83
N ASP C 130 -13.43 -21.53 -17.45
CA ASP C 130 -12.84 -22.18 -18.61
C ASP C 130 -13.45 -21.55 -19.85
N MET C 131 -13.17 -20.26 -20.07
CA MET C 131 -13.71 -19.54 -21.21
C MET C 131 -12.68 -18.58 -21.80
N CYS C 132 -12.96 -18.06 -23.00
CA CYS C 132 -12.08 -17.07 -23.63
C CYS C 132 -12.22 -15.74 -22.90
N ARG C 133 -11.11 -15.04 -22.70
CA ARG C 133 -11.14 -13.73 -22.05
C ARG C 133 -10.93 -12.60 -23.03
N LYS C 134 -11.33 -12.80 -24.30
CA LYS C 134 -11.20 -11.77 -25.34
C LYS C 134 -12.29 -10.71 -25.18
N ARG C 135 -11.99 -9.47 -25.60
CA ARG C 135 -12.90 -8.33 -25.50
C ARG C 135 -14.12 -8.40 -26.42
N ASN C 136 -15.19 -7.69 -26.03
CA ASN C 136 -16.40 -7.54 -26.82
C ASN C 136 -16.44 -6.10 -27.32
N ASP C 137 -16.48 -5.94 -28.64
CA ASP C 137 -16.51 -4.63 -29.26
C ASP C 137 -17.88 -3.96 -29.09
N TYR C 138 -18.97 -4.73 -29.26
CA TYR C 138 -20.31 -4.19 -29.12
C TYR C 138 -20.59 -3.68 -27.71
N ASP C 139 -20.10 -4.40 -26.69
CA ASP C 139 -20.33 -4.01 -25.29
C ASP C 139 -19.67 -2.67 -24.94
N ASP C 140 -20.43 -1.61 -25.04
CA ASP C 140 -19.95 -0.26 -24.74
C ASP C 140 -20.10 0.08 -23.25
N THR C 141 -21.10 -0.53 -22.57
CA THR C 141 -21.44 -0.30 -21.18
C THR C 141 -20.29 -0.58 -20.20
N ILE C 142 -20.26 0.18 -19.11
CA ILE C 142 -19.22 0.04 -18.10
C ILE C 142 -19.79 0.36 -16.73
N PRO C 143 -20.41 -0.63 -16.06
CA PRO C 143 -20.99 -0.35 -14.73
C PRO C 143 -19.92 -0.32 -13.66
N ILE C 144 -20.14 0.49 -12.63
CA ILE C 144 -19.19 0.57 -11.52
C ILE C 144 -19.72 -0.28 -10.41
N LEU C 145 -19.22 -1.51 -10.33
CA LEU C 145 -19.62 -2.45 -9.29
C LEU C 145 -18.99 -1.99 -7.96
N ASP C 146 -19.83 -1.72 -6.96
CA ASP C 146 -19.36 -1.25 -5.66
C ASP C 146 -18.38 -2.23 -5.01
N ALA C 147 -17.08 -1.87 -5.05
CA ALA C 147 -15.90 -2.58 -4.57
C ALA C 147 -16.16 -3.68 -3.56
N LEU C 148 -15.71 -4.91 -3.89
CA LEU C 148 -15.88 -6.10 -3.07
C LEU C 148 -15.26 -5.94 -1.71
N LYS C 149 -15.93 -6.46 -0.68
CA LYS C 149 -15.42 -6.43 0.69
C LYS C 149 -14.18 -7.31 0.82
N VAL C 150 -13.29 -6.96 1.75
CA VAL C 150 -12.07 -7.72 1.96
C VAL C 150 -12.30 -8.91 2.87
N THR C 151 -12.56 -10.05 2.26
CA THR C 151 -12.83 -11.31 2.92
C THR C 151 -11.61 -12.22 2.98
N ALA C 152 -10.59 -11.97 2.12
CA ALA C 152 -9.35 -12.73 2.00
C ALA C 152 -9.57 -14.21 1.74
N ASN C 153 -10.63 -14.54 1.00
CA ASN C 153 -10.93 -15.93 0.69
C ASN C 153 -11.40 -16.16 -0.76
N ILE C 154 -10.87 -15.41 -1.72
CA ILE C 154 -11.29 -15.57 -3.11
C ILE C 154 -10.19 -16.08 -4.01
N VAL C 155 -10.47 -17.21 -4.67
CA VAL C 155 -9.55 -17.83 -5.64
C VAL C 155 -10.21 -17.91 -7.00
N PHE C 156 -9.51 -17.40 -8.02
CA PHE C 156 -9.99 -17.38 -9.38
C PHE C 156 -8.99 -18.13 -10.20
N GLY C 157 -9.46 -19.12 -10.93
CA GLY C 157 -8.64 -19.94 -11.80
C GLY C 157 -9.15 -19.86 -13.22
N TYR C 158 -8.65 -18.90 -13.98
CA TYR C 158 -9.07 -18.72 -15.37
C TYR C 158 -8.24 -19.58 -16.29
N ALA C 159 -8.90 -20.36 -17.16
CA ALA C 159 -8.24 -21.23 -18.13
C ALA C 159 -7.25 -20.49 -19.06
N THR C 160 -7.43 -19.17 -19.21
CA THR C 160 -6.55 -18.37 -20.05
C THR C 160 -6.37 -16.93 -19.48
N CYS C 161 -5.45 -16.17 -20.07
CA CYS C 161 -5.13 -14.81 -19.66
C CYS C 161 -6.06 -13.75 -20.28
N GLN C 162 -6.00 -12.53 -19.78
CA GLN C 162 -6.84 -11.45 -20.28
C GLN C 162 -6.50 -11.14 -21.74
N GLY C 163 -7.53 -11.13 -22.57
CA GLY C 163 -7.41 -10.90 -24.01
C GLY C 163 -6.89 -12.11 -24.78
N ALA C 164 -7.05 -13.31 -24.20
CA ALA C 164 -6.58 -14.57 -24.79
C ALA C 164 -7.72 -15.60 -24.94
N GLU C 165 -7.50 -16.67 -25.71
CA GLU C 165 -8.52 -17.67 -25.95
C GLU C 165 -8.31 -18.97 -25.18
N ALA C 166 -9.39 -19.50 -24.58
CA ALA C 166 -9.30 -20.79 -23.90
C ALA C 166 -9.73 -21.84 -24.91
N PHE C 167 -8.92 -22.89 -25.10
CA PHE C 167 -9.14 -23.90 -26.10
C PHE C 167 -9.63 -25.27 -25.63
N GLU C 168 -10.27 -26.02 -26.54
CA GLU C 168 -10.70 -27.39 -26.35
C GLU C 168 -10.07 -28.27 -27.46
N ILE C 169 -9.92 -29.58 -27.21
CA ILE C 169 -9.32 -30.48 -28.18
C ILE C 169 -10.40 -31.02 -29.13
N GLN C 170 -10.11 -31.09 -30.44
CA GLN C 170 -11.05 -31.57 -31.45
C GLN C 170 -10.98 -33.09 -31.68
N HIS C 171 -9.74 -33.62 -31.83
CA HIS C 171 -9.32 -35.01 -32.12
C HIS C 171 -10.24 -36.16 -31.63
N SER C 172 -10.57 -36.22 -30.32
CA SER C 172 -11.37 -37.33 -29.75
C SER C 172 -12.86 -37.01 -29.50
N GLY C 173 -13.66 -38.06 -29.26
CA GLY C 173 -15.09 -37.95 -28.95
C GLY C 173 -15.29 -37.46 -27.54
N LEU C 174 -14.51 -37.99 -26.59
CA LEU C 174 -14.53 -37.56 -25.18
C LEU C 174 -13.28 -36.69 -24.93
N ALA C 175 -12.95 -35.79 -25.88
CA ALA C 175 -11.77 -34.93 -25.77
C ALA C 175 -12.01 -33.79 -24.81
N ASN C 176 -11.07 -33.58 -23.89
CA ASN C 176 -11.15 -32.53 -22.87
C ASN C 176 -10.61 -31.19 -23.38
N GLY C 177 -11.06 -30.11 -22.74
CA GLY C 177 -10.53 -28.78 -22.97
C GLY C 177 -9.21 -28.65 -22.22
N ILE C 178 -8.31 -27.77 -22.66
CA ILE C 178 -6.99 -27.63 -22.06
C ILE C 178 -7.00 -27.52 -20.52
N PHE C 179 -7.84 -26.65 -19.95
CA PHE C 179 -7.94 -26.48 -18.49
C PHE C 179 -8.24 -27.80 -17.77
N MET C 180 -9.37 -28.45 -18.10
CA MET C 180 -9.76 -29.70 -17.46
C MET C 180 -8.77 -30.85 -17.70
N LYS C 181 -8.04 -30.84 -18.83
CA LYS C 181 -7.04 -31.86 -19.15
C LYS C 181 -5.97 -31.95 -18.06
N PHE C 182 -5.58 -30.81 -17.50
CA PHE C 182 -4.57 -30.77 -16.45
C PHE C 182 -5.17 -30.79 -15.06
N LEU C 183 -6.27 -30.04 -14.87
CA LEU C 183 -6.96 -29.91 -13.59
C LEU C 183 -7.42 -31.25 -13.02
N LYS C 184 -7.79 -32.20 -13.88
CA LYS C 184 -8.23 -33.50 -13.42
C LYS C 184 -7.11 -34.29 -12.74
N ASP C 185 -5.86 -34.09 -13.18
CA ASP C 185 -4.71 -34.77 -12.59
C ASP C 185 -4.29 -34.19 -11.25
N ARG C 186 -4.67 -32.94 -10.97
CA ARG C 186 -4.24 -32.27 -9.74
C ARG C 186 -5.34 -31.98 -8.69
N LEU C 187 -6.62 -31.94 -9.06
CA LEU C 187 -7.75 -31.60 -8.18
C LEU C 187 -7.83 -32.37 -6.86
N LEU C 188 -7.50 -33.66 -6.85
CA LEU C 188 -7.61 -34.46 -5.63
C LEU C 188 -6.47 -34.27 -4.62
N GLU C 189 -5.49 -33.42 -4.90
CA GLU C 189 -4.39 -33.17 -3.97
C GLU C 189 -4.83 -32.41 -2.71
N ASP C 190 -4.13 -32.59 -1.58
CA ASP C 190 -4.48 -31.94 -0.29
C ASP C 190 -3.76 -30.61 -0.07
N LYS C 191 -3.44 -29.91 -1.15
CA LYS C 191 -2.77 -28.63 -1.07
C LYS C 191 -3.82 -27.51 -1.04
N LYS C 192 -3.41 -26.29 -0.66
CA LYS C 192 -4.25 -25.08 -0.69
C LYS C 192 -4.66 -24.87 -2.16
N ILE C 193 -5.90 -24.43 -2.43
CA ILE C 193 -6.37 -24.35 -3.82
C ILE C 193 -5.45 -23.49 -4.72
N THR C 194 -4.80 -22.47 -4.18
CA THR C 194 -3.86 -21.65 -4.92
C THR C 194 -2.63 -22.46 -5.30
N VAL C 195 -2.15 -23.33 -4.40
CA VAL C 195 -0.99 -24.20 -4.64
C VAL C 195 -1.36 -25.25 -5.68
N LEU C 196 -2.57 -25.83 -5.57
CA LEU C 196 -3.11 -26.81 -6.50
C LEU C 196 -3.17 -26.23 -7.90
N LEU C 197 -3.70 -24.99 -8.05
CA LEU C 197 -3.80 -24.32 -9.35
C LEU C 197 -2.43 -23.93 -9.92
N ASP C 198 -1.41 -23.76 -9.05
CA ASP C 198 -0.06 -23.44 -9.49
C ASP C 198 0.55 -24.65 -10.20
N GLU C 199 0.33 -25.85 -9.66
CA GLU C 199 0.82 -27.08 -10.25
C GLU C 199 0.19 -27.31 -11.62
N VAL C 200 -1.11 -26.96 -11.78
CA VAL C 200 -1.82 -27.07 -13.04
C VAL C 200 -1.17 -26.17 -14.08
N ALA C 201 -0.83 -24.93 -13.71
CA ALA C 201 -0.18 -23.96 -14.60
C ALA C 201 1.17 -24.45 -15.11
N GLU C 202 1.93 -25.19 -14.30
CA GLU C 202 3.22 -25.73 -14.70
C GLU C 202 3.03 -26.85 -15.73
N ASP C 203 2.08 -27.77 -15.46
CA ASP C 203 1.79 -28.87 -16.40
C ASP C 203 1.35 -28.31 -17.76
N MET C 204 0.60 -27.19 -17.75
CA MET C 204 0.09 -26.52 -18.94
C MET C 204 1.22 -25.92 -19.78
N GLY C 205 2.24 -25.40 -19.08
CA GLY C 205 3.42 -24.85 -19.72
C GLY C 205 4.39 -25.92 -20.21
N LYS C 206 3.96 -27.18 -20.20
CA LYS C 206 4.69 -28.33 -20.72
C LYS C 206 3.97 -28.93 -21.96
N CYS C 207 2.84 -28.34 -22.40
CA CYS C 207 2.12 -28.79 -23.58
C CYS C 207 2.55 -27.90 -24.73
N HIS C 208 3.00 -28.50 -25.83
CA HIS C 208 3.46 -27.74 -26.98
C HIS C 208 2.30 -27.14 -27.78
N LEU C 209 1.11 -27.74 -27.69
CA LEU C 209 -0.07 -27.25 -28.37
C LEU C 209 -0.61 -25.94 -27.76
N THR C 210 -0.29 -25.66 -26.49
CA THR C 210 -0.79 -24.48 -25.79
C THR C 210 0.19 -23.33 -25.69
N LYS C 211 1.49 -23.56 -26.00
CA LYS C 211 2.54 -22.54 -25.99
C LYS C 211 2.13 -21.26 -26.72
N GLY C 212 2.25 -20.14 -26.01
CA GLY C 212 1.95 -18.82 -26.55
C GLY C 212 0.50 -18.51 -26.82
N LYS C 213 -0.37 -19.52 -26.79
CA LYS C 213 -1.79 -19.31 -27.08
C LYS C 213 -2.68 -19.47 -25.86
N GLN C 214 -2.23 -20.19 -24.83
CA GLN C 214 -3.04 -20.38 -23.63
C GLN C 214 -2.20 -20.64 -22.40
N ALA C 215 -2.19 -19.68 -21.50
CA ALA C 215 -1.53 -19.83 -20.22
C ALA C 215 -2.60 -19.73 -19.14
N LEU C 216 -2.42 -20.43 -18.02
CA LEU C 216 -3.39 -20.35 -16.93
C LEU C 216 -3.21 -19.04 -16.15
N GLU C 217 -4.30 -18.37 -15.75
CA GLU C 217 -4.16 -17.16 -14.93
C GLU C 217 -4.88 -17.31 -13.59
N ILE C 218 -4.13 -17.08 -12.50
CA ILE C 218 -4.67 -17.19 -11.16
C ILE C 218 -4.69 -15.85 -10.42
N ARG C 219 -5.88 -15.35 -10.11
CA ARG C 219 -6.03 -14.17 -9.28
C ARG C 219 -6.43 -14.76 -7.92
N SER C 220 -5.79 -14.32 -6.85
CA SER C 220 -6.07 -14.84 -5.53
C SER C 220 -5.85 -13.81 -4.45
N SER C 221 -6.62 -13.95 -3.40
CA SER C 221 -6.55 -13.17 -2.18
C SER C 221 -6.71 -14.06 -0.94
N LEU C 222 -6.74 -15.41 -1.10
CA LEU C 222 -6.87 -16.39 -0.01
C LEU C 222 -5.75 -16.31 1.04
N SER C 223 -6.11 -15.98 2.30
CA SER C 223 -5.12 -15.88 3.35
C SER C 223 -4.95 -17.17 4.15
N GLU C 224 -5.99 -18.01 4.27
CA GLU C 224 -5.89 -19.25 5.06
C GLU C 224 -5.57 -20.45 4.20
N LYS C 225 -4.95 -21.48 4.78
CA LYS C 225 -4.60 -22.68 4.01
C LYS C 225 -5.83 -23.56 3.83
N ARG C 226 -6.75 -23.15 2.93
CA ARG C 226 -7.99 -23.87 2.65
C ARG C 226 -7.85 -24.69 1.38
N ALA C 227 -8.43 -25.88 1.41
CA ALA C 227 -8.36 -26.82 0.31
C ALA C 227 -9.70 -27.44 0.02
N LEU C 228 -9.92 -27.89 -1.23
CA LEU C 228 -11.15 -28.57 -1.60
C LEU C 228 -11.31 -29.86 -0.77
N THR C 229 -10.19 -30.53 -0.44
CA THR C 229 -10.15 -31.75 0.38
C THR C 229 -10.65 -31.54 1.82
N ASP C 230 -10.70 -30.27 2.30
CA ASP C 230 -11.12 -29.88 3.65
C ASP C 230 -12.38 -30.58 4.12
N PRO C 231 -12.36 -31.12 5.35
CA PRO C 231 -13.53 -31.88 5.83
C PRO C 231 -14.76 -31.04 6.19
N ILE C 232 -15.95 -31.62 6.09
CA ILE C 232 -17.17 -30.94 6.50
C ILE C 232 -17.27 -30.95 8.03
N GLN C 233 -17.61 -29.79 8.61
CA GLN C 233 -17.68 -29.53 10.04
C GLN C 233 -18.70 -30.37 10.80
N GLY C 234 -19.86 -30.60 10.19
CA GLY C 234 -20.92 -31.35 10.85
C GLY C 234 -21.43 -32.57 10.14
N THR C 235 -22.26 -33.34 10.86
CA THR C 235 -22.95 -34.52 10.34
C THR C 235 -23.94 -34.09 9.24
N GLU C 236 -24.24 -34.98 8.27
CA GLU C 236 -25.21 -34.63 7.23
C GLU C 236 -26.65 -35.06 7.59
N TYR C 237 -26.94 -35.13 8.90
CA TYR C 237 -28.24 -35.52 9.41
C TYR C 237 -28.64 -34.61 10.57
N SER C 238 -28.62 -33.30 10.35
CA SER C 238 -29.05 -32.37 11.39
C SER C 238 -30.20 -31.48 10.92
N ALA C 239 -30.92 -30.84 11.85
CA ALA C 239 -31.99 -29.91 11.48
C ALA C 239 -31.36 -28.57 11.08
N GLU C 240 -30.31 -28.63 10.24
CA GLU C 240 -29.54 -27.53 9.68
C GLU C 240 -28.87 -28.06 8.43
N SER C 241 -28.19 -29.23 8.53
CA SER C 241 -27.57 -29.91 7.38
C SER C 241 -28.63 -30.56 6.45
N LEU C 242 -29.90 -30.59 6.86
CA LEU C 242 -30.97 -31.10 6.04
C LEU C 242 -31.77 -29.92 5.51
N VAL C 243 -32.06 -28.93 6.35
CA VAL C 243 -32.82 -27.75 5.96
C VAL C 243 -32.06 -26.96 4.89
N ARG C 244 -30.74 -26.74 5.10
CA ARG C 244 -29.86 -26.00 4.18
C ARG C 244 -29.70 -26.72 2.87
N ASN C 245 -29.60 -28.05 2.90
CA ASN C 245 -29.40 -28.87 1.71
C ASN C 245 -30.66 -29.57 1.23
N LEU C 246 -31.85 -29.04 1.57
CA LEU C 246 -33.11 -29.68 1.17
C LEU C 246 -33.33 -29.61 -0.34
N GLN C 247 -33.12 -28.42 -0.92
CA GLN C 247 -33.35 -28.19 -2.33
C GLN C 247 -32.38 -28.98 -3.22
N TRP C 248 -31.10 -29.12 -2.80
CA TRP C 248 -30.11 -29.90 -3.55
C TRP C 248 -30.51 -31.39 -3.61
N ALA C 249 -31.06 -31.91 -2.51
CA ALA C 249 -31.47 -33.30 -2.42
C ALA C 249 -32.61 -33.63 -3.40
N LYS C 250 -33.50 -32.65 -3.63
CA LYS C 250 -34.63 -32.80 -4.53
C LYS C 250 -34.24 -32.84 -6.01
N ALA C 251 -33.17 -32.12 -6.39
CA ALA C 251 -32.69 -32.11 -7.77
C ALA C 251 -31.79 -33.28 -8.14
N HIS C 252 -31.87 -34.38 -7.37
CA HIS C 252 -31.14 -35.62 -7.61
C HIS C 252 -32.09 -36.85 -7.64
N GLU C 253 -33.41 -36.62 -7.66
CA GLU C 253 -34.44 -37.64 -7.65
C GLU C 253 -34.70 -38.27 -9.00
N LEU C 254 -34.02 -39.39 -9.28
CA LEU C 254 -34.22 -40.14 -10.51
C LEU C 254 -35.52 -40.95 -10.36
N PRO C 255 -36.33 -41.07 -11.42
CA PRO C 255 -37.56 -41.86 -11.31
C PRO C 255 -37.31 -43.33 -11.03
N GLU C 256 -38.27 -43.95 -10.37
CA GLU C 256 -38.22 -45.36 -9.99
C GLU C 256 -38.37 -46.23 -11.22
N SER C 257 -37.63 -47.34 -11.28
CA SER C 257 -37.68 -48.28 -12.40
C SER C 257 -39.11 -48.79 -12.64
N MET C 258 -39.78 -48.25 -13.68
CA MET C 258 -41.16 -48.58 -14.05
C MET C 258 -41.30 -49.96 -14.66
N CYS C 259 -42.33 -50.70 -14.23
CA CYS C 259 -42.60 -52.02 -14.80
C CYS C 259 -43.68 -51.93 -15.89
N LEU C 260 -43.44 -52.54 -17.06
CA LEU C 260 -44.41 -52.45 -18.16
C LEU C 260 -45.08 -53.78 -18.54
N LYS C 261 -46.40 -53.73 -18.66
CA LYS C 261 -47.26 -54.85 -19.02
C LYS C 261 -47.20 -55.14 -20.52
N ILE C 268 -41.68 -55.39 -20.84
CA ILE C 268 -40.88 -54.16 -21.00
C ILE C 268 -40.47 -53.59 -19.65
N GLN C 269 -39.21 -53.13 -19.53
CA GLN C 269 -38.76 -52.52 -18.29
C GLN C 269 -38.19 -51.13 -18.54
N LEU C 270 -38.65 -50.12 -17.80
CA LEU C 270 -38.15 -48.76 -17.97
C LEU C 270 -37.07 -48.41 -16.94
N GLY C 271 -35.89 -48.03 -17.42
CA GLY C 271 -34.80 -47.65 -16.55
C GLY C 271 -34.54 -46.15 -16.56
N PHE C 272 -33.95 -45.63 -15.48
CA PHE C 272 -33.70 -44.19 -15.37
C PHE C 272 -32.30 -43.88 -14.88
N ALA C 273 -31.48 -43.24 -15.71
CA ALA C 273 -30.11 -42.89 -15.36
C ALA C 273 -29.87 -41.39 -15.42
N ALA C 274 -29.00 -40.87 -14.54
CA ALA C 274 -28.68 -39.45 -14.53
C ALA C 274 -27.28 -39.17 -15.11
N GLU C 275 -27.23 -38.35 -16.16
CA GLU C 275 -25.97 -37.99 -16.78
C GLU C 275 -25.50 -36.63 -16.18
N PHE C 276 -26.41 -35.68 -16.11
CA PHE C 276 -26.22 -34.35 -15.56
C PHE C 276 -27.50 -34.01 -14.78
N SER C 277 -27.46 -33.00 -13.89
CA SER C 277 -28.66 -32.62 -13.14
C SER C 277 -29.85 -32.21 -14.04
N ASN C 278 -29.58 -31.92 -15.32
CA ASN C 278 -30.64 -31.60 -16.29
C ASN C 278 -30.64 -32.53 -17.51
N VAL C 279 -29.89 -33.64 -17.46
CA VAL C 279 -29.78 -34.60 -18.55
C VAL C 279 -30.03 -36.02 -18.02
N MET C 280 -31.17 -36.59 -18.41
CA MET C 280 -31.58 -37.93 -18.06
C MET C 280 -31.35 -38.89 -19.23
N ILE C 281 -31.34 -40.19 -18.97
CA ILE C 281 -31.16 -41.20 -20.01
C ILE C 281 -32.03 -42.40 -19.66
N ILE C 282 -33.08 -42.64 -20.45
CA ILE C 282 -34.00 -43.77 -20.25
C ILE C 282 -33.59 -44.96 -21.09
N TYR C 283 -34.01 -46.16 -20.67
CA TYR C 283 -33.70 -47.37 -21.41
C TYR C 283 -34.78 -48.43 -21.25
N THR C 284 -35.35 -48.87 -22.37
CA THR C 284 -36.36 -49.90 -22.37
C THR C 284 -35.70 -51.26 -22.50
N SER C 285 -36.17 -52.24 -21.72
CA SER C 285 -35.59 -53.58 -21.76
C SER C 285 -36.62 -54.65 -22.19
N ILE C 286 -36.15 -55.70 -22.88
CA ILE C 286 -37.00 -56.83 -23.26
C ILE C 286 -37.00 -57.74 -22.06
N VAL C 287 -38.06 -57.68 -21.24
CA VAL C 287 -38.16 -58.48 -20.02
C VAL C 287 -37.95 -59.99 -20.27
N PRO C 291 -42.75 -67.32 -26.17
CA PRO C 291 -42.65 -68.47 -27.07
C PRO C 291 -43.63 -68.41 -28.24
N GLU C 292 -44.82 -67.81 -28.03
CA GLU C 292 -45.80 -67.68 -29.12
C GLU C 292 -45.62 -66.39 -29.96
N ILE C 293 -44.72 -65.48 -29.53
CA ILE C 293 -44.43 -64.23 -30.23
C ILE C 293 -43.16 -64.43 -31.06
N ILE C 294 -43.23 -64.12 -32.36
CA ILE C 294 -42.10 -64.24 -33.28
C ILE C 294 -41.13 -63.07 -33.10
N MET C 295 -41.67 -61.85 -33.00
CA MET C 295 -40.87 -60.64 -32.83
C MET C 295 -41.67 -59.53 -32.16
N CYS C 296 -41.01 -58.68 -31.38
CA CYS C 296 -41.66 -57.54 -30.73
C CYS C 296 -40.72 -56.34 -30.68
N ASP C 297 -41.29 -55.14 -30.71
CA ASP C 297 -40.51 -53.92 -30.70
C ASP C 297 -40.89 -53.01 -29.55
N ALA C 298 -39.89 -52.41 -28.90
CA ALA C 298 -40.15 -51.47 -27.82
C ALA C 298 -39.72 -50.10 -28.33
N TYR C 299 -40.63 -49.11 -28.28
CA TYR C 299 -40.33 -47.75 -28.75
C TYR C 299 -40.84 -46.71 -27.75
N VAL C 300 -40.24 -45.51 -27.76
CA VAL C 300 -40.64 -44.45 -26.82
C VAL C 300 -40.97 -43.20 -27.63
N THR C 301 -42.18 -42.63 -27.42
CA THR C 301 -42.67 -41.47 -28.18
C THR C 301 -43.53 -40.50 -27.29
N ASP C 302 -44.25 -39.51 -27.89
CA ASP C 302 -45.13 -38.56 -27.23
C ASP C 302 -44.45 -37.72 -26.15
N PHE C 303 -43.17 -37.39 -26.35
CA PHE C 303 -42.42 -36.60 -25.39
C PHE C 303 -42.87 -35.15 -25.43
N PRO C 304 -42.91 -34.46 -24.27
CA PRO C 304 -43.35 -33.05 -24.26
C PRO C 304 -42.59 -32.17 -25.24
N LEU C 305 -43.29 -31.28 -25.94
CA LEU C 305 -42.67 -30.44 -26.96
C LEU C 305 -41.62 -29.46 -26.41
N ASP C 306 -41.54 -29.27 -25.07
CA ASP C 306 -40.57 -28.38 -24.42
C ASP C 306 -39.13 -28.88 -24.57
N LEU C 307 -38.91 -30.18 -24.34
CA LEU C 307 -37.58 -30.79 -24.42
C LEU C 307 -36.97 -30.78 -25.81
N ASP C 308 -37.79 -30.59 -26.86
CA ASP C 308 -37.38 -30.52 -28.27
C ASP C 308 -36.42 -31.63 -28.69
N ILE C 309 -36.89 -32.89 -28.60
CA ILE C 309 -36.10 -34.07 -28.98
C ILE C 309 -36.41 -34.45 -30.43
N ASP C 310 -35.44 -35.05 -31.15
CA ASP C 310 -35.68 -35.48 -32.53
C ASP C 310 -35.71 -37.01 -32.60
N PRO C 311 -36.69 -37.59 -33.31
CA PRO C 311 -36.79 -39.06 -33.37
C PRO C 311 -35.55 -39.77 -33.90
N LYS C 312 -34.75 -39.08 -34.72
CA LYS C 312 -33.49 -39.63 -35.24
C LYS C 312 -32.50 -39.87 -34.10
N ASP C 313 -32.51 -38.99 -33.07
CA ASP C 313 -31.64 -39.12 -31.90
C ASP C 313 -32.26 -39.94 -30.74
N ALA C 314 -33.54 -40.33 -30.86
CA ALA C 314 -34.24 -41.11 -29.84
C ALA C 314 -34.31 -42.61 -30.18
N ASN C 315 -34.49 -43.47 -29.16
CA ASN C 315 -34.58 -44.92 -29.27
C ASN C 315 -33.35 -45.58 -29.86
N LYS C 316 -32.18 -44.96 -29.67
CA LYS C 316 -30.94 -45.49 -30.20
C LYS C 316 -30.53 -46.82 -29.55
N GLY C 317 -29.70 -47.60 -30.24
CA GLY C 317 -29.26 -48.91 -29.78
C GLY C 317 -28.34 -48.91 -28.57
N THR C 318 -27.35 -48.02 -28.56
CA THR C 318 -26.37 -47.87 -27.48
C THR C 318 -26.36 -46.41 -26.95
N PRO C 319 -25.87 -46.14 -25.71
CA PRO C 319 -25.89 -44.75 -25.20
C PRO C 319 -25.06 -43.77 -26.04
N GLU C 320 -23.92 -44.23 -26.58
CA GLU C 320 -23.06 -43.40 -27.43
C GLU C 320 -23.79 -42.90 -28.68
N GLU C 321 -24.82 -43.63 -29.14
CA GLU C 321 -25.62 -43.22 -30.29
C GLU C 321 -26.57 -42.04 -29.99
N THR C 322 -26.66 -41.59 -28.71
CA THR C 322 -27.51 -40.45 -28.32
C THR C 322 -26.74 -39.20 -27.92
N GLY C 323 -25.41 -39.26 -27.90
CA GLY C 323 -24.55 -38.14 -27.54
C GLY C 323 -24.27 -38.04 -26.06
N SER C 324 -24.12 -39.19 -25.41
CA SER C 324 -23.91 -39.27 -23.97
C SER C 324 -22.53 -39.81 -23.56
N TYR C 325 -22.21 -39.65 -22.27
CA TYR C 325 -20.99 -40.19 -21.69
C TYR C 325 -21.30 -41.63 -21.24
N LEU C 326 -20.35 -42.54 -21.44
CA LEU C 326 -20.46 -43.96 -21.10
C LEU C 326 -21.66 -44.63 -21.75
N HIS C 334 -28.58 -55.15 -23.15
CA HIS C 334 -29.24 -54.77 -24.41
C HIS C 334 -30.54 -54.01 -24.18
N CYS C 335 -30.50 -52.70 -24.43
CA CYS C 335 -31.66 -51.83 -24.23
C CYS C 335 -31.82 -50.82 -25.40
N LEU C 336 -32.90 -50.04 -25.38
CA LEU C 336 -33.09 -48.96 -26.34
C LEU C 336 -32.99 -47.67 -25.54
N TYR C 337 -31.86 -46.95 -25.71
CA TYR C 337 -31.52 -45.74 -24.94
C TYR C 337 -32.01 -44.41 -25.53
N THR C 338 -32.58 -43.55 -24.67
CA THR C 338 -33.05 -42.23 -25.06
C THR C 338 -32.49 -41.16 -24.13
N ARG C 339 -31.74 -40.20 -24.69
CA ARG C 339 -31.17 -39.12 -23.91
C ARG C 339 -32.18 -37.99 -23.75
N LEU C 340 -32.82 -37.91 -22.58
CA LEU C 340 -33.76 -36.87 -22.23
C LEU C 340 -33.01 -35.64 -21.69
N SER C 341 -32.42 -34.81 -22.55
CA SER C 341 -31.67 -33.63 -22.11
C SER C 341 -32.58 -32.42 -21.78
N SER C 342 -31.99 -31.24 -21.48
CA SER C 342 -32.66 -29.98 -21.13
C SER C 342 -33.91 -30.16 -20.27
N LEU C 343 -33.80 -30.98 -19.22
CA LEU C 343 -34.87 -31.24 -18.25
C LEU C 343 -35.38 -29.97 -17.55
N GLN C 344 -34.58 -28.89 -17.55
CA GLN C 344 -34.97 -27.61 -16.94
C GLN C 344 -36.13 -26.98 -17.69
N LYS C 345 -36.22 -27.19 -19.02
CA LYS C 345 -37.29 -26.65 -19.86
C LYS C 345 -38.65 -27.33 -19.63
N LEU C 346 -38.68 -28.48 -18.92
CA LEU C 346 -39.90 -29.24 -18.64
C LEU C 346 -40.93 -28.51 -17.80
N LYS C 347 -42.11 -28.27 -18.39
CA LYS C 347 -43.21 -27.61 -17.69
C LYS C 347 -44.25 -28.65 -17.26
N GLU C 348 -44.18 -29.07 -15.98
CA GLU C 348 -45.11 -30.01 -15.33
C GLU C 348 -45.14 -31.45 -15.86
N HIS C 349 -44.52 -32.36 -15.10
CA HIS C 349 -44.47 -33.82 -15.25
C HIS C 349 -44.08 -34.37 -16.62
N LEU C 350 -43.19 -35.37 -16.62
CA LEU C 350 -42.72 -36.00 -17.83
C LEU C 350 -43.58 -37.21 -18.13
N VAL C 351 -44.38 -37.11 -19.18
CA VAL C 351 -45.29 -38.18 -19.61
C VAL C 351 -44.94 -38.58 -21.04
N PHE C 352 -44.71 -39.87 -21.27
CA PHE C 352 -44.39 -40.36 -22.61
C PHE C 352 -45.01 -41.73 -22.89
N THR C 353 -45.18 -42.06 -24.18
CA THR C 353 -45.76 -43.32 -24.63
C THR C 353 -44.72 -44.40 -24.86
N VAL C 354 -45.03 -45.62 -24.41
CA VAL C 354 -44.17 -46.76 -24.67
C VAL C 354 -44.90 -47.64 -25.69
N CYS C 355 -44.53 -47.47 -26.97
CA CYS C 355 -45.12 -48.22 -28.06
C CYS C 355 -44.61 -49.66 -28.09
N LEU C 356 -45.51 -50.59 -28.40
CA LEU C 356 -45.18 -52.00 -28.45
C LEU C 356 -45.76 -52.59 -29.73
N SER C 357 -44.90 -52.84 -30.72
CA SER C 357 -45.31 -53.41 -31.99
C SER C 357 -44.89 -54.89 -32.00
N TYR C 358 -45.84 -55.80 -31.74
CA TYR C 358 -45.57 -57.24 -31.67
C TYR C 358 -46.19 -58.06 -32.82
N GLN C 359 -45.70 -59.30 -33.01
CA GLN C 359 -46.13 -60.22 -34.06
C GLN C 359 -46.27 -61.64 -33.48
N TYR C 360 -47.47 -62.26 -33.57
CA TYR C 360 -47.70 -63.60 -33.03
C TYR C 360 -47.05 -64.69 -33.88
N LEU C 363 -48.26 -66.21 -37.20
CA LEU C 363 -49.29 -65.27 -37.64
C LEU C 363 -48.71 -64.07 -38.41
N GLU C 364 -49.38 -63.67 -39.49
CA GLU C 364 -48.96 -62.52 -40.30
C GLU C 364 -49.40 -61.16 -39.73
N ASP C 365 -50.34 -61.17 -38.76
CA ASP C 365 -50.83 -59.93 -38.12
C ASP C 365 -49.75 -59.31 -37.22
N THR C 366 -49.81 -57.99 -37.06
CA THR C 366 -48.89 -57.22 -36.22
C THR C 366 -49.71 -56.16 -35.48
N VAL C 367 -49.71 -56.20 -34.14
CA VAL C 367 -50.50 -55.26 -33.35
C VAL C 367 -49.64 -54.17 -32.67
N GLU C 368 -50.23 -52.98 -32.49
CA GLU C 368 -49.52 -51.87 -31.87
C GLU C 368 -50.23 -51.40 -30.58
N ASP C 369 -49.51 -51.42 -29.45
CA ASP C 369 -50.09 -50.97 -28.18
C ASP C 369 -49.39 -49.70 -27.64
N LYS C 370 -50.19 -48.78 -27.07
CA LYS C 370 -49.70 -47.51 -26.52
C LYS C 370 -50.11 -47.34 -25.04
N GLN C 371 -49.10 -47.34 -24.14
CA GLN C 371 -49.30 -47.16 -22.69
C GLN C 371 -48.62 -45.87 -22.23
N GLU C 372 -49.41 -44.91 -21.70
CA GLU C 372 -48.89 -43.63 -21.24
C GLU C 372 -48.20 -43.71 -19.86
N VAL C 373 -46.86 -43.59 -19.84
CA VAL C 373 -46.02 -43.66 -18.64
C VAL C 373 -45.70 -42.28 -18.10
N ASN C 374 -46.18 -41.97 -16.88
CA ASN C 374 -45.85 -40.70 -16.24
C ASN C 374 -44.72 -40.99 -15.27
N VAL C 375 -43.62 -40.24 -15.37
CA VAL C 375 -42.48 -40.44 -14.48
C VAL C 375 -42.26 -39.28 -13.50
N GLY C 376 -43.13 -38.26 -13.52
CA GLY C 376 -43.04 -37.13 -12.61
C GLY C 376 -42.04 -36.09 -13.04
N LYS C 377 -41.51 -35.31 -12.08
CA LYS C 377 -40.52 -34.27 -12.33
C LYS C 377 -39.13 -34.74 -11.87
N PRO C 378 -38.31 -35.26 -12.81
CA PRO C 378 -37.00 -35.80 -12.41
C PRO C 378 -35.85 -34.80 -12.38
N LEU C 379 -34.87 -35.06 -11.51
CA LEU C 379 -33.66 -34.26 -11.34
C LEU C 379 -33.99 -32.74 -11.20
N ILE C 380 -33.35 -31.83 -11.96
CA ILE C 380 -33.59 -30.39 -11.85
C ILE C 380 -35.06 -30.00 -12.02
N ALA C 381 -35.85 -30.75 -12.82
CA ALA C 381 -37.28 -30.43 -13.04
C ALA C 381 -38.11 -30.42 -11.75
N LYS C 382 -37.69 -31.18 -10.71
CA LYS C 382 -38.32 -31.18 -9.40
C LYS C 382 -38.29 -29.74 -8.80
N LEU C 383 -37.24 -28.95 -9.14
CA LEU C 383 -37.09 -27.57 -8.71
C LEU C 383 -37.89 -26.64 -9.64
N GLN D 5 27.86 2.16 20.88
CA GLN D 5 26.85 2.31 19.83
C GLN D 5 25.82 3.39 20.19
N PRO D 6 25.01 3.30 21.30
CA PRO D 6 24.14 4.45 21.65
C PRO D 6 25.02 5.63 22.12
N LEU D 7 24.74 6.86 21.65
CA LEU D 7 25.59 8.00 21.99
C LEU D 7 24.98 8.98 22.99
N ALA D 8 25.83 9.66 23.77
CA ALA D 8 25.38 10.64 24.74
C ALA D 8 25.64 12.05 24.23
N LYS D 9 24.62 12.93 24.16
CA LYS D 9 24.82 14.32 23.71
C LYS D 9 25.86 15.06 24.59
N ASP D 10 25.92 14.70 25.88
CA ASP D 10 26.86 15.19 26.86
C ASP D 10 26.61 14.44 28.16
N LYS D 11 27.66 14.15 28.94
CA LYS D 11 27.50 13.42 30.18
C LYS D 11 27.79 14.27 31.38
N VAL D 12 26.73 14.75 32.06
CA VAL D 12 26.91 15.59 33.25
C VAL D 12 26.44 14.86 34.51
N ALA D 13 27.02 15.18 35.68
CA ALA D 13 26.63 14.53 36.92
C ALA D 13 26.74 15.47 38.14
N LEU D 14 25.90 15.25 39.18
CA LEU D 14 25.90 16.08 40.39
C LEU D 14 26.00 15.20 41.59
N LEU D 15 26.96 15.49 42.47
CA LEU D 15 27.18 14.72 43.68
C LEU D 15 27.04 15.64 44.89
N ILE D 16 26.24 15.23 45.88
CA ILE D 16 26.00 15.98 47.11
C ILE D 16 26.27 15.06 48.32
N GLY D 17 27.07 15.54 49.26
CA GLY D 17 27.43 14.77 50.44
C GLY D 17 27.23 15.51 51.75
N ASN D 18 26.10 15.26 52.43
CA ASN D 18 25.78 15.91 53.70
C ASN D 18 26.20 15.06 54.87
N MET D 19 26.93 15.67 55.82
CA MET D 19 27.45 14.98 57.01
C MET D 19 27.25 15.81 58.30
N ASN D 20 27.54 17.11 58.22
CA ASN D 20 27.50 18.03 59.35
C ASN D 20 26.08 18.54 59.65
N TYR D 21 25.28 17.73 60.35
CA TYR D 21 23.89 18.07 60.68
C TYR D 21 23.72 18.82 62.01
N ARG D 22 23.14 20.03 61.96
CA ARG D 22 22.98 20.89 63.13
C ARG D 22 21.96 20.41 64.15
N GLU D 23 21.06 19.46 63.78
CA GLU D 23 20.06 18.92 64.71
C GLU D 23 19.83 17.38 64.59
N HIS D 24 20.56 16.73 63.68
CA HIS D 24 20.47 15.29 63.48
C HIS D 24 21.86 14.64 63.68
N PRO D 25 21.94 13.29 63.85
CA PRO D 25 23.25 12.67 64.04
C PRO D 25 24.18 12.90 62.84
N LYS D 26 25.48 13.02 63.09
CA LYS D 26 26.43 13.29 62.01
C LYS D 26 26.95 12.00 61.34
N LEU D 27 27.20 12.08 60.01
CA LEU D 27 27.73 10.97 59.21
C LEU D 27 29.18 11.30 58.79
N LYS D 28 29.96 10.29 58.40
CA LYS D 28 31.36 10.51 58.06
C LYS D 28 31.72 10.06 56.64
N ALA D 29 31.17 8.92 56.23
CA ALA D 29 31.47 8.34 54.92
C ALA D 29 31.03 9.17 53.68
N PRO D 30 29.95 9.99 53.66
CA PRO D 30 29.61 10.72 52.43
C PRO D 30 30.76 11.50 51.78
N LEU D 31 31.77 11.94 52.56
CA LEU D 31 32.96 12.62 52.05
C LEU D 31 33.70 11.65 51.12
N VAL D 32 34.04 10.47 51.62
CA VAL D 32 34.77 9.44 50.89
C VAL D 32 33.98 8.94 49.70
N ASP D 33 32.69 8.64 49.87
CA ASP D 33 31.87 8.14 48.77
C ASP D 33 31.75 9.20 47.65
N VAL D 34 31.59 10.49 48.01
CA VAL D 34 31.50 11.55 47.00
C VAL D 34 32.84 11.68 46.25
N TYR D 35 33.95 11.72 46.99
CA TYR D 35 35.29 11.79 46.44
C TYR D 35 35.57 10.59 45.51
N GLU D 36 35.37 9.34 46.01
CA GLU D 36 35.57 8.09 45.28
C GLU D 36 34.73 7.98 43.99
N LEU D 37 33.43 8.32 44.08
CA LEU D 37 32.56 8.25 42.90
C LEU D 37 32.98 9.32 41.90
N THR D 38 33.36 10.53 42.38
CA THR D 38 33.82 11.64 41.53
C THR D 38 34.95 11.20 40.58
N ASN D 39 35.97 10.47 41.09
CA ASN D 39 37.05 9.97 40.25
C ASN D 39 36.55 8.96 39.21
N LEU D 40 35.74 7.98 39.63
CA LEU D 40 35.23 6.99 38.68
C LEU D 40 34.35 7.62 37.61
N LEU D 41 33.46 8.53 38.00
CA LEU D 41 32.58 9.20 37.05
C LEU D 41 33.36 10.06 36.08
N ARG D 42 34.43 10.71 36.55
CA ARG D 42 35.28 11.53 35.68
C ARG D 42 36.05 10.67 34.68
N GLN D 43 36.43 9.42 35.08
CA GLN D 43 37.10 8.45 34.19
C GLN D 43 36.18 8.05 33.02
N LEU D 44 34.87 7.96 33.29
CA LEU D 44 33.86 7.67 32.29
C LEU D 44 33.48 8.94 31.51
N ASP D 45 34.37 9.96 31.46
CA ASP D 45 34.27 11.24 30.77
C ASP D 45 33.04 12.07 31.14
N PHE D 46 32.62 11.99 32.43
CA PHE D 46 31.49 12.78 32.92
C PHE D 46 31.98 14.10 33.50
N LYS D 47 31.31 15.21 33.17
CA LYS D 47 31.62 16.53 33.72
C LYS D 47 30.92 16.52 35.09
N VAL D 48 31.70 16.42 36.20
CA VAL D 48 31.12 16.25 37.54
C VAL D 48 31.30 17.42 38.49
N VAL D 49 30.25 17.72 39.27
CA VAL D 49 30.31 18.75 40.33
C VAL D 49 30.07 18.05 41.65
N SER D 50 31.08 18.03 42.51
CA SER D 50 30.98 17.35 43.80
C SER D 50 30.92 18.35 44.97
N LEU D 51 29.75 18.44 45.61
CA LEU D 51 29.57 19.36 46.72
C LEU D 51 29.32 18.64 48.04
N LEU D 52 29.83 19.20 49.15
CA LEU D 52 29.70 18.64 50.49
C LEU D 52 28.98 19.61 51.40
N ASP D 53 28.24 19.07 52.39
CA ASP D 53 27.51 19.80 53.43
C ASP D 53 26.73 21.02 52.92
N LEU D 54 25.74 20.79 52.05
CA LEU D 54 24.93 21.89 51.53
C LEU D 54 23.64 22.07 52.33
N THR D 55 23.22 23.34 52.49
CA THR D 55 22.00 23.66 53.22
C THR D 55 20.85 23.74 52.22
N GLU D 56 19.61 23.66 52.68
CA GLU D 56 18.42 23.70 51.84
C GLU D 56 18.46 24.76 50.71
N TYR D 57 18.96 25.98 50.98
CA TYR D 57 19.03 27.01 49.94
C TYR D 57 20.08 26.63 48.88
N GLU D 58 21.27 26.21 49.34
CA GLU D 58 22.40 25.79 48.51
C GLU D 58 22.05 24.59 47.68
N MET D 59 21.34 23.61 48.28
CA MET D 59 20.92 22.41 47.57
C MET D 59 19.94 22.76 46.45
N ARG D 60 18.93 23.59 46.72
CA ARG D 60 17.96 24.02 45.73
C ARG D 60 18.60 24.81 44.58
N ASN D 61 19.72 25.52 44.85
CA ASN D 61 20.44 26.25 43.81
C ASN D 61 21.32 25.28 43.00
N ALA D 62 22.00 24.35 43.70
CA ALA D 62 22.86 23.35 43.07
C ALA D 62 22.06 22.50 42.10
N VAL D 63 20.85 22.08 42.49
CA VAL D 63 20.02 21.29 41.61
C VAL D 63 19.48 22.15 40.45
N ASP D 64 19.13 23.43 40.72
CA ASP D 64 18.64 24.40 39.73
C ASP D 64 19.64 24.61 38.59
N GLU D 65 20.94 24.72 38.93
CA GLU D 65 21.96 24.90 37.91
C GLU D 65 22.40 23.57 37.26
N PHE D 66 22.08 22.42 37.85
CA PHE D 66 22.35 21.11 37.23
C PHE D 66 21.34 20.94 36.10
N LEU D 67 20.07 21.25 36.36
CA LEU D 67 19.03 21.12 35.33
C LEU D 67 19.32 22.04 34.14
N LEU D 68 19.96 23.20 34.35
CA LEU D 68 20.29 24.13 33.25
C LEU D 68 21.41 23.60 32.32
N LEU D 69 22.35 22.82 32.88
CA LEU D 69 23.43 22.18 32.12
C LEU D 69 22.87 21.01 31.21
N LEU D 70 21.69 20.45 31.56
CA LEU D 70 21.05 19.37 30.80
C LEU D 70 20.37 19.93 29.54
N ASP D 71 20.10 19.03 28.57
CA ASP D 71 19.44 19.30 27.28
C ASP D 71 19.05 17.95 26.61
N LYS D 72 18.38 17.99 25.43
CA LYS D 72 18.00 16.79 24.69
C LYS D 72 19.19 15.87 24.44
N GLY D 73 19.10 14.63 24.91
CA GLY D 73 20.14 13.64 24.67
C GLY D 73 21.18 13.52 25.76
N VAL D 74 21.32 14.57 26.59
CA VAL D 74 22.26 14.63 27.70
C VAL D 74 21.98 13.55 28.74
N TYR D 75 23.03 12.89 29.23
CA TYR D 75 22.93 11.87 30.26
C TYR D 75 23.09 12.63 31.58
N GLY D 76 22.12 12.51 32.47
CA GLY D 76 22.17 13.20 33.77
C GLY D 76 22.14 12.29 34.97
N LEU D 77 23.24 12.26 35.72
CA LEU D 77 23.33 11.44 36.92
C LEU D 77 23.30 12.32 38.16
N LEU D 78 22.66 11.84 39.23
CA LEU D 78 22.60 12.57 40.48
C LEU D 78 22.81 11.59 41.62
N TYR D 79 23.87 11.84 42.39
CA TYR D 79 24.17 11.02 43.54
C TYR D 79 23.94 11.83 44.80
N TYR D 80 23.31 11.21 45.81
CA TYR D 80 23.08 11.83 47.09
C TYR D 80 23.54 10.88 48.19
N ALA D 81 24.40 11.36 49.10
CA ALA D 81 24.92 10.59 50.21
C ALA D 81 24.68 11.36 51.50
N GLY D 82 23.71 10.91 52.28
CA GLY D 82 23.38 11.55 53.55
C GLY D 82 22.02 11.18 54.11
N HIS D 83 21.49 12.01 55.01
CA HIS D 83 20.17 11.78 55.62
C HIS D 83 19.02 11.92 54.62
N GLY D 84 18.04 11.02 54.73
CA GLY D 84 16.88 11.03 53.86
C GLY D 84 15.70 10.25 54.39
N TYR D 85 14.54 10.37 53.69
CA TYR D 85 13.30 9.67 54.08
C TYR D 85 12.33 9.46 52.94
N GLU D 86 11.46 8.46 53.09
CA GLU D 86 10.48 8.15 52.08
C GLU D 86 9.04 8.19 52.62
N ASN D 87 8.23 9.10 52.05
CA ASN D 87 6.84 9.27 52.44
C ASN D 87 5.91 9.01 51.25
N PHE D 88 5.21 7.86 51.28
CA PHE D 88 4.28 7.41 50.24
C PHE D 88 4.95 7.20 48.87
N GLY D 89 6.07 6.49 48.85
CA GLY D 89 6.79 6.22 47.62
C GLY D 89 7.55 7.39 47.01
N ASN D 90 7.63 8.51 47.78
CA ASN D 90 8.35 9.72 47.38
C ASN D 90 9.61 9.84 48.23
N SER D 91 10.77 10.02 47.59
CA SER D 91 12.03 10.11 48.30
C SER D 91 12.43 11.55 48.55
N PHE D 92 13.09 11.79 49.68
CA PHE D 92 13.50 13.14 50.07
C PHE D 92 14.92 13.17 50.57
N MET D 93 15.64 14.24 50.27
CA MET D 93 17.00 14.40 50.75
C MET D 93 17.02 15.48 51.81
N VAL D 94 17.56 15.13 52.99
CA VAL D 94 17.66 16.03 54.14
C VAL D 94 18.92 16.88 54.13
N PRO D 95 18.78 18.21 54.00
CA PRO D 95 19.98 19.07 54.05
C PRO D 95 20.57 19.27 55.47
N VAL D 96 21.84 19.72 55.58
CA VAL D 96 22.53 19.86 56.87
C VAL D 96 21.89 20.83 57.87
N ASP D 97 21.13 21.82 57.37
CA ASP D 97 20.46 22.81 58.22
C ASP D 97 19.11 22.32 58.77
N ALA D 98 18.50 21.29 58.14
CA ALA D 98 17.18 20.77 58.51
C ALA D 98 16.96 20.58 60.00
N PRO D 99 15.89 21.20 60.53
CA PRO D 99 15.63 21.12 61.98
C PRO D 99 15.14 19.75 62.45
N ASN D 100 14.93 19.59 63.76
CA ASN D 100 14.45 18.35 64.35
C ASN D 100 13.28 18.64 65.26
N PRO D 101 12.06 18.26 64.89
CA PRO D 101 11.69 17.53 63.66
C PRO D 101 11.49 18.44 62.46
N TYR D 102 11.54 17.86 61.27
CA TYR D 102 11.42 18.58 60.02
C TYR D 102 10.22 18.10 59.20
N ARG D 103 9.78 18.93 58.25
CA ARG D 103 8.70 18.60 57.33
C ARG D 103 9.27 18.56 55.87
N SER D 104 8.40 18.35 54.86
CA SER D 104 8.81 18.29 53.46
C SER D 104 9.25 19.66 52.91
N GLU D 105 8.91 20.76 53.60
CA GLU D 105 9.31 22.11 53.17
C GLU D 105 10.82 22.30 53.28
N ASN D 106 11.45 21.63 54.26
CA ASN D 106 12.89 21.70 54.49
C ASN D 106 13.71 20.76 53.63
N CYS D 107 13.08 19.76 53.00
CA CYS D 107 13.82 18.79 52.19
C CYS D 107 13.63 18.97 50.68
N LEU D 108 14.49 18.34 49.88
CA LEU D 108 14.36 18.37 48.43
C LEU D 108 13.74 17.04 47.99
N CYS D 109 12.80 17.07 47.05
CA CYS D 109 12.14 15.86 46.56
C CYS D 109 12.79 15.29 45.34
N VAL D 110 13.20 14.03 45.41
CA VAL D 110 13.81 13.35 44.29
C VAL D 110 12.86 13.27 43.09
N GLN D 111 11.58 12.97 43.35
CA GLN D 111 10.55 12.89 42.32
C GLN D 111 10.32 14.25 41.63
N ASN D 112 10.50 15.36 42.36
CA ASN D 112 10.32 16.69 41.79
C ASN D 112 11.46 17.05 40.85
N ILE D 113 12.68 16.56 41.13
CA ILE D 113 13.86 16.78 40.28
C ILE D 113 13.74 15.97 38.96
N LEU D 114 13.06 14.81 39.01
CA LEU D 114 12.86 13.98 37.84
C LEU D 114 11.86 14.63 36.87
N LYS D 115 10.87 15.39 37.38
CA LYS D 115 9.92 16.07 36.49
C LYS D 115 10.66 17.10 35.65
N LEU D 116 11.62 17.82 36.28
CA LEU D 116 12.45 18.84 35.64
C LEU D 116 13.52 18.25 34.74
N MET D 117 14.03 17.05 35.07
CA MET D 117 15.02 16.36 34.24
C MET D 117 14.34 15.92 32.93
N GLN D 118 13.11 15.40 33.03
CA GLN D 118 12.32 14.99 31.87
C GLN D 118 12.04 16.21 30.99
N GLU D 119 11.74 17.36 31.63
CA GLU D 119 11.46 18.63 30.99
C GLU D 119 12.59 19.12 30.13
N LYS D 120 13.85 18.73 30.44
CA LYS D 120 15.00 19.12 29.61
C LYS D 120 15.25 18.17 28.41
N GLU D 121 14.42 17.10 28.29
CA GLU D 121 14.43 16.09 27.23
C GLU D 121 15.70 15.24 27.20
N THR D 122 16.30 15.01 28.38
CA THR D 122 17.51 14.20 28.60
C THR D 122 17.40 12.78 28.03
N GLY D 123 18.53 12.18 27.69
CA GLY D 123 18.55 10.85 27.09
C GLY D 123 18.55 9.71 28.10
N LEU D 124 19.09 9.97 29.30
CA LEU D 124 19.16 9.00 30.39
C LEU D 124 19.16 9.77 31.70
N ASN D 125 18.25 9.41 32.61
CA ASN D 125 18.07 10.02 33.93
C ASN D 125 18.43 9.00 35.01
N VAL D 126 19.58 9.15 35.68
CA VAL D 126 19.99 8.21 36.72
C VAL D 126 20.06 8.88 38.10
N PHE D 127 19.47 8.22 39.13
CA PHE D 127 19.49 8.71 40.52
C PHE D 127 20.03 7.63 41.40
N LEU D 128 21.20 7.86 42.00
CA LEU D 128 21.81 6.90 42.94
C LEU D 128 21.65 7.51 44.35
N LEU D 129 20.69 7.02 45.14
CA LEU D 129 20.40 7.61 46.44
C LEU D 129 20.86 6.75 47.59
N ASP D 130 22.04 7.08 48.11
CA ASP D 130 22.69 6.42 49.22
C ASP D 130 22.24 7.11 50.51
N MET D 131 21.04 6.75 50.99
CA MET D 131 20.43 7.36 52.16
C MET D 131 19.36 6.42 52.78
N CYS D 132 18.83 6.77 53.96
CA CYS D 132 17.76 6.00 54.59
C CYS D 132 16.45 6.23 53.84
N ARG D 133 15.56 5.24 53.86
CA ARG D 133 14.25 5.38 53.25
C ARG D 133 13.12 5.19 54.27
N LYS D 134 13.39 5.45 55.56
CA LYS D 134 12.37 5.30 56.61
C LYS D 134 11.34 6.44 56.56
N ARG D 135 10.10 6.15 56.96
CA ARG D 135 9.03 7.13 56.93
C ARG D 135 9.21 8.22 57.98
N ASN D 136 8.66 9.40 57.71
CA ASN D 136 8.69 10.54 58.63
C ASN D 136 7.31 10.61 59.26
N ASP D 137 7.25 10.50 60.59
CA ASP D 137 5.97 10.56 61.29
C ASP D 137 5.50 12.02 61.38
N TYR D 138 6.42 12.95 61.67
CA TYR D 138 6.09 14.36 61.77
C TYR D 138 5.59 14.94 60.44
N ASP D 139 5.96 14.34 59.29
CA ASP D 139 5.49 14.82 58.01
C ASP D 139 4.04 14.44 57.81
N ASP D 140 3.13 15.36 58.13
CA ASP D 140 1.70 15.13 57.98
C ASP D 140 1.14 15.68 56.66
N THR D 141 2.01 15.91 55.65
CA THR D 141 1.57 16.42 54.36
C THR D 141 1.46 15.27 53.36
N ILE D 142 0.41 15.27 52.55
CA ILE D 142 0.20 14.22 51.55
C ILE D 142 0.15 14.85 50.17
N PRO D 143 1.32 15.05 49.54
CA PRO D 143 1.34 15.68 48.22
C PRO D 143 0.79 14.75 47.16
N ILE D 144 -0.17 15.24 46.37
CA ILE D 144 -0.73 14.46 45.27
C ILE D 144 -0.07 14.99 44.01
N LEU D 145 1.22 14.68 43.85
CA LEU D 145 2.07 15.09 42.73
C LEU D 145 1.52 14.75 41.34
N ASP D 146 2.00 15.46 40.31
CA ASP D 146 1.54 15.19 38.94
C ASP D 146 2.29 14.01 38.30
N ALA D 147 1.60 13.27 37.42
CA ALA D 147 2.12 12.09 36.74
C ALA D 147 3.32 12.36 35.85
N LEU D 148 4.37 11.54 35.97
CA LEU D 148 5.58 11.67 35.17
C LEU D 148 5.32 11.23 33.75
N LYS D 149 5.82 11.99 32.78
CA LYS D 149 5.67 11.64 31.36
C LYS D 149 6.43 10.32 31.06
N VAL D 150 5.95 9.54 30.09
CA VAL D 150 6.60 8.27 29.76
C VAL D 150 7.79 8.51 28.87
N THR D 151 8.99 8.40 29.44
CA THR D 151 10.22 8.64 28.70
C THR D 151 11.10 7.41 28.58
N ALA D 152 10.81 6.33 29.34
CA ALA D 152 11.55 5.06 29.30
C ALA D 152 13.08 5.20 29.42
N ASN D 153 13.53 6.19 30.19
CA ASN D 153 14.96 6.43 30.35
C ASN D 153 15.38 6.68 31.80
N ILE D 154 14.60 6.20 32.77
CA ILE D 154 14.91 6.45 34.17
C ILE D 154 15.46 5.22 34.87
N VAL D 155 16.57 5.42 35.63
CA VAL D 155 17.21 4.37 36.40
C VAL D 155 17.43 4.89 37.80
N PHE D 156 16.90 4.18 38.79
CA PHE D 156 16.99 4.54 40.18
C PHE D 156 17.72 3.43 40.89
N GLY D 157 18.85 3.78 41.51
CA GLY D 157 19.67 2.86 42.27
C GLY D 157 19.68 3.25 43.73
N TYR D 158 18.72 2.75 44.52
CA TYR D 158 18.64 3.09 45.94
C TYR D 158 19.53 2.17 46.75
N ALA D 159 20.32 2.73 47.67
CA ALA D 159 21.21 1.98 48.56
C ALA D 159 20.48 0.91 49.38
N THR D 160 19.24 1.19 49.76
CA THR D 160 18.44 0.26 50.56
C THR D 160 16.96 0.26 50.10
N CYS D 161 16.12 -0.60 50.70
CA CYS D 161 14.71 -0.69 50.34
C CYS D 161 13.81 0.32 51.11
N GLN D 162 12.52 0.45 50.72
CA GLN D 162 11.61 1.40 51.36
C GLN D 162 11.30 1.00 52.81
N GLY D 163 11.37 1.98 53.71
CA GLY D 163 11.16 1.78 55.15
C GLY D 163 12.34 1.11 55.85
N ALA D 164 13.54 1.19 55.22
CA ALA D 164 14.77 0.57 55.69
C ALA D 164 15.94 1.58 55.73
N GLU D 165 16.99 1.26 56.50
CA GLU D 165 18.12 2.14 56.65
C GLU D 165 19.28 1.74 55.75
N ALA D 166 20.06 2.74 55.30
CA ALA D 166 21.27 2.52 54.51
C ALA D 166 22.44 2.75 55.48
N PHE D 167 23.47 1.90 55.45
CA PHE D 167 24.56 1.99 56.42
C PHE D 167 25.93 2.37 55.83
N GLU D 168 26.93 2.56 56.71
CA GLU D 168 28.31 2.87 56.38
C GLU D 168 29.22 2.24 57.44
N ILE D 169 30.35 1.66 56.99
CA ILE D 169 31.33 1.03 57.88
C ILE D 169 32.05 2.11 58.68
N GLN D 170 32.18 1.92 60.00
CA GLN D 170 32.79 2.90 60.90
C GLN D 170 34.31 2.90 60.95
N HIS D 171 34.96 1.88 60.38
CA HIS D 171 36.43 1.81 60.40
C HIS D 171 37.09 3.06 59.75
N SER D 172 37.77 3.87 60.59
CA SER D 172 38.45 5.09 60.15
C SER D 172 39.72 4.75 59.39
N ASN D 176 33.88 4.51 54.66
CA ASN D 176 33.26 4.03 53.42
C ASN D 176 31.82 3.44 53.62
N GLY D 177 30.88 3.87 52.77
CA GLY D 177 29.49 3.45 52.80
C GLY D 177 29.21 2.12 52.12
N ILE D 178 28.13 1.43 52.53
CA ILE D 178 27.77 0.10 52.01
C ILE D 178 27.48 0.08 50.49
N PHE D 179 26.65 1.01 50.00
CA PHE D 179 26.32 1.08 48.58
C PHE D 179 27.58 1.33 47.73
N MET D 180 28.40 2.31 48.13
CA MET D 180 29.63 2.66 47.43
C MET D 180 30.71 1.58 47.53
N LYS D 181 30.71 0.80 48.61
CA LYS D 181 31.67 -0.29 48.83
C LYS D 181 31.63 -1.29 47.66
N PHE D 182 30.43 -1.61 47.17
CA PHE D 182 30.28 -2.56 46.08
C PHE D 182 30.13 -1.89 44.71
N LEU D 183 29.54 -0.68 44.68
CA LEU D 183 29.34 0.05 43.44
C LEU D 183 30.64 0.54 42.84
N LYS D 184 31.62 0.88 43.71
CA LYS D 184 32.90 1.37 43.19
C LYS D 184 33.66 0.26 42.43
N ASP D 185 33.37 -1.02 42.71
CA ASP D 185 34.02 -2.11 42.01
C ASP D 185 33.37 -2.43 40.64
N ARG D 186 32.15 -1.95 40.40
CA ARG D 186 31.43 -2.24 39.17
C ARG D 186 31.24 -1.06 38.21
N LEU D 187 31.17 0.16 38.72
CA LEU D 187 30.89 1.38 37.97
C LEU D 187 31.59 1.56 36.59
N LEU D 188 32.82 1.07 36.41
CA LEU D 188 33.54 1.27 35.14
C LEU D 188 33.14 0.33 33.98
N GLU D 189 32.37 -0.75 34.25
CA GLU D 189 31.94 -1.72 33.22
C GLU D 189 31.15 -1.13 32.06
N ASP D 190 31.24 -1.77 30.87
CA ASP D 190 30.56 -1.33 29.64
C ASP D 190 29.24 -2.08 29.45
N LYS D 191 28.53 -2.32 30.54
CA LYS D 191 27.24 -2.99 30.50
C LYS D 191 26.11 -1.94 30.61
N LYS D 192 24.82 -2.33 30.45
CA LYS D 192 23.70 -1.38 30.64
C LYS D 192 23.68 -0.95 32.11
N ILE D 193 23.23 0.28 32.43
CA ILE D 193 23.27 0.75 33.81
C ILE D 193 22.38 -0.12 34.71
N THR D 194 21.29 -0.64 34.19
CA THR D 194 20.42 -1.56 34.92
C THR D 194 21.14 -2.89 35.19
N VAL D 195 21.94 -3.35 34.24
CA VAL D 195 22.69 -4.60 34.38
C VAL D 195 23.74 -4.41 35.45
N LEU D 196 24.49 -3.29 35.38
CA LEU D 196 25.55 -2.89 36.30
C LEU D 196 25.03 -2.81 37.74
N LEU D 197 23.83 -2.21 37.91
CA LEU D 197 23.26 -2.10 39.26
C LEU D 197 22.77 -3.45 39.74
N ASP D 198 22.32 -4.32 38.84
CA ASP D 198 21.93 -5.67 39.18
C ASP D 198 23.17 -6.47 39.67
N GLU D 199 24.37 -6.16 39.12
CA GLU D 199 25.63 -6.77 39.54
C GLU D 199 26.02 -6.33 40.92
N VAL D 200 25.79 -5.05 41.24
CA VAL D 200 26.03 -4.47 42.56
C VAL D 200 25.16 -5.21 43.58
N ALA D 201 23.87 -5.38 43.27
CA ALA D 201 22.90 -6.09 44.11
C ALA D 201 23.32 -7.53 44.45
N GLU D 202 23.95 -8.23 43.49
CA GLU D 202 24.44 -9.58 43.75
C GLU D 202 25.66 -9.51 44.65
N ASP D 203 26.57 -8.57 44.41
CA ASP D 203 27.77 -8.39 45.23
C ASP D 203 27.42 -8.05 46.69
N MET D 204 26.51 -7.08 46.87
CA MET D 204 26.02 -6.60 48.15
C MET D 204 25.28 -7.71 48.94
N GLY D 205 24.65 -8.62 48.22
CA GLY D 205 23.94 -9.76 48.78
C GLY D 205 24.85 -10.84 49.33
N LYS D 206 26.15 -10.81 48.98
CA LYS D 206 27.12 -11.76 49.51
C LYS D 206 27.73 -11.24 50.84
N CYS D 207 27.66 -9.92 51.12
CA CYS D 207 28.18 -9.33 52.36
C CYS D 207 27.37 -9.83 53.56
N HIS D 208 28.06 -10.06 54.68
CA HIS D 208 27.43 -10.61 55.85
C HIS D 208 26.81 -9.59 56.77
N LEU D 209 27.37 -8.38 56.87
CA LEU D 209 26.79 -7.35 57.74
C LEU D 209 25.57 -6.65 57.09
N THR D 210 25.43 -6.75 55.75
CA THR D 210 24.33 -6.13 55.01
C THR D 210 23.00 -6.90 55.21
N LYS D 211 23.00 -8.22 54.88
CA LYS D 211 21.88 -9.16 54.96
C LYS D 211 20.79 -8.81 55.98
N GLY D 212 19.55 -8.73 55.50
CA GLY D 212 18.40 -8.43 56.35
C GLY D 212 18.22 -6.97 56.75
N LYS D 213 19.28 -6.18 56.64
CA LYS D 213 19.22 -4.77 57.00
C LYS D 213 19.43 -3.84 55.80
N GLN D 214 20.15 -4.32 54.78
CA GLN D 214 20.41 -3.53 53.60
C GLN D 214 20.53 -4.38 52.35
N ALA D 215 19.61 -4.16 51.45
CA ALA D 215 19.61 -4.80 50.15
C ALA D 215 19.30 -3.70 49.18
N LEU D 216 20.00 -3.71 48.05
CA LEU D 216 19.83 -2.69 47.02
C LEU D 216 18.45 -2.74 46.36
N GLU D 217 17.87 -1.58 46.03
CA GLU D 217 16.61 -1.57 45.28
C GLU D 217 16.73 -0.80 43.98
N ILE D 218 16.36 -1.45 42.88
CA ILE D 218 16.43 -0.83 41.58
C ILE D 218 15.06 -0.62 40.99
N ARG D 219 14.75 0.60 40.65
CA ARG D 219 13.55 0.93 39.91
C ARG D 219 14.08 1.40 38.55
N SER D 220 13.46 0.95 37.47
CA SER D 220 13.90 1.31 36.14
C SER D 220 12.76 1.21 35.13
N SER D 221 12.86 2.03 34.10
CA SER D 221 12.03 2.10 32.91
C SER D 221 12.90 2.07 31.63
N LEU D 222 14.25 2.06 31.77
CA LEU D 222 15.24 2.09 30.69
C LEU D 222 15.02 1.07 29.56
N SER D 223 14.53 1.57 28.41
CA SER D 223 14.29 0.76 27.22
C SER D 223 15.58 0.50 26.43
N GLU D 224 16.35 1.53 26.06
CA GLU D 224 17.59 1.32 25.29
C GLU D 224 18.76 0.81 26.14
N LYS D 225 19.73 0.13 25.50
CA LYS D 225 20.92 -0.46 26.11
C LYS D 225 21.96 0.64 26.43
N ARG D 226 21.60 1.59 27.31
CA ARG D 226 22.45 2.72 27.66
C ARG D 226 23.37 2.44 28.84
N ALA D 227 24.49 3.13 28.89
CA ALA D 227 25.49 2.92 29.92
C ALA D 227 26.29 4.19 30.25
N LEU D 228 26.89 4.23 31.45
CA LEU D 228 27.73 5.35 31.88
C LEU D 228 29.00 5.47 31.03
N THR D 229 29.36 4.45 30.24
CA THR D 229 30.56 4.45 29.40
C THR D 229 30.33 5.08 28.01
N ASP D 230 29.06 5.19 27.55
CA ASP D 230 28.64 5.74 26.25
C ASP D 230 29.42 6.98 25.84
N PRO D 231 29.87 7.06 24.59
CA PRO D 231 30.69 8.20 24.18
C PRO D 231 29.91 9.47 23.89
N ILE D 232 30.58 10.63 23.92
CA ILE D 232 29.90 11.89 23.62
C ILE D 232 29.79 12.14 22.12
N GLN D 233 28.58 12.39 21.64
CA GLN D 233 28.31 12.70 20.25
C GLN D 233 28.85 14.10 19.97
N GLY D 234 29.95 14.18 19.23
CA GLY D 234 30.54 15.47 18.90
C GLY D 234 31.77 15.86 19.71
N THR D 235 32.40 16.97 19.30
CA THR D 235 33.63 17.55 19.89
C THR D 235 33.38 18.28 21.21
N GLU D 236 34.46 18.63 21.94
CA GLU D 236 34.37 19.43 23.17
C GLU D 236 34.62 20.93 22.90
N TYR D 237 35.27 21.25 21.78
CA TYR D 237 35.65 22.59 21.33
C TYR D 237 34.61 23.20 20.40
N SER D 238 33.33 22.86 20.57
CA SER D 238 32.29 23.40 19.69
C SER D 238 31.61 24.63 20.30
N ALA D 239 30.92 25.43 19.47
CA ALA D 239 30.20 26.61 19.94
C ALA D 239 29.03 26.22 20.85
N GLU D 240 28.38 25.07 20.61
CA GLU D 240 27.29 24.62 21.47
C GLU D 240 27.83 23.92 22.72
N SER D 241 28.88 23.11 22.54
CA SER D 241 29.57 22.37 23.60
C SER D 241 30.24 23.27 24.63
N LEU D 242 30.68 24.46 24.22
CA LEU D 242 31.33 25.38 25.14
C LEU D 242 30.29 26.18 25.93
N VAL D 243 29.18 26.58 25.30
CA VAL D 243 28.15 27.35 25.99
C VAL D 243 27.45 26.48 27.04
N ARG D 244 27.14 25.23 26.68
CA ARG D 244 26.52 24.25 27.59
C ARG D 244 27.63 23.54 28.45
N ASN D 245 28.60 24.35 28.89
CA ASN D 245 29.72 23.91 29.72
C ASN D 245 30.31 25.09 30.48
N LEU D 246 30.21 26.32 29.95
CA LEU D 246 30.82 27.53 30.52
C LEU D 246 30.67 27.66 32.02
N GLN D 247 29.45 27.47 32.56
CA GLN D 247 29.23 27.57 33.99
C GLN D 247 29.91 26.45 34.78
N TRP D 248 30.06 25.26 34.19
CA TRP D 248 30.76 24.14 34.81
C TRP D 248 32.28 24.38 34.78
N ALA D 249 32.79 24.94 33.67
CA ALA D 249 34.20 25.22 33.44
C ALA D 249 34.70 26.32 34.38
N LYS D 250 33.86 27.36 34.59
CA LYS D 250 34.20 28.44 35.51
C LYS D 250 34.26 27.91 36.96
N ALA D 251 33.41 26.91 37.30
CA ALA D 251 33.34 26.30 38.63
C ALA D 251 34.50 25.38 39.01
N HIS D 252 35.50 25.21 38.13
CA HIS D 252 36.66 24.37 38.44
C HIS D 252 37.95 25.18 38.62
N GLU D 253 37.82 26.50 38.83
CA GLU D 253 38.89 27.47 38.87
C GLU D 253 39.66 27.57 40.17
N LEU D 254 40.81 26.90 40.23
CA LEU D 254 41.69 27.01 41.37
C LEU D 254 42.53 28.28 41.18
N PRO D 255 42.82 28.99 42.28
CA PRO D 255 43.68 30.17 42.16
C PRO D 255 45.10 29.77 41.75
N GLU D 256 45.78 30.66 41.01
CA GLU D 256 47.14 30.38 40.55
C GLU D 256 48.11 30.33 41.74
N SER D 257 49.10 29.43 41.68
CA SER D 257 50.13 29.24 42.69
C SER D 257 50.99 30.51 42.83
N MET D 258 50.66 31.41 43.77
CA MET D 258 51.39 32.68 43.92
C MET D 258 52.59 32.64 44.85
N CYS D 259 53.61 33.44 44.53
CA CYS D 259 54.82 33.50 45.36
C CYS D 259 54.76 34.64 46.38
N LEU D 260 55.29 34.38 47.59
CA LEU D 260 55.33 35.39 48.64
C LEU D 260 56.74 35.88 48.90
N LYS D 261 57.01 37.10 48.46
CA LYS D 261 58.32 37.72 48.60
C LYS D 261 58.40 38.47 49.91
N PHE D 262 59.21 37.98 50.84
CA PHE D 262 59.41 38.68 52.10
C PHE D 262 60.76 39.40 52.06
N ASP D 263 60.77 40.68 52.49
CA ASP D 263 61.93 41.58 52.49
C ASP D 263 63.12 41.08 53.31
N CYS D 264 62.88 40.15 54.24
CA CYS D 264 63.91 39.57 55.08
C CYS D 264 64.79 38.52 54.33
N GLY D 265 64.57 38.31 53.03
CA GLY D 265 65.31 37.33 52.24
C GLY D 265 64.65 35.96 52.20
N VAL D 266 63.35 35.89 52.48
CA VAL D 266 62.63 34.62 52.50
C VAL D 266 61.49 34.61 51.47
N GLN D 267 61.21 33.43 50.91
CA GLN D 267 60.09 33.23 50.00
C GLN D 267 59.24 32.06 50.49
N ILE D 268 57.93 32.24 50.48
CA ILE D 268 57.01 31.18 50.89
C ILE D 268 56.04 30.94 49.76
N GLN D 269 56.12 29.75 49.17
CA GLN D 269 55.25 29.39 48.06
C GLN D 269 53.89 28.99 48.58
N LEU D 270 52.85 29.56 47.95
CA LEU D 270 51.47 29.27 48.29
C LEU D 270 50.80 28.56 47.15
N GLY D 271 50.48 27.29 47.36
CA GLY D 271 49.82 26.46 46.37
C GLY D 271 48.38 26.16 46.72
N PHE D 272 47.57 25.81 45.70
CA PHE D 272 46.13 25.55 45.87
C PHE D 272 45.71 24.21 45.29
N ALA D 273 44.85 23.46 46.01
CA ALA D 273 44.43 22.14 45.54
C ALA D 273 43.01 21.76 45.90
N ALA D 274 42.16 21.55 44.89
CA ALA D 274 40.75 21.15 45.05
C ALA D 274 40.53 19.74 45.60
N GLU D 275 39.69 19.62 46.63
CA GLU D 275 39.34 18.32 47.21
C GLU D 275 37.92 17.91 46.73
N PHE D 276 37.02 18.90 46.67
CA PHE D 276 35.66 18.88 46.20
C PHE D 276 35.45 20.21 45.47
N SER D 277 34.33 20.40 44.79
CA SER D 277 34.06 21.65 44.09
C SER D 277 33.82 22.84 45.06
N ASN D 278 33.66 22.57 46.35
CA ASN D 278 33.49 23.59 47.38
C ASN D 278 34.48 23.45 48.54
N VAL D 279 35.54 22.66 48.37
CA VAL D 279 36.57 22.46 49.38
C VAL D 279 37.91 22.58 48.67
N MET D 280 38.77 23.45 49.18
CA MET D 280 40.07 23.70 48.59
C MET D 280 41.11 23.63 49.69
N ILE D 281 42.20 22.94 49.43
CA ILE D 281 43.31 22.82 50.37
C ILE D 281 44.39 23.85 50.00
N ILE D 282 44.92 24.54 51.00
CA ILE D 282 46.02 25.49 50.78
C ILE D 282 47.26 24.92 51.47
N TYR D 283 48.44 25.08 50.84
CA TYR D 283 49.69 24.60 51.44
C TYR D 283 50.82 25.63 51.38
N THR D 284 51.32 26.06 52.55
CA THR D 284 52.42 27.02 52.62
C THR D 284 53.73 26.23 52.68
N SER D 285 54.77 26.70 51.95
CA SER D 285 56.06 26.02 51.96
C SER D 285 57.19 27.04 51.91
N ILE D 286 58.25 26.86 52.70
CA ILE D 286 59.38 27.79 52.68
C ILE D 286 60.34 27.36 51.56
N VAL D 287 60.58 28.24 50.57
CA VAL D 287 61.46 27.88 49.44
C VAL D 287 62.95 28.20 49.79
N TYR D 288 63.25 29.36 50.40
CA TYR D 288 64.63 29.73 50.72
C TYR D 288 64.82 30.41 52.08
N LYS D 289 65.67 29.82 52.94
CA LYS D 289 66.01 30.42 54.22
C LYS D 289 67.47 30.88 54.10
N PRO D 290 67.71 32.21 54.11
CA PRO D 290 69.08 32.71 53.96
C PRO D 290 70.04 32.37 55.11
N PRO D 291 71.37 32.55 54.95
CA PRO D 291 72.30 32.20 56.04
C PRO D 291 72.24 33.10 57.29
N GLU D 292 71.50 34.22 57.23
CA GLU D 292 71.36 35.11 58.40
C GLU D 292 70.24 34.61 59.34
N ILE D 293 69.19 33.98 58.76
CA ILE D 293 68.03 33.44 59.48
C ILE D 293 68.25 31.98 59.85
N ILE D 294 68.33 31.70 61.17
CA ILE D 294 68.54 30.35 61.70
C ILE D 294 67.30 29.47 61.61
N MET D 295 66.11 30.07 61.77
CA MET D 295 64.83 29.38 61.71
C MET D 295 63.69 30.39 61.53
N CYS D 296 62.65 30.04 60.74
CA CYS D 296 61.50 30.91 60.51
C CYS D 296 60.21 30.10 60.33
N ASP D 297 59.06 30.72 60.61
CA ASP D 297 57.77 30.03 60.55
C ASP D 297 56.74 30.72 59.68
N ALA D 298 56.26 30.04 58.63
CA ALA D 298 55.19 30.59 57.79
C ALA D 298 53.86 29.95 58.18
N TYR D 299 52.76 30.73 58.18
CA TYR D 299 51.43 30.22 58.51
C TYR D 299 50.32 31.18 58.10
N VAL D 300 49.15 30.64 57.69
CA VAL D 300 47.99 31.42 57.25
C VAL D 300 46.98 31.69 58.37
N THR D 301 46.44 32.92 58.39
CA THR D 301 45.44 33.43 59.34
C THR D 301 44.43 34.36 58.58
N ASP D 302 43.45 34.97 59.30
CA ASP D 302 42.49 35.95 58.80
C ASP D 302 41.59 35.46 57.67
N PHE D 303 40.94 34.31 57.87
CA PHE D 303 40.02 33.79 56.86
C PHE D 303 38.62 34.39 57.11
N PRO D 304 37.80 34.61 56.06
CA PRO D 304 36.45 35.18 56.29
C PRO D 304 35.64 34.55 57.42
N LEU D 305 34.76 35.33 58.02
CA LEU D 305 33.95 34.86 59.13
C LEU D 305 32.96 33.81 58.67
N ASP D 306 32.35 34.01 57.49
CA ASP D 306 31.36 33.09 56.94
C ASP D 306 31.94 31.72 56.51
N LEU D 307 33.28 31.54 56.56
CA LEU D 307 33.89 30.26 56.19
C LEU D 307 33.88 29.32 57.37
N ASP D 308 34.17 29.83 58.57
CA ASP D 308 34.22 29.04 59.80
C ASP D 308 35.29 27.95 59.79
N ILE D 309 36.57 28.35 59.85
CA ILE D 309 37.68 27.40 59.88
C ILE D 309 38.36 27.55 61.23
N ASP D 310 38.25 26.54 62.09
CA ASP D 310 38.84 26.62 63.43
C ASP D 310 40.36 26.42 63.46
N PRO D 311 41.10 27.39 64.05
CA PRO D 311 42.58 27.29 64.09
C PRO D 311 43.19 25.96 64.54
N ALA D 314 43.72 23.90 61.27
CA ALA D 314 44.45 24.70 60.30
C ALA D 314 45.97 24.70 60.53
N ASN D 315 46.75 24.99 59.45
CA ASN D 315 48.22 25.03 59.44
C ASN D 315 48.84 23.78 60.03
N LYS D 316 48.33 22.62 59.59
CA LYS D 316 48.77 21.32 60.09
C LYS D 316 49.94 20.74 59.29
N GLY D 317 50.64 19.76 59.86
CA GLY D 317 51.77 19.11 59.20
C GLY D 317 51.43 18.25 57.99
N THR D 318 50.31 17.52 58.04
CA THR D 318 49.85 16.64 56.95
C THR D 318 48.37 16.95 56.57
N PRO D 319 47.89 16.59 55.35
CA PRO D 319 46.48 16.89 55.01
C PRO D 319 45.48 16.09 55.83
N GLU D 320 45.86 14.91 56.33
CA GLU D 320 45.01 14.06 57.17
C GLU D 320 44.64 14.79 58.46
N GLU D 321 45.58 15.57 59.02
CA GLU D 321 45.38 16.35 60.24
C GLU D 321 44.37 17.51 60.07
N THR D 322 44.05 17.88 58.81
CA THR D 322 43.10 18.94 58.46
C THR D 322 41.68 18.43 58.13
N GLY D 323 41.48 17.11 58.15
CA GLY D 323 40.22 16.46 57.81
C GLY D 323 40.05 16.12 56.35
N SER D 324 41.09 16.36 55.55
CA SER D 324 41.09 16.15 54.11
C SER D 324 41.37 14.70 53.70
N TYR D 325 40.82 14.29 52.55
CA TYR D 325 41.04 12.96 51.97
C TYR D 325 42.10 12.99 50.83
N LEU D 326 42.58 14.18 50.41
CA LEU D 326 43.62 14.29 49.39
C LEU D 326 44.92 13.65 49.88
N VAL D 327 45.65 12.99 48.97
CA VAL D 327 46.96 12.38 49.27
C VAL D 327 47.99 12.75 48.19
N LYS D 333 55.91 19.01 49.80
CA LYS D 333 57.33 18.82 50.13
C LYS D 333 57.61 18.93 51.65
N HIS D 334 57.41 20.13 52.26
CA HIS D 334 57.57 20.41 53.70
C HIS D 334 56.49 21.46 54.04
N CYS D 335 55.23 21.13 53.77
CA CYS D 335 54.13 22.07 53.85
C CYS D 335 53.27 22.04 55.13
N LEU D 336 52.59 23.18 55.34
CA LEU D 336 51.57 23.41 56.35
C LEU D 336 50.25 23.51 55.57
N TYR D 337 49.34 22.56 55.79
CA TYR D 337 48.07 22.47 55.09
C TYR D 337 46.91 23.08 55.87
N THR D 338 45.94 23.62 55.13
CA THR D 338 44.75 24.22 55.70
C THR D 338 43.54 23.78 54.89
N ARG D 339 42.50 23.23 55.55
CA ARG D 339 41.33 22.81 54.81
C ARG D 339 40.24 23.88 54.72
N LEU D 340 40.06 24.52 53.56
CA LEU D 340 38.99 25.51 53.41
C LEU D 340 37.74 24.85 52.86
N SER D 341 36.86 24.36 53.73
CA SER D 341 35.61 23.74 53.27
C SER D 341 34.50 24.82 53.09
N SER D 342 33.31 24.42 52.63
CA SER D 342 32.14 25.26 52.38
C SER D 342 32.49 26.56 51.67
N LEU D 343 33.00 26.44 50.46
CA LEU D 343 33.37 27.60 49.64
C LEU D 343 32.16 28.33 49.05
N GLN D 344 30.96 27.74 49.14
CA GLN D 344 29.71 28.34 48.67
C GLN D 344 29.29 29.54 49.55
N LYS D 345 29.77 29.60 50.82
CA LYS D 345 29.46 30.65 51.78
C LYS D 345 30.12 31.98 51.47
N LEU D 346 31.17 31.99 50.64
CA LEU D 346 31.92 33.19 50.27
C LEU D 346 31.01 34.30 49.75
N LYS D 347 30.85 35.39 50.53
CA LYS D 347 30.04 36.55 50.13
C LYS D 347 30.82 37.34 49.05
N GLU D 348 32.12 37.55 49.29
CA GLU D 348 33.05 38.19 48.36
C GLU D 348 34.34 37.33 48.26
N HIS D 349 35.29 37.73 47.40
CA HIS D 349 36.60 37.12 47.18
C HIS D 349 37.34 36.70 48.45
N LEU D 350 38.11 35.61 48.36
CA LEU D 350 38.88 35.07 49.48
C LEU D 350 40.15 35.85 49.75
N VAL D 351 40.19 36.49 50.91
CA VAL D 351 41.32 37.30 51.35
C VAL D 351 41.82 36.79 52.70
N PHE D 352 43.12 36.50 52.79
CA PHE D 352 43.72 36.04 54.04
C PHE D 352 45.16 36.50 54.22
N THR D 353 45.65 36.51 55.45
CA THR D 353 47.01 36.95 55.78
C THR D 353 47.94 35.77 55.92
N VAL D 354 49.16 35.89 55.38
CA VAL D 354 50.18 34.86 55.53
C VAL D 354 51.29 35.47 56.37
N CYS D 355 51.51 34.93 57.57
CA CYS D 355 52.49 35.37 58.54
C CYS D 355 53.87 34.75 58.34
N LEU D 356 54.90 35.42 58.86
CA LEU D 356 56.27 34.92 58.83
C LEU D 356 56.99 35.32 60.10
N SER D 357 57.32 34.33 60.93
CA SER D 357 57.98 34.53 62.19
C SER D 357 59.46 34.13 62.09
N TYR D 358 60.29 35.01 61.50
CA TYR D 358 61.71 34.78 61.29
C TYR D 358 62.58 35.17 62.48
N GLN D 359 63.76 34.55 62.58
CA GLN D 359 64.70 34.82 63.66
C GLN D 359 66.14 34.86 63.12
N TYR D 360 66.82 36.03 63.24
CA TYR D 360 68.23 36.13 62.83
C TYR D 360 69.09 35.52 63.96
N SER D 361 70.41 35.39 63.77
CA SER D 361 71.29 34.88 64.82
C SER D 361 71.57 35.98 65.89
N GLY D 362 70.58 36.22 66.75
CA GLY D 362 70.69 37.24 67.79
C GLY D 362 69.45 37.34 68.65
N ASP D 365 65.57 36.74 69.23
CA ASP D 365 65.11 37.93 68.53
C ASP D 365 64.19 37.59 67.35
N THR D 366 62.91 37.32 67.63
CA THR D 366 61.93 36.97 66.60
C THR D 366 61.21 38.20 66.06
N VAL D 367 61.12 38.32 64.74
CA VAL D 367 60.45 39.45 64.11
C VAL D 367 59.25 38.94 63.32
N GLU D 368 58.14 39.67 63.34
CA GLU D 368 56.94 39.27 62.64
C GLU D 368 56.64 40.14 61.43
N ASP D 369 56.03 39.50 60.41
CA ASP D 369 55.65 40.14 59.15
C ASP D 369 54.39 39.46 58.60
N LYS D 370 53.43 40.26 58.13
CA LYS D 370 52.16 39.77 57.61
C LYS D 370 51.96 40.20 56.15
N GLN D 371 51.23 39.38 55.36
CA GLN D 371 50.94 39.69 53.96
C GLN D 371 49.51 39.34 53.59
N GLU D 372 48.68 40.34 53.28
CA GLU D 372 47.30 40.10 52.90
C GLU D 372 47.19 39.75 51.41
N VAL D 373 46.81 38.49 51.10
CA VAL D 373 46.67 37.97 49.72
C VAL D 373 45.21 37.78 49.31
N ASN D 374 44.91 38.06 48.04
CA ASN D 374 43.58 37.91 47.47
C ASN D 374 43.62 36.84 46.38
N VAL D 375 43.15 35.63 46.70
CA VAL D 375 43.13 34.56 45.70
C VAL D 375 41.82 34.50 44.88
N GLY D 376 40.98 35.53 44.98
CA GLY D 376 39.73 35.64 44.23
C GLY D 376 38.65 34.70 44.71
N LYS D 377 37.72 34.34 43.81
CA LYS D 377 36.62 33.42 44.12
C LYS D 377 36.94 32.03 43.58
N PRO D 378 37.39 31.08 44.42
CA PRO D 378 37.81 29.78 43.89
C PRO D 378 36.73 28.69 43.83
N LEU D 379 36.78 27.88 42.76
CA LEU D 379 35.88 26.75 42.52
C LEU D 379 34.39 27.18 42.44
N ILE D 380 33.49 26.64 43.29
CA ILE D 380 32.06 26.95 43.26
C ILE D 380 31.73 28.40 43.63
N ALA D 381 32.68 29.14 44.23
CA ALA D 381 32.46 30.53 44.60
C ALA D 381 32.28 31.44 43.39
N LYS D 382 32.65 30.99 42.18
CA LYS D 382 32.43 31.75 40.95
C LYS D 382 30.94 31.76 40.55
N LEU D 383 30.15 30.79 41.03
CA LEU D 383 28.72 30.68 40.73
C LEU D 383 27.81 31.44 41.71
N ASP D 384 28.38 32.35 42.51
CA ASP D 384 27.70 33.19 43.51
C ASP D 384 26.77 32.40 44.44
N GLN E 5 -36.86 -17.53 -44.30
CA GLN E 5 -37.30 -17.33 -45.69
C GLN E 5 -38.04 -15.97 -45.89
N PRO E 6 -39.06 -15.58 -45.07
CA PRO E 6 -39.67 -14.25 -45.29
C PRO E 6 -38.75 -13.16 -44.77
N LEU E 7 -38.70 -12.03 -45.45
CA LEU E 7 -37.81 -10.95 -45.04
C LEU E 7 -38.51 -9.64 -44.65
N ALA E 8 -37.88 -8.87 -43.78
CA ALA E 8 -38.39 -7.59 -43.32
C ALA E 8 -37.53 -6.51 -43.91
N LYS E 9 -38.11 -5.49 -44.59
CA LYS E 9 -37.29 -4.38 -45.12
C LYS E 9 -36.61 -3.63 -43.97
N ASP E 10 -37.31 -3.56 -42.82
CA ASP E 10 -36.89 -3.06 -41.52
C ASP E 10 -37.97 -3.34 -40.47
N LYS E 11 -37.61 -3.34 -39.18
CA LYS E 11 -38.55 -3.60 -38.09
C LYS E 11 -38.62 -2.36 -37.15
N VAL E 12 -39.84 -1.85 -36.90
CA VAL E 12 -40.06 -0.67 -36.08
C VAL E 12 -41.15 -0.94 -35.05
N ALA E 13 -41.02 -0.40 -33.85
CA ALA E 13 -42.00 -0.60 -32.79
C ALA E 13 -42.26 0.70 -32.03
N LEU E 14 -43.51 0.95 -31.68
CA LEU E 14 -43.88 2.11 -30.88
C LEU E 14 -44.62 1.60 -29.67
N LEU E 15 -44.02 1.80 -28.50
CA LEU E 15 -44.61 1.38 -27.26
C LEU E 15 -45.04 2.63 -26.53
N ILE E 16 -46.25 2.58 -25.94
CA ILE E 16 -46.85 3.66 -25.17
C ILE E 16 -47.49 3.08 -23.91
N GLY E 17 -47.12 3.62 -22.76
CA GLY E 17 -47.69 3.18 -21.48
C GLY E 17 -48.20 4.38 -20.71
N ASN E 18 -49.50 4.42 -20.38
CA ASN E 18 -50.08 5.54 -19.65
C ASN E 18 -50.49 5.07 -18.26
N MET E 19 -49.99 5.73 -17.21
CA MET E 19 -50.28 5.36 -15.83
C MET E 19 -50.78 6.52 -14.99
N ASN E 20 -50.25 7.70 -15.26
CA ASN E 20 -50.57 8.88 -14.51
C ASN E 20 -51.74 9.58 -15.15
N TYR E 21 -52.95 9.16 -14.79
CA TYR E 21 -54.14 9.75 -15.36
C TYR E 21 -54.65 10.91 -14.51
N ARG E 22 -54.97 12.04 -15.16
CA ARG E 22 -55.45 13.24 -14.47
C ARG E 22 -56.87 13.09 -13.88
N GLU E 23 -57.86 12.73 -14.70
CA GLU E 23 -59.24 12.56 -14.25
C GLU E 23 -59.68 11.09 -14.10
N HIS E 24 -58.80 10.12 -14.39
CA HIS E 24 -59.17 8.69 -14.33
C HIS E 24 -58.31 7.90 -13.33
N PRO E 25 -58.70 6.65 -12.97
CA PRO E 25 -57.85 5.86 -12.04
C PRO E 25 -56.44 5.66 -12.58
N LYS E 26 -55.47 5.44 -11.69
CA LYS E 26 -54.09 5.29 -12.10
C LYS E 26 -53.58 3.84 -12.06
N LEU E 27 -52.69 3.52 -13.00
CA LEU E 27 -52.10 2.18 -13.16
C LEU E 27 -50.61 2.24 -12.81
N LYS E 28 -49.98 1.10 -12.55
CA LYS E 28 -48.58 1.09 -12.12
C LYS E 28 -47.69 0.26 -13.04
N ALA E 29 -48.16 -0.94 -13.41
CA ALA E 29 -47.44 -1.89 -14.24
C ALA E 29 -47.09 -1.46 -15.68
N PRO E 30 -47.83 -0.59 -16.43
CA PRO E 30 -47.38 -0.23 -17.79
C PRO E 30 -45.92 0.21 -17.94
N LEU E 31 -45.28 0.70 -16.87
CA LEU E 31 -43.88 1.13 -16.89
C LEU E 31 -42.97 -0.09 -17.07
N VAL E 32 -43.20 -1.11 -16.26
CA VAL E 32 -42.46 -2.37 -16.27
C VAL E 32 -42.72 -3.09 -17.59
N ASP E 33 -43.98 -3.06 -18.08
CA ASP E 33 -44.37 -3.71 -19.30
C ASP E 33 -43.70 -3.04 -20.48
N VAL E 34 -43.83 -1.70 -20.61
CA VAL E 34 -43.21 -0.95 -21.69
C VAL E 34 -41.69 -1.10 -21.65
N TYR E 35 -41.08 -1.12 -20.45
CA TYR E 35 -39.62 -1.31 -20.33
C TYR E 35 -39.19 -2.70 -20.81
N GLU E 36 -39.78 -3.78 -20.26
CA GLU E 36 -39.42 -5.15 -20.60
C GLU E 36 -39.67 -5.51 -22.04
N LEU E 37 -40.82 -5.12 -22.59
CA LEU E 37 -41.11 -5.41 -24.00
C LEU E 37 -40.09 -4.68 -24.92
N THR E 38 -39.60 -3.51 -24.50
CA THR E 38 -38.62 -2.75 -25.27
C THR E 38 -37.31 -3.50 -25.46
N ASN E 39 -36.79 -4.14 -24.42
CA ASN E 39 -35.54 -4.88 -24.55
C ASN E 39 -35.69 -6.08 -25.44
N LEU E 40 -36.82 -6.78 -25.34
CA LEU E 40 -37.07 -7.94 -26.17
C LEU E 40 -37.15 -7.59 -27.62
N LEU E 41 -37.81 -6.46 -27.95
CA LEU E 41 -37.91 -6.04 -29.36
C LEU E 41 -36.58 -5.50 -29.87
N ARG E 42 -35.79 -4.86 -28.98
CA ARG E 42 -34.46 -4.40 -29.33
C ARG E 42 -33.56 -5.59 -29.67
N GLN E 43 -33.68 -6.72 -28.92
CA GLN E 43 -32.92 -7.95 -29.21
C GLN E 43 -33.26 -8.46 -30.62
N LEU E 44 -34.56 -8.41 -30.99
CA LEU E 44 -35.06 -8.80 -32.31
C LEU E 44 -34.70 -7.79 -33.41
N ASP E 45 -34.02 -6.69 -33.07
CA ASP E 45 -33.53 -5.66 -33.98
C ASP E 45 -34.59 -4.63 -34.42
N PHE E 46 -35.71 -4.56 -33.70
CA PHE E 46 -36.72 -3.53 -33.96
C PHE E 46 -36.15 -2.18 -33.49
N LYS E 47 -36.43 -1.08 -34.21
CA LYS E 47 -36.00 0.24 -33.77
C LYS E 47 -37.08 0.72 -32.79
N VAL E 48 -36.90 0.48 -31.48
CA VAL E 48 -37.98 0.74 -30.53
C VAL E 48 -38.03 2.15 -29.98
N VAL E 49 -39.22 2.75 -30.06
CA VAL E 49 -39.48 4.04 -29.46
C VAL E 49 -40.52 3.80 -28.36
N SER E 50 -40.07 3.85 -27.11
CA SER E 50 -40.94 3.59 -25.97
C SER E 50 -41.21 4.89 -25.20
N LEU E 51 -42.49 5.24 -25.07
CA LEU E 51 -42.90 6.46 -24.39
C LEU E 51 -43.89 6.18 -23.27
N LEU E 52 -44.02 7.12 -22.33
CA LEU E 52 -44.83 6.99 -21.15
C LEU E 52 -45.67 8.24 -20.89
N ASP E 53 -46.81 8.08 -20.22
CA ASP E 53 -47.72 9.14 -19.80
C ASP E 53 -47.90 10.26 -20.82
N LEU E 54 -48.36 9.91 -22.02
CA LEU E 54 -48.54 10.90 -23.07
C LEU E 54 -49.94 11.50 -23.10
N THR E 55 -50.04 12.71 -23.62
CA THR E 55 -51.31 13.39 -23.80
C THR E 55 -51.83 13.07 -25.22
N GLU E 56 -53.10 13.36 -25.57
CA GLU E 56 -53.63 13.11 -26.91
C GLU E 56 -52.70 13.64 -28.01
N TYR E 57 -52.22 14.88 -27.86
CA TYR E 57 -51.32 15.50 -28.84
C TYR E 57 -49.97 14.77 -28.93
N GLU E 58 -49.41 14.38 -27.77
CA GLU E 58 -48.14 13.65 -27.73
C GLU E 58 -48.28 12.26 -28.32
N MET E 59 -49.43 11.62 -28.13
CA MET E 59 -49.71 10.31 -28.69
C MET E 59 -49.91 10.42 -30.19
N ARG E 60 -50.61 11.47 -30.65
CA ARG E 60 -50.82 11.69 -32.08
C ARG E 60 -49.51 11.95 -32.77
N ASN E 61 -48.63 12.74 -32.13
CA ASN E 61 -47.32 13.05 -32.68
C ASN E 61 -46.36 11.85 -32.64
N ALA E 62 -46.49 10.99 -31.61
CA ALA E 62 -45.68 9.76 -31.51
C ALA E 62 -46.08 8.81 -32.63
N VAL E 63 -47.39 8.72 -32.94
CA VAL E 63 -47.95 7.90 -34.00
C VAL E 63 -47.48 8.43 -35.35
N ASP E 64 -47.51 9.76 -35.54
CA ASP E 64 -47.05 10.38 -36.79
C ASP E 64 -45.53 10.20 -36.99
N GLU E 65 -44.77 10.20 -35.89
CA GLU E 65 -43.33 9.99 -35.91
C GLU E 65 -43.03 8.51 -36.23
N PHE E 66 -43.88 7.58 -35.72
CA PHE E 66 -43.80 6.13 -35.93
C PHE E 66 -44.06 5.80 -37.39
N LEU E 67 -45.07 6.45 -37.98
CA LEU E 67 -45.39 6.25 -39.39
C LEU E 67 -44.22 6.66 -40.29
N LEU E 68 -43.46 7.70 -39.88
CA LEU E 68 -42.28 8.23 -40.57
C LEU E 68 -41.13 7.23 -40.63
N LEU E 69 -41.09 6.25 -39.72
CA LEU E 69 -40.07 5.23 -39.71
C LEU E 69 -40.46 4.06 -40.61
N LEU E 70 -41.80 3.79 -40.75
CA LEU E 70 -42.33 2.72 -41.61
C LEU E 70 -42.39 3.15 -43.05
N ASP E 71 -42.22 2.18 -43.96
CA ASP E 71 -42.32 2.30 -45.42
C ASP E 71 -42.58 0.89 -46.04
N LYS E 72 -42.61 0.77 -47.39
CA LYS E 72 -42.90 -0.52 -48.02
C LYS E 72 -41.98 -1.63 -47.58
N GLY E 73 -42.54 -2.62 -46.91
CA GLY E 73 -41.76 -3.76 -46.45
C GLY E 73 -41.48 -3.78 -44.96
N VAL E 74 -41.53 -2.61 -44.33
CA VAL E 74 -41.30 -2.48 -42.91
C VAL E 74 -42.36 -3.22 -42.06
N TYR E 75 -41.94 -3.84 -40.97
CA TYR E 75 -42.82 -4.48 -39.98
C TYR E 75 -43.07 -3.38 -38.94
N GLY E 76 -44.33 -3.03 -38.71
CA GLY E 76 -44.67 -2.02 -37.72
C GLY E 76 -45.40 -2.66 -36.54
N LEU E 77 -44.92 -2.40 -35.32
CA LEU E 77 -45.57 -2.95 -34.13
C LEU E 77 -45.95 -1.86 -33.18
N LEU E 78 -47.21 -1.83 -32.79
CA LEU E 78 -47.70 -0.86 -31.83
C LEU E 78 -48.05 -1.59 -30.55
N TYR E 79 -47.72 -1.01 -29.39
CA TYR E 79 -48.07 -1.62 -28.11
C TYR E 79 -48.54 -0.53 -27.18
N TYR E 80 -49.77 -0.62 -26.73
CA TYR E 80 -50.32 0.36 -25.81
C TYR E 80 -50.74 -0.36 -24.60
N ALA E 81 -50.32 0.14 -23.47
CA ALA E 81 -50.64 -0.36 -22.15
C ALA E 81 -51.28 0.80 -21.42
N GLY E 82 -52.49 0.62 -20.95
CA GLY E 82 -53.20 1.68 -20.23
C GLY E 82 -54.69 1.57 -20.32
N HIS E 83 -55.38 2.67 -20.01
CA HIS E 83 -56.84 2.70 -20.10
C HIS E 83 -57.28 2.74 -21.54
N GLY E 84 -58.24 1.92 -21.87
CA GLY E 84 -58.81 1.87 -23.21
C GLY E 84 -60.28 1.52 -23.21
N TYR E 85 -60.95 1.78 -24.32
CA TYR E 85 -62.35 1.42 -24.46
C TYR E 85 -62.65 0.98 -25.89
N GLU E 86 -63.66 0.12 -26.05
CA GLU E 86 -64.08 -0.34 -27.37
C GLU E 86 -65.55 0.02 -27.63
N ASN E 87 -65.83 0.71 -28.74
CA ASN E 87 -67.18 1.13 -29.16
C ASN E 87 -67.40 0.88 -30.65
N PHE E 88 -68.43 0.08 -30.99
CA PHE E 88 -68.85 -0.23 -32.37
C PHE E 88 -67.73 -0.85 -33.21
N GLY E 89 -67.04 -1.84 -32.64
CA GLY E 89 -65.94 -2.52 -33.32
C GLY E 89 -64.68 -1.69 -33.47
N ASN E 90 -64.56 -0.59 -32.70
CA ASN E 90 -63.38 0.26 -32.76
C ASN E 90 -62.67 0.30 -31.45
N SER E 91 -61.33 0.27 -31.49
CA SER E 91 -60.50 0.31 -30.29
C SER E 91 -59.98 1.72 -30.04
N PHE E 92 -60.05 2.14 -28.79
CA PHE E 92 -59.63 3.49 -28.42
C PHE E 92 -58.62 3.52 -27.26
N MET E 93 -57.48 4.15 -27.50
CA MET E 93 -56.44 4.29 -26.50
C MET E 93 -56.66 5.61 -25.78
N VAL E 94 -57.01 5.56 -24.49
CA VAL E 94 -57.31 6.77 -23.72
C VAL E 94 -56.05 7.51 -23.20
N PRO E 95 -55.74 8.73 -23.69
CA PRO E 95 -54.56 9.46 -23.18
C PRO E 95 -54.73 9.99 -21.75
N VAL E 96 -53.61 10.40 -21.10
CA VAL E 96 -53.62 10.87 -19.71
C VAL E 96 -54.42 12.16 -19.49
N ASP E 97 -54.39 13.06 -20.48
CA ASP E 97 -55.06 14.36 -20.38
C ASP E 97 -56.56 14.31 -20.55
N ALA E 98 -57.09 13.24 -21.17
CA ALA E 98 -58.52 13.08 -21.42
C ALA E 98 -59.39 13.25 -20.16
N PRO E 99 -60.53 13.92 -20.32
CA PRO E 99 -61.38 14.21 -19.15
C PRO E 99 -62.37 13.11 -18.83
N ASN E 100 -63.09 13.26 -17.71
CA ASN E 100 -64.15 12.32 -17.36
C ASN E 100 -65.46 12.98 -17.80
N PRO E 101 -66.27 12.34 -18.66
CA PRO E 101 -66.21 10.95 -19.10
C PRO E 101 -65.80 10.66 -20.55
N TYR E 102 -64.96 11.52 -21.16
CA TYR E 102 -64.36 11.46 -22.52
C TYR E 102 -65.17 10.86 -23.69
N ARG E 103 -65.03 11.48 -24.88
CA ARG E 103 -65.61 11.05 -26.15
C ARG E 103 -64.46 10.61 -27.10
N SER E 104 -64.77 10.07 -28.29
CA SER E 104 -63.74 9.61 -29.23
C SER E 104 -62.76 10.71 -29.70
N GLU E 105 -63.17 11.99 -29.66
CA GLU E 105 -62.28 13.09 -30.06
C GLU E 105 -61.14 13.33 -29.04
N ASN E 106 -61.23 12.74 -27.84
CA ASN E 106 -60.20 12.83 -26.81
C ASN E 106 -59.19 11.67 -26.91
N CYS E 107 -59.61 10.52 -27.47
CA CYS E 107 -58.78 9.32 -27.58
C CYS E 107 -58.25 9.07 -28.99
N LEU E 108 -57.45 8.02 -29.18
CA LEU E 108 -56.89 7.64 -30.48
C LEU E 108 -57.54 6.33 -30.91
N CYS E 109 -57.82 6.18 -32.20
CA CYS E 109 -58.44 4.95 -32.70
C CYS E 109 -57.39 4.08 -33.36
N VAL E 110 -57.32 2.82 -32.95
CA VAL E 110 -56.34 1.88 -33.48
C VAL E 110 -56.54 1.60 -34.96
N GLN E 111 -57.79 1.41 -35.39
CA GLN E 111 -58.16 1.18 -36.79
C GLN E 111 -57.73 2.36 -37.67
N ASN E 112 -57.81 3.59 -37.13
CA ASN E 112 -57.37 4.80 -37.83
C ASN E 112 -55.86 4.76 -38.04
N ILE E 113 -55.09 4.27 -37.04
CA ILE E 113 -53.65 4.13 -37.12
C ILE E 113 -53.30 3.11 -38.21
N LEU E 114 -54.01 1.98 -38.20
CA LEU E 114 -53.83 0.90 -39.17
C LEU E 114 -53.99 1.38 -40.60
N LYS E 115 -54.95 2.30 -40.84
CA LYS E 115 -55.19 2.89 -42.15
C LYS E 115 -53.91 3.55 -42.68
N LEU E 116 -53.31 4.43 -41.86
CA LEU E 116 -52.09 5.14 -42.20
C LEU E 116 -50.91 4.19 -42.44
N MET E 117 -50.85 3.09 -41.67
CA MET E 117 -49.81 2.07 -41.78
C MET E 117 -49.91 1.32 -43.12
N GLN E 118 -51.13 0.95 -43.53
CA GLN E 118 -51.34 0.23 -44.79
C GLN E 118 -50.91 1.09 -45.98
N GLU E 119 -51.18 2.42 -45.90
CA GLU E 119 -50.79 3.41 -46.91
C GLU E 119 -49.29 3.35 -47.17
N LYS E 120 -48.47 3.26 -46.09
CA LYS E 120 -47.00 3.16 -46.18
C LYS E 120 -46.51 1.85 -46.84
N GLU E 121 -47.40 0.87 -47.00
CA GLU E 121 -47.18 -0.44 -47.64
C GLU E 121 -46.32 -1.38 -46.83
N THR E 122 -46.49 -1.32 -45.51
CA THR E 122 -45.84 -2.18 -44.53
C THR E 122 -46.06 -3.68 -44.86
N GLY E 123 -45.05 -4.49 -44.56
CA GLY E 123 -45.08 -5.92 -44.78
C GLY E 123 -45.86 -6.67 -43.71
N LEU E 124 -45.94 -6.10 -42.51
CA LEU E 124 -46.65 -6.68 -41.37
C LEU E 124 -47.04 -5.58 -40.37
N ASN E 125 -48.30 -5.57 -39.94
CA ASN E 125 -48.82 -4.64 -38.95
C ASN E 125 -49.26 -5.47 -37.74
N VAL E 126 -48.69 -5.20 -36.56
CA VAL E 126 -49.01 -5.92 -35.33
C VAL E 126 -49.42 -4.90 -34.29
N PHE E 127 -50.57 -5.10 -33.66
CA PHE E 127 -51.03 -4.21 -32.61
C PHE E 127 -51.26 -5.03 -31.39
N LEU E 128 -50.45 -4.80 -30.34
CA LEU E 128 -50.59 -5.48 -29.06
C LEU E 128 -51.27 -4.49 -28.14
N LEU E 129 -52.56 -4.69 -27.87
CA LEU E 129 -53.36 -3.75 -27.07
C LEU E 129 -53.66 -4.26 -25.70
N ASP E 130 -52.96 -3.72 -24.72
CA ASP E 130 -53.06 -4.07 -23.30
C ASP E 130 -54.03 -3.13 -22.55
N MET E 131 -55.27 -3.05 -23.00
CA MET E 131 -56.25 -2.15 -22.41
C MET E 131 -57.59 -2.87 -22.12
N CYS E 132 -58.52 -2.22 -21.40
CA CYS E 132 -59.84 -2.80 -21.18
C CYS E 132 -60.67 -2.55 -22.42
N ARG E 133 -61.53 -3.52 -22.77
CA ARG E 133 -62.35 -3.39 -23.98
C ARG E 133 -63.82 -3.25 -23.68
N LYS E 134 -64.15 -2.49 -22.63
CA LYS E 134 -65.54 -2.23 -22.28
C LYS E 134 -66.09 -1.02 -23.06
N ARG E 135 -67.42 -0.86 -23.08
CA ARG E 135 -68.04 0.22 -23.86
C ARG E 135 -68.18 1.53 -23.09
N ASN E 136 -68.13 2.62 -23.83
CA ASN E 136 -68.29 3.97 -23.32
C ASN E 136 -69.70 4.41 -23.64
N ASP E 137 -70.59 4.44 -22.63
CA ASP E 137 -71.97 4.87 -22.81
C ASP E 137 -72.01 6.34 -23.24
N TYR E 138 -71.13 7.17 -22.67
CA TYR E 138 -71.02 8.59 -23.00
C TYR E 138 -70.72 8.85 -24.47
N ASP E 139 -69.87 8.01 -25.09
CA ASP E 139 -69.52 8.20 -26.50
C ASP E 139 -70.71 8.02 -27.46
N ASP E 140 -71.34 9.13 -27.85
CA ASP E 140 -72.50 9.13 -28.74
C ASP E 140 -72.13 9.11 -30.23
N THR E 141 -70.92 9.58 -30.58
CA THR E 141 -70.50 9.60 -31.98
C THR E 141 -70.18 8.18 -32.45
N ILE E 142 -70.93 7.71 -33.47
CA ILE E 142 -70.73 6.41 -34.09
C ILE E 142 -69.98 6.69 -35.37
N PRO E 143 -68.64 6.68 -35.34
CA PRO E 143 -67.87 7.06 -36.53
C PRO E 143 -67.78 5.94 -37.56
N ILE E 144 -67.99 6.31 -38.82
CA ILE E 144 -67.90 5.36 -39.91
C ILE E 144 -66.59 5.58 -40.63
N LEU E 145 -65.54 4.87 -40.17
CA LEU E 145 -64.24 4.95 -40.82
C LEU E 145 -64.29 4.03 -42.04
N ASP E 146 -63.71 4.49 -43.17
CA ASP E 146 -63.71 3.77 -44.45
C ASP E 146 -63.24 2.30 -44.38
N ALA E 147 -63.50 1.53 -45.44
CA ALA E 147 -63.11 0.14 -45.50
C ALA E 147 -61.59 0.00 -45.60
N LEU E 148 -61.00 -0.85 -44.76
CA LEU E 148 -59.56 -1.09 -44.81
C LEU E 148 -59.21 -1.96 -46.02
N LYS E 149 -58.03 -1.75 -46.61
CA LYS E 149 -57.61 -2.55 -47.77
C LYS E 149 -57.29 -3.99 -47.36
N VAL E 150 -57.51 -4.95 -48.28
CA VAL E 150 -57.16 -6.34 -48.00
C VAL E 150 -55.66 -6.50 -48.25
N THR E 151 -54.89 -6.43 -47.17
CA THR E 151 -53.45 -6.55 -47.24
C THR E 151 -52.95 -7.87 -46.64
N ALA E 152 -53.82 -8.66 -45.95
CA ALA E 152 -53.54 -9.95 -45.31
C ALA E 152 -52.19 -10.00 -44.58
N ASN E 153 -51.91 -8.93 -43.81
CA ASN E 153 -50.68 -8.75 -43.05
C ASN E 153 -50.94 -8.17 -41.67
N ILE E 154 -52.17 -8.25 -41.16
CA ILE E 154 -52.51 -7.66 -39.87
C ILE E 154 -52.75 -8.71 -38.83
N VAL E 155 -52.15 -8.49 -37.66
CA VAL E 155 -52.28 -9.34 -36.49
C VAL E 155 -52.60 -8.45 -35.31
N PHE E 156 -53.64 -8.79 -34.56
CA PHE E 156 -54.08 -8.04 -33.40
C PHE E 156 -54.04 -8.92 -32.20
N GLY E 157 -53.31 -8.51 -31.19
CA GLY E 157 -53.21 -9.24 -29.93
C GLY E 157 -53.85 -8.44 -28.83
N TYR E 158 -55.17 -8.49 -28.69
CA TYR E 158 -55.91 -7.77 -27.65
C TYR E 158 -55.69 -8.54 -26.38
N ALA E 159 -55.13 -7.93 -25.33
CA ALA E 159 -54.90 -8.60 -24.04
C ALA E 159 -56.15 -9.28 -23.48
N THR E 160 -57.31 -8.66 -23.72
CA THR E 160 -58.59 -9.14 -23.25
C THR E 160 -59.63 -9.14 -24.38
N CYS E 161 -60.71 -9.87 -24.17
CA CYS E 161 -61.79 -9.98 -25.13
C CYS E 161 -62.73 -8.78 -25.11
N GLN E 162 -63.68 -8.71 -26.06
CA GLN E 162 -64.63 -7.60 -26.11
C GLN E 162 -65.50 -7.60 -24.86
N GLY E 163 -65.90 -6.40 -24.42
CA GLY E 163 -66.68 -6.20 -23.22
C GLY E 163 -66.04 -6.72 -21.95
N ALA E 164 -64.69 -6.84 -21.92
CA ALA E 164 -64.00 -7.39 -20.76
C ALA E 164 -62.85 -6.49 -20.24
N GLU E 165 -62.41 -6.73 -19.00
CA GLU E 165 -61.34 -5.98 -18.41
C GLU E 165 -59.99 -6.72 -18.55
N ALA E 166 -58.90 -5.96 -18.64
CA ALA E 166 -57.54 -6.50 -18.71
C ALA E 166 -56.89 -6.17 -17.37
N PHE E 167 -56.25 -7.15 -16.72
CA PHE E 167 -55.71 -6.94 -15.38
C PHE E 167 -54.17 -6.91 -15.24
N GLU E 168 -53.72 -6.33 -14.13
CA GLU E 168 -52.34 -6.28 -13.70
C GLU E 168 -52.28 -6.60 -12.19
N ILE E 169 -51.11 -6.99 -11.69
CA ILE E 169 -50.95 -7.29 -10.25
C ILE E 169 -50.87 -5.96 -9.47
N GLN E 170 -51.65 -5.87 -8.38
CA GLN E 170 -51.83 -4.66 -7.57
C GLN E 170 -50.80 -4.43 -6.46
N HIS E 171 -50.60 -5.40 -5.55
CA HIS E 171 -49.71 -5.18 -4.42
C HIS E 171 -48.34 -5.83 -4.53
N SER E 172 -47.88 -6.06 -5.76
CA SER E 172 -46.55 -6.60 -5.97
C SER E 172 -45.75 -5.53 -6.70
N GLY E 173 -44.73 -5.02 -6.05
CA GLY E 173 -43.89 -3.98 -6.63
C GLY E 173 -43.05 -4.54 -7.76
N LEU E 174 -42.77 -3.71 -8.77
CA LEU E 174 -41.95 -4.06 -9.92
C LEU E 174 -42.44 -5.34 -10.60
N ALA E 175 -43.77 -5.51 -10.66
CA ALA E 175 -44.40 -6.68 -11.29
C ALA E 175 -45.04 -6.31 -12.62
N ASN E 176 -45.30 -7.32 -13.47
CA ASN E 176 -45.90 -7.16 -14.80
C ASN E 176 -47.41 -7.25 -14.77
N GLY E 177 -48.05 -6.83 -15.85
CA GLY E 177 -49.46 -7.07 -16.08
C GLY E 177 -49.62 -8.51 -16.58
N ILE E 178 -50.83 -9.08 -16.52
CA ILE E 178 -51.04 -10.47 -16.97
C ILE E 178 -50.63 -10.72 -18.47
N PHE E 179 -50.99 -9.80 -19.41
CA PHE E 179 -50.61 -9.96 -20.82
C PHE E 179 -49.11 -9.97 -21.00
N MET E 180 -48.41 -9.00 -20.44
CA MET E 180 -46.95 -8.93 -20.60
C MET E 180 -46.22 -10.04 -19.84
N LYS E 181 -46.81 -10.56 -18.75
CA LYS E 181 -46.25 -11.65 -17.97
C LYS E 181 -46.04 -12.88 -18.85
N PHE E 182 -47.05 -13.21 -19.65
CA PHE E 182 -47.02 -14.38 -20.53
C PHE E 182 -46.39 -14.14 -21.86
N LEU E 183 -46.51 -12.93 -22.40
CA LEU E 183 -45.96 -12.59 -23.70
C LEU E 183 -44.44 -12.53 -23.70
N LYS E 184 -43.84 -12.12 -22.57
CA LYS E 184 -42.38 -12.02 -22.50
C LYS E 184 -41.68 -13.38 -22.56
N ASP E 185 -42.34 -14.45 -22.13
CA ASP E 185 -41.76 -15.79 -22.19
C ASP E 185 -41.80 -16.40 -23.61
N ARG E 186 -42.56 -15.77 -24.55
CA ARG E 186 -42.74 -16.32 -25.89
C ARG E 186 -42.21 -15.49 -27.05
N LEU E 187 -42.16 -14.18 -26.89
CA LEU E 187 -41.73 -13.22 -27.91
C LEU E 187 -40.45 -13.54 -28.70
N LEU E 188 -39.41 -14.12 -28.08
CA LEU E 188 -38.16 -14.41 -28.80
C LEU E 188 -38.16 -15.71 -29.63
N GLU E 189 -39.24 -16.52 -29.55
CA GLU E 189 -39.36 -17.76 -30.32
C GLU E 189 -39.45 -17.46 -31.82
N ASP E 190 -38.90 -18.36 -32.68
CA ASP E 190 -38.98 -18.13 -34.13
C ASP E 190 -40.16 -18.91 -34.69
N LYS E 191 -41.34 -18.33 -34.53
CA LYS E 191 -42.63 -18.89 -34.95
C LYS E 191 -43.48 -17.77 -35.53
N LYS E 192 -44.42 -18.08 -36.46
CA LYS E 192 -45.37 -17.08 -36.99
C LYS E 192 -46.08 -16.34 -35.83
N ILE E 193 -46.17 -15.00 -35.90
CA ILE E 193 -46.72 -14.18 -34.81
C ILE E 193 -48.11 -14.66 -34.32
N THR E 194 -48.96 -15.17 -35.21
CA THR E 194 -50.27 -15.66 -34.83
C THR E 194 -50.19 -16.91 -33.95
N VAL E 195 -49.19 -17.77 -34.18
CA VAL E 195 -48.92 -18.99 -33.41
C VAL E 195 -48.31 -18.63 -32.06
N LEU E 196 -47.54 -17.54 -31.99
CA LEU E 196 -46.93 -17.03 -30.76
C LEU E 196 -48.06 -16.61 -29.82
N LEU E 197 -48.93 -15.69 -30.26
CA LEU E 197 -50.10 -15.23 -29.49
C LEU E 197 -51.07 -16.36 -29.17
N ASP E 198 -51.09 -17.42 -29.97
CA ASP E 198 -51.89 -18.62 -29.79
C ASP E 198 -51.34 -19.35 -28.54
N GLU E 199 -50.01 -19.50 -28.46
CA GLU E 199 -49.36 -20.13 -27.31
C GLU E 199 -49.48 -19.26 -26.05
N VAL E 200 -49.33 -17.92 -26.19
CA VAL E 200 -49.49 -16.98 -25.10
C VAL E 200 -50.89 -17.11 -24.51
N ALA E 201 -51.92 -17.24 -25.35
CA ALA E 201 -53.31 -17.37 -24.90
C ALA E 201 -53.52 -18.61 -24.06
N GLU E 202 -52.86 -19.73 -24.45
CA GLU E 202 -52.96 -20.99 -23.71
C GLU E 202 -52.30 -20.86 -22.34
N ASP E 203 -51.19 -20.11 -22.25
CA ASP E 203 -50.49 -19.84 -21.00
C ASP E 203 -51.39 -19.02 -20.08
N MET E 204 -52.11 -18.04 -20.65
CA MET E 204 -53.03 -17.19 -19.89
C MET E 204 -54.29 -17.92 -19.40
N GLY E 205 -54.64 -19.00 -20.08
CA GLY E 205 -55.78 -19.83 -19.69
C GLY E 205 -55.48 -20.70 -18.49
N LYS E 206 -54.18 -21.00 -18.26
CA LYS E 206 -53.70 -21.75 -17.11
C LYS E 206 -53.55 -20.84 -15.88
N CYS E 207 -53.44 -19.50 -16.07
CA CYS E 207 -53.31 -18.54 -14.96
C CYS E 207 -54.58 -18.47 -14.19
N HIS E 208 -54.46 -18.76 -12.91
CA HIS E 208 -55.60 -18.80 -12.01
C HIS E 208 -56.09 -17.43 -11.56
N LEU E 209 -55.24 -16.39 -11.66
CA LEU E 209 -55.63 -15.04 -11.20
C LEU E 209 -56.83 -14.45 -11.93
N THR E 210 -56.86 -14.55 -13.27
CA THR E 210 -57.96 -13.98 -14.04
C THR E 210 -58.66 -14.99 -14.96
N LYS E 211 -58.62 -16.28 -14.62
CA LYS E 211 -59.26 -17.35 -15.40
C LYS E 211 -60.78 -17.16 -15.43
N GLY E 212 -61.30 -16.64 -16.53
CA GLY E 212 -62.72 -16.36 -16.64
C GLY E 212 -63.09 -14.90 -16.47
N LYS E 213 -62.08 -14.04 -16.27
CA LYS E 213 -62.21 -12.60 -16.07
C LYS E 213 -61.55 -11.90 -17.27
N GLN E 214 -60.33 -12.36 -17.63
CA GLN E 214 -59.54 -11.85 -18.75
C GLN E 214 -59.00 -13.03 -19.60
N ALA E 215 -59.21 -12.98 -20.93
CA ALA E 215 -58.75 -14.01 -21.87
C ALA E 215 -58.23 -13.33 -23.11
N LEU E 216 -57.13 -13.84 -23.64
CA LEU E 216 -56.48 -13.26 -24.81
C LEU E 216 -57.26 -13.43 -26.08
N GLU E 217 -57.42 -12.36 -26.86
CA GLU E 217 -58.14 -12.42 -28.13
C GLU E 217 -57.24 -11.99 -29.27
N ILE E 218 -57.14 -12.84 -30.29
CA ILE E 218 -56.32 -12.60 -31.46
C ILE E 218 -57.20 -12.36 -32.68
N ARG E 219 -56.81 -11.42 -33.58
CA ARG E 219 -57.50 -11.17 -34.86
C ARG E 219 -56.47 -11.08 -35.97
N SER E 220 -56.42 -12.08 -36.83
CA SER E 220 -55.44 -12.14 -37.90
C SER E 220 -56.01 -12.27 -39.31
N SER E 221 -55.45 -11.45 -40.22
CA SER E 221 -55.62 -11.49 -41.67
C SER E 221 -54.38 -12.16 -42.27
N LEU E 222 -53.20 -12.07 -41.60
CA LEU E 222 -51.91 -12.62 -41.96
C LEU E 222 -51.92 -13.95 -42.71
N SER E 223 -51.77 -13.89 -44.04
CA SER E 223 -51.71 -15.08 -44.85
C SER E 223 -50.26 -15.56 -44.91
N GLU E 224 -49.31 -14.65 -45.12
CA GLU E 224 -47.88 -14.96 -45.19
C GLU E 224 -47.33 -15.42 -43.82
N LYS E 225 -46.38 -16.37 -43.80
CA LYS E 225 -45.77 -16.95 -42.59
C LYS E 225 -44.71 -16.03 -41.97
N ARG E 226 -45.12 -14.82 -41.57
CA ARG E 226 -44.22 -13.84 -41.02
C ARG E 226 -44.15 -13.89 -39.49
N ALA E 227 -43.02 -13.39 -38.94
CA ALA E 227 -42.70 -13.42 -37.52
C ALA E 227 -41.89 -12.20 -37.06
N LEU E 228 -41.88 -11.90 -35.75
CA LEU E 228 -41.11 -10.78 -35.23
C LEU E 228 -39.60 -11.00 -35.45
N THR E 229 -39.14 -12.25 -35.36
CA THR E 229 -37.76 -12.67 -35.52
C THR E 229 -37.20 -12.58 -36.94
N ASP E 230 -38.06 -12.46 -37.96
CA ASP E 230 -37.65 -12.43 -39.38
C ASP E 230 -36.43 -11.53 -39.66
N PRO E 231 -35.51 -11.97 -40.54
CA PRO E 231 -34.29 -11.15 -40.79
C PRO E 231 -34.49 -9.90 -41.66
N ILE E 232 -33.73 -8.85 -41.38
CA ILE E 232 -33.83 -7.61 -42.15
C ILE E 232 -33.04 -7.67 -43.47
N GLN E 233 -33.74 -7.40 -44.59
CA GLN E 233 -33.21 -7.38 -45.96
C GLN E 233 -32.24 -6.18 -46.14
N GLU E 240 -31.13 4.43 -49.73
CA GLU E 240 -32.29 5.16 -49.20
C GLU E 240 -32.71 4.70 -47.76
N SER E 241 -32.04 3.67 -47.21
CA SER E 241 -32.31 3.22 -45.86
C SER E 241 -31.73 4.19 -44.80
N LEU E 242 -30.70 4.98 -45.17
CA LEU E 242 -30.03 5.93 -44.28
C LEU E 242 -30.86 7.16 -43.90
N VAL E 243 -31.85 7.55 -44.73
CA VAL E 243 -32.71 8.72 -44.48
C VAL E 243 -33.55 8.59 -43.20
N ARG E 244 -34.19 7.44 -43.00
CA ARG E 244 -35.00 7.19 -41.80
C ARG E 244 -34.14 6.68 -40.64
N ASN E 245 -33.06 5.93 -40.94
CA ASN E 245 -32.15 5.40 -39.93
C ASN E 245 -31.47 6.53 -39.14
N LEU E 246 -31.14 7.64 -39.80
CA LEU E 246 -30.51 8.77 -39.12
C LEU E 246 -31.51 9.52 -38.23
N GLN E 247 -32.78 9.57 -38.63
CA GLN E 247 -33.84 10.23 -37.85
C GLN E 247 -34.13 9.46 -36.56
N TRP E 248 -33.99 8.13 -36.59
CA TRP E 248 -34.23 7.31 -35.40
C TRP E 248 -33.04 7.42 -34.43
N ALA E 249 -31.82 7.41 -34.98
CA ALA E 249 -30.58 7.50 -34.20
C ALA E 249 -30.49 8.79 -33.37
N LYS E 250 -31.08 9.87 -33.89
CA LYS E 250 -31.09 11.17 -33.23
C LYS E 250 -32.05 11.23 -32.03
N ALA E 251 -33.11 10.41 -32.05
CA ALA E 251 -34.09 10.41 -30.95
C ALA E 251 -33.67 9.56 -29.73
N HIS E 252 -32.50 8.92 -29.78
CA HIS E 252 -32.01 8.11 -28.66
C HIS E 252 -30.67 8.60 -28.14
N GLU E 253 -30.31 9.88 -28.36
CA GLU E 253 -29.03 10.42 -27.93
C GLU E 253 -29.05 11.03 -26.52
N LEU E 254 -28.26 10.47 -25.60
CA LEU E 254 -28.17 10.99 -24.24
C LEU E 254 -27.13 12.11 -24.16
N PRO E 255 -27.35 13.12 -23.28
CA PRO E 255 -26.36 14.19 -23.13
C PRO E 255 -25.00 13.69 -22.65
N GLU E 256 -23.96 14.49 -22.87
CA GLU E 256 -22.61 14.12 -22.47
C GLU E 256 -22.40 14.34 -20.99
N SER E 257 -21.69 13.40 -20.32
CA SER E 257 -21.38 13.52 -18.90
C SER E 257 -20.46 14.73 -18.70
N MET E 258 -20.76 15.62 -17.73
CA MET E 258 -19.95 16.83 -17.56
C MET E 258 -19.47 17.12 -16.16
N CYS E 259 -18.22 17.63 -16.07
CA CYS E 259 -17.57 17.98 -14.82
C CYS E 259 -17.44 19.48 -14.69
N LEU E 260 -18.36 20.10 -13.94
CA LEU E 260 -18.35 21.53 -13.68
C LEU E 260 -17.26 21.90 -12.68
N LYS E 261 -16.84 23.16 -12.71
CA LYS E 261 -15.85 23.67 -11.78
C LYS E 261 -16.39 24.97 -11.23
N PHE E 262 -16.68 25.01 -9.94
CA PHE E 262 -17.19 26.23 -9.30
C PHE E 262 -16.01 27.16 -8.95
N ASP E 263 -16.30 28.44 -8.66
CA ASP E 263 -15.23 29.39 -8.32
C ASP E 263 -14.51 28.99 -7.05
N CYS E 264 -15.25 28.46 -6.05
CA CYS E 264 -14.65 28.02 -4.78
C CYS E 264 -13.69 26.83 -4.91
N GLY E 265 -13.58 26.23 -6.09
CA GLY E 265 -12.69 25.11 -6.32
C GLY E 265 -13.39 23.77 -6.42
N VAL E 266 -14.56 23.65 -5.77
CA VAL E 266 -15.37 22.44 -5.78
C VAL E 266 -15.73 22.04 -7.22
N GLN E 267 -15.66 20.76 -7.55
CA GLN E 267 -15.99 20.28 -8.88
C GLN E 267 -17.09 19.22 -8.77
N ILE E 268 -18.17 19.36 -9.57
CA ILE E 268 -19.30 18.44 -9.55
C ILE E 268 -19.44 17.75 -10.89
N GLN E 269 -19.75 16.45 -10.87
CA GLN E 269 -19.95 15.64 -12.08
C GLN E 269 -21.41 15.26 -12.25
N LEU E 270 -22.01 15.72 -13.36
CA LEU E 270 -23.39 15.46 -13.78
C LEU E 270 -23.38 14.27 -14.71
N GLY E 271 -24.30 13.35 -14.52
CA GLY E 271 -24.41 12.18 -15.38
C GLY E 271 -25.83 11.94 -15.85
N PHE E 272 -25.99 11.38 -17.05
CA PHE E 272 -27.33 11.19 -17.61
C PHE E 272 -27.60 9.75 -18.02
N ALA E 273 -28.72 9.20 -17.56
CA ALA E 273 -29.13 7.83 -17.85
C ALA E 273 -30.49 7.82 -18.55
N ALA E 274 -30.76 6.83 -19.42
CA ALA E 274 -32.05 6.76 -20.12
C ALA E 274 -32.89 5.64 -19.58
N GLU E 275 -34.19 5.89 -19.39
CA GLU E 275 -35.13 4.90 -18.89
C GLU E 275 -36.15 4.56 -19.98
N PHE E 276 -36.69 5.59 -20.62
CA PHE E 276 -37.64 5.59 -21.72
C PHE E 276 -37.23 6.71 -22.68
N SER E 277 -37.85 6.83 -23.85
CA SER E 277 -37.50 7.89 -24.81
C SER E 277 -37.86 9.28 -24.25
N ASN E 278 -38.91 9.38 -23.43
CA ASN E 278 -39.28 10.65 -22.81
C ASN E 278 -38.89 10.73 -21.31
N VAL E 279 -38.06 9.78 -20.83
CA VAL E 279 -37.62 9.75 -19.44
C VAL E 279 -36.11 9.59 -19.34
N MET E 280 -35.47 10.51 -18.63
CA MET E 280 -34.04 10.49 -18.42
C MET E 280 -33.78 10.76 -16.96
N ILE E 281 -32.72 10.14 -16.40
CA ILE E 281 -32.30 10.30 -15.01
C ILE E 281 -31.05 11.17 -14.99
N ILE E 282 -30.99 12.12 -14.06
CA ILE E 282 -29.78 12.94 -13.90
C ILE E 282 -29.18 12.63 -12.54
N TYR E 283 -27.83 12.56 -12.44
CA TYR E 283 -27.18 12.35 -11.15
C TYR E 283 -26.04 13.30 -10.90
N THR E 284 -25.88 13.72 -9.65
CA THR E 284 -24.78 14.60 -9.29
C THR E 284 -23.88 13.96 -8.26
N SER E 285 -22.58 14.20 -8.41
CA SER E 285 -21.57 13.69 -7.50
C SER E 285 -20.44 14.71 -7.34
N ILE E 286 -19.93 14.89 -6.11
CA ILE E 286 -18.83 15.81 -5.88
C ILE E 286 -17.55 15.03 -6.14
N VAL E 287 -16.90 15.27 -7.29
CA VAL E 287 -15.65 14.57 -7.59
C VAL E 287 -14.52 15.18 -6.75
N TYR E 288 -14.29 16.51 -6.90
CA TYR E 288 -13.27 17.24 -6.17
C TYR E 288 -13.88 18.27 -5.20
N LYS E 289 -13.18 18.51 -4.09
CA LYS E 289 -13.53 19.45 -3.03
C LYS E 289 -12.22 19.89 -2.40
N PRO E 290 -11.98 21.20 -2.22
CA PRO E 290 -10.71 21.64 -1.59
C PRO E 290 -10.69 21.45 -0.07
N PRO E 291 -9.50 21.41 0.54
CA PRO E 291 -9.45 21.23 2.02
C PRO E 291 -10.13 22.34 2.83
N GLU E 292 -10.10 23.58 2.31
CA GLU E 292 -10.70 24.77 2.91
C GLU E 292 -12.20 24.61 3.17
N ILE E 293 -12.89 23.89 2.28
CA ILE E 293 -14.32 23.65 2.39
C ILE E 293 -14.47 22.41 3.24
N ILE E 294 -15.16 22.53 4.36
CA ILE E 294 -15.33 21.40 5.27
C ILE E 294 -16.56 20.57 4.96
N MET E 295 -17.62 21.20 4.40
CA MET E 295 -18.88 20.51 4.13
C MET E 295 -19.65 21.18 3.01
N CYS E 296 -20.29 20.39 2.14
CA CYS E 296 -21.11 20.89 1.06
C CYS E 296 -21.99 19.81 0.46
N ASP E 297 -23.15 20.23 -0.07
CA ASP E 297 -24.12 19.36 -0.74
C ASP E 297 -24.53 20.06 -2.03
N ALA E 298 -24.54 19.32 -3.14
CA ALA E 298 -24.92 19.86 -4.45
C ALA E 298 -26.38 19.54 -4.76
N TYR E 299 -27.10 20.50 -5.34
CA TYR E 299 -28.51 20.34 -5.67
C TYR E 299 -28.78 20.67 -7.15
N VAL E 300 -29.96 20.32 -7.66
CA VAL E 300 -30.35 20.59 -9.05
C VAL E 300 -31.76 21.21 -9.04
N THR E 301 -31.92 22.37 -9.68
CA THR E 301 -33.21 23.09 -9.73
C THR E 301 -33.36 23.86 -11.08
N ASP E 302 -34.47 24.63 -11.27
CA ASP E 302 -34.73 25.46 -12.44
C ASP E 302 -34.93 24.68 -13.73
N PHE E 303 -35.69 23.59 -13.65
CA PHE E 303 -36.02 22.81 -14.85
C PHE E 303 -37.27 23.48 -15.44
N PRO E 304 -37.35 23.60 -16.78
CA PRO E 304 -38.51 24.25 -17.40
C PRO E 304 -39.89 24.05 -16.74
N LEU E 305 -40.71 25.11 -16.75
CA LEU E 305 -42.05 25.13 -16.16
C LEU E 305 -42.99 24.07 -16.74
N ASP E 306 -42.81 23.73 -18.02
CA ASP E 306 -43.66 22.76 -18.70
C ASP E 306 -43.39 21.33 -18.24
N LEU E 307 -42.12 20.98 -17.92
CA LEU E 307 -41.84 19.62 -17.43
C LEU E 307 -42.53 19.38 -16.08
N ASP E 308 -42.55 20.41 -15.21
CA ASP E 308 -43.13 20.41 -13.87
C ASP E 308 -42.59 19.28 -13.00
N ILE E 309 -41.36 19.46 -12.54
CA ILE E 309 -40.70 18.50 -11.68
C ILE E 309 -41.18 18.73 -10.25
N ASP E 310 -41.51 17.65 -9.51
CA ASP E 310 -41.90 17.76 -8.11
C ASP E 310 -40.61 17.99 -7.34
N PRO E 311 -40.42 19.15 -6.68
CA PRO E 311 -39.14 19.38 -5.96
C PRO E 311 -38.84 18.36 -4.87
N LYS E 312 -39.87 17.64 -4.38
CA LYS E 312 -39.68 16.61 -3.36
C LYS E 312 -39.16 15.34 -4.01
N ASP E 313 -39.66 14.99 -5.23
CA ASP E 313 -39.24 13.79 -5.97
C ASP E 313 -38.02 14.00 -6.89
N ALA E 314 -37.18 14.99 -6.53
CA ALA E 314 -35.92 15.34 -7.19
C ALA E 314 -34.83 15.42 -6.12
N ASN E 315 -33.56 15.17 -6.50
CA ASN E 315 -32.42 15.14 -5.58
C ASN E 315 -32.66 14.14 -4.46
N LYS E 316 -32.67 12.86 -4.83
CA LYS E 316 -32.92 11.79 -3.89
C LYS E 316 -31.68 10.97 -3.61
N GLY E 317 -31.69 10.29 -2.46
CA GLY E 317 -30.59 9.45 -2.03
C GLY E 317 -30.39 8.21 -2.89
N THR E 318 -31.48 7.71 -3.46
CA THR E 318 -31.46 6.53 -4.34
C THR E 318 -32.29 6.80 -5.60
N PRO E 319 -32.04 6.08 -6.71
CA PRO E 319 -32.90 6.23 -7.90
C PRO E 319 -34.33 5.75 -7.63
N GLU E 320 -34.52 4.83 -6.66
CA GLU E 320 -35.83 4.30 -6.30
C GLU E 320 -36.75 5.35 -5.68
N GLU E 321 -36.20 6.42 -5.11
CA GLU E 321 -37.05 7.47 -4.51
C GLU E 321 -37.57 8.50 -5.53
N THR E 322 -37.10 8.42 -6.79
CA THR E 322 -37.49 9.34 -7.87
C THR E 322 -38.68 8.85 -8.72
N GLY E 323 -38.98 7.56 -8.63
CA GLY E 323 -40.03 6.91 -9.40
C GLY E 323 -39.52 5.99 -10.49
N SER E 324 -38.18 5.85 -10.57
CA SER E 324 -37.47 5.07 -11.57
C SER E 324 -37.65 3.53 -11.46
N TYR E 325 -37.45 2.87 -12.60
CA TYR E 325 -37.44 1.43 -12.77
C TYR E 325 -36.09 0.89 -12.23
N LEU E 326 -34.99 1.66 -12.44
CA LEU E 326 -33.64 1.34 -12.00
C LEU E 326 -33.47 1.54 -10.48
N HIS E 334 -23.07 6.64 -5.47
CA HIS E 334 -23.38 7.44 -4.29
C HIS E 334 -23.68 8.89 -4.67
N CYS E 335 -24.63 9.07 -5.57
CA CYS E 335 -25.00 10.36 -6.14
C CYS E 335 -26.34 10.91 -5.57
N LEU E 336 -26.91 11.96 -6.22
CA LEU E 336 -28.22 12.54 -5.94
C LEU E 336 -28.96 12.44 -7.26
N TYR E 337 -30.07 11.72 -7.30
CA TYR E 337 -30.76 11.40 -8.54
C TYR E 337 -32.02 12.19 -8.78
N THR E 338 -32.31 12.51 -10.04
CA THR E 338 -33.50 13.29 -10.40
C THR E 338 -34.16 12.71 -11.65
N ARG E 339 -35.49 12.46 -11.62
CA ARG E 339 -36.17 11.87 -12.77
C ARG E 339 -36.90 12.89 -13.63
N LEU E 340 -36.37 13.15 -14.83
CA LEU E 340 -36.99 14.06 -15.79
C LEU E 340 -37.86 13.25 -16.73
N SER E 341 -39.13 13.01 -16.35
CA SER E 341 -40.09 12.21 -17.10
C SER E 341 -41.13 13.04 -17.85
N SER E 342 -40.73 13.63 -19.01
CA SER E 342 -41.58 14.49 -19.84
C SER E 342 -40.78 15.20 -20.92
N LEU E 343 -39.69 14.57 -21.41
CA LEU E 343 -38.83 15.16 -22.44
C LEU E 343 -39.56 15.47 -23.76
N GLN E 344 -40.74 14.86 -23.98
CA GLN E 344 -41.58 15.13 -25.16
C GLN E 344 -42.24 16.53 -25.07
N LYS E 345 -42.45 17.03 -23.82
CA LYS E 345 -43.02 18.34 -23.55
C LYS E 345 -42.00 19.48 -23.73
N LEU E 346 -40.73 19.18 -24.05
CA LEU E 346 -39.70 20.21 -24.15
C LEU E 346 -39.93 21.21 -25.27
N LYS E 347 -40.23 22.46 -24.88
CA LYS E 347 -40.48 23.55 -25.80
C LYS E 347 -39.18 24.07 -26.45
N GLU E 348 -38.07 24.04 -25.71
CA GLU E 348 -36.78 24.53 -26.24
C GLU E 348 -35.60 23.69 -25.69
N HIS E 349 -34.41 24.29 -25.53
CA HIS E 349 -33.22 23.63 -25.00
C HIS E 349 -33.40 23.28 -23.51
N LEU E 350 -32.77 22.19 -23.04
CA LEU E 350 -32.86 21.83 -21.62
C LEU E 350 -31.87 22.66 -20.83
N VAL E 351 -32.40 23.58 -20.01
CA VAL E 351 -31.57 24.43 -19.18
C VAL E 351 -32.03 24.39 -17.73
N PHE E 352 -31.16 23.93 -16.84
CA PHE E 352 -31.39 23.88 -15.39
C PHE E 352 -30.16 24.43 -14.64
N THR E 353 -30.29 24.71 -13.33
CA THR E 353 -29.17 25.21 -12.54
C THR E 353 -28.71 24.16 -11.54
N VAL E 354 -27.37 24.04 -11.40
CA VAL E 354 -26.71 23.16 -10.45
C VAL E 354 -26.29 24.06 -9.30
N CYS E 355 -26.86 23.84 -8.13
CA CYS E 355 -26.58 24.63 -6.93
C CYS E 355 -25.56 23.97 -6.04
N LEU E 356 -24.83 24.77 -5.28
CA LEU E 356 -23.84 24.26 -4.35
C LEU E 356 -23.97 25.01 -3.04
N SER E 357 -24.01 24.30 -1.91
CA SER E 357 -24.10 24.96 -0.61
C SER E 357 -22.91 24.57 0.23
N TYR E 358 -21.76 25.16 -0.06
CA TYR E 358 -20.53 24.87 0.67
C TYR E 358 -20.39 25.65 1.97
N GLN E 359 -19.42 25.25 2.80
CA GLN E 359 -19.11 25.88 4.07
C GLN E 359 -17.60 25.85 4.30
N TYR E 360 -17.01 27.01 4.65
CA TYR E 360 -15.57 27.08 4.93
C TYR E 360 -15.30 26.70 6.38
N SER E 361 -14.09 26.19 6.64
CA SER E 361 -13.65 25.83 7.99
C SER E 361 -13.56 27.12 8.82
N GLY E 362 -14.13 27.09 10.01
CA GLY E 362 -14.16 28.24 10.89
C GLY E 362 -15.41 29.06 10.67
N LEU E 363 -15.47 29.73 9.50
CA LEU E 363 -16.60 30.55 9.05
C LEU E 363 -17.91 29.73 9.10
N GLU E 364 -18.97 30.27 9.73
CA GLU E 364 -20.23 29.54 9.89
C GLU E 364 -21.29 29.85 8.82
N ASP E 365 -21.21 31.03 8.18
CA ASP E 365 -22.17 31.40 7.15
C ASP E 365 -22.05 30.45 5.95
N THR E 366 -23.06 29.55 5.78
CA THR E 366 -23.10 28.58 4.68
C THR E 366 -23.16 29.34 3.36
N VAL E 367 -22.12 29.22 2.56
CA VAL E 367 -22.04 29.91 1.27
C VAL E 367 -22.91 29.20 0.23
N GLU E 368 -23.40 29.94 -0.77
CA GLU E 368 -24.24 29.39 -1.83
C GLU E 368 -23.77 29.88 -3.20
N ASP E 369 -23.72 28.99 -4.20
CA ASP E 369 -23.33 29.33 -5.56
C ASP E 369 -24.25 28.59 -6.57
N LYS E 370 -24.36 29.12 -7.82
CA LYS E 370 -25.22 28.52 -8.83
C LYS E 370 -24.59 28.54 -10.20
N GLN E 371 -24.81 27.51 -11.00
CA GLN E 371 -24.28 27.46 -12.37
C GLN E 371 -25.35 26.97 -13.35
N GLU E 372 -25.47 27.65 -14.50
CA GLU E 372 -26.45 27.36 -15.55
C GLU E 372 -25.96 26.25 -16.48
N VAL E 373 -26.68 25.14 -16.56
CA VAL E 373 -26.31 24.00 -17.38
C VAL E 373 -27.22 23.87 -18.60
N ASN E 374 -26.63 23.79 -19.79
CA ASN E 374 -27.38 23.59 -21.01
C ASN E 374 -27.04 22.22 -21.51
N VAL E 375 -28.07 21.41 -21.68
CA VAL E 375 -27.99 20.03 -22.11
C VAL E 375 -28.46 19.80 -23.57
N GLY E 376 -29.12 20.81 -24.17
CA GLY E 376 -29.61 20.70 -25.53
C GLY E 376 -30.93 19.97 -25.53
N LYS E 377 -31.15 19.08 -26.51
CA LYS E 377 -32.40 18.31 -26.54
C LYS E 377 -32.14 16.82 -26.38
N PRO E 378 -32.26 16.32 -25.14
CA PRO E 378 -32.00 14.88 -24.91
C PRO E 378 -33.09 13.96 -25.45
N LEU E 379 -32.67 12.79 -25.94
CA LEU E 379 -33.53 11.71 -26.41
C LEU E 379 -34.66 12.22 -27.36
N ILE E 380 -35.96 11.94 -27.09
CA ILE E 380 -37.14 12.30 -27.89
C ILE E 380 -37.31 13.81 -28.17
N ALA E 381 -36.69 14.70 -27.35
CA ALA E 381 -36.81 16.14 -27.56
C ALA E 381 -36.09 16.60 -28.84
N LYS E 382 -35.12 15.82 -29.35
CA LYS E 382 -34.38 16.15 -30.55
C LYS E 382 -35.30 16.08 -31.78
N LEU E 383 -36.10 15.00 -31.88
CA LEU E 383 -37.03 14.82 -33.00
C LEU E 383 -38.34 15.55 -32.76
N ASP E 384 -38.42 16.84 -33.14
CA ASP E 384 -39.62 17.66 -32.99
C ASP E 384 -40.83 17.08 -33.75
N GLN F 5 34.80 -0.89 -62.61
CA GLN F 5 34.13 -0.53 -63.86
C GLN F 5 33.37 0.81 -63.74
N PRO F 6 32.42 0.98 -62.77
CA PRO F 6 31.76 2.29 -62.63
C PRO F 6 32.73 3.31 -62.08
N LEU F 7 32.64 4.56 -62.57
CA LEU F 7 33.54 5.61 -62.12
C LEU F 7 32.80 6.91 -61.79
N ALA F 8 33.37 7.66 -60.87
CA ALA F 8 32.81 8.95 -60.45
C ALA F 8 33.72 10.05 -60.98
N LYS F 9 33.14 11.14 -61.49
CA LYS F 9 33.94 12.28 -61.94
C LYS F 9 34.57 12.92 -60.71
N ASP F 10 33.78 13.09 -59.65
CA ASP F 10 34.18 13.60 -58.36
C ASP F 10 33.22 13.05 -57.29
N LYS F 11 33.67 12.94 -56.05
CA LYS F 11 32.84 12.44 -54.95
C LYS F 11 32.68 13.55 -53.92
N VAL F 12 31.46 14.06 -53.74
CA VAL F 12 31.21 15.15 -52.80
C VAL F 12 30.11 14.84 -51.78
N ALA F 13 30.39 15.08 -50.49
CA ALA F 13 29.42 14.87 -49.43
C ALA F 13 29.18 16.15 -48.63
N LEU F 14 27.96 16.35 -48.14
CA LEU F 14 27.61 17.48 -47.30
C LEU F 14 26.95 16.91 -46.06
N LEU F 15 27.63 17.05 -44.92
CA LEU F 15 27.16 16.53 -43.67
C LEU F 15 26.71 17.68 -42.80
N ILE F 16 25.52 17.56 -42.18
CA ILE F 16 24.93 18.57 -41.28
C ILE F 16 24.48 17.88 -39.98
N GLY F 17 24.66 18.55 -38.85
CA GLY F 17 24.28 18.02 -37.54
C GLY F 17 23.73 19.09 -36.60
N ASN F 18 22.43 19.06 -36.35
CA ASN F 18 21.80 20.05 -35.47
C ASN F 18 21.60 19.52 -34.06
N MET F 19 22.05 20.29 -33.06
CA MET F 19 21.98 19.89 -31.66
C MET F 19 21.39 20.96 -30.73
N ASN F 20 21.91 22.19 -30.77
CA ASN F 20 21.44 23.24 -29.88
C ASN F 20 20.16 23.86 -30.40
N TYR F 21 19.03 23.31 -29.99
CA TYR F 21 17.74 23.81 -30.42
C TYR F 21 17.27 24.94 -29.52
N ARG F 22 16.65 25.97 -30.09
CA ARG F 22 16.18 27.10 -29.29
C ARG F 22 14.93 26.74 -28.43
N GLU F 23 13.84 26.23 -29.04
CA GLU F 23 12.63 25.86 -28.30
C GLU F 23 12.19 24.42 -28.54
N HIS F 24 13.16 23.54 -28.79
CA HIS F 24 12.98 22.10 -29.01
C HIS F 24 14.05 21.33 -28.23
N PRO F 25 13.83 20.02 -27.92
CA PRO F 25 14.86 19.26 -27.17
C PRO F 25 16.22 19.23 -27.85
N LYS F 26 17.29 19.24 -27.06
CA LYS F 26 18.65 19.27 -27.60
C LYS F 26 19.22 17.88 -27.88
N LEU F 27 19.78 17.70 -29.06
CA LEU F 27 20.41 16.44 -29.42
C LEU F 27 21.92 16.50 -29.10
N LYS F 28 22.52 15.37 -28.72
CA LYS F 28 23.94 15.39 -28.32
C LYS F 28 24.81 14.66 -29.34
N ALA F 29 24.35 13.47 -29.77
CA ALA F 29 25.05 12.56 -30.70
C ALA F 29 25.40 13.12 -32.09
N PRO F 30 24.59 13.97 -32.78
CA PRO F 30 24.99 14.42 -34.13
C PRO F 30 26.42 14.92 -34.29
N LEU F 31 27.06 15.39 -33.20
CA LEU F 31 28.45 15.86 -33.23
C LEU F 31 29.35 14.65 -33.59
N VAL F 32 29.18 13.57 -32.84
CA VAL F 32 29.93 12.36 -33.03
C VAL F 32 29.63 11.75 -34.36
N ASP F 33 28.35 11.69 -34.74
CA ASP F 33 27.91 11.13 -36.00
C ASP F 33 28.50 11.87 -37.19
N VAL F 34 28.38 13.20 -37.23
CA VAL F 34 28.94 14.02 -38.30
C VAL F 34 30.47 13.95 -38.35
N TYR F 35 31.14 13.69 -37.22
CA TYR F 35 32.59 13.53 -37.19
C TYR F 35 32.98 12.14 -37.73
N GLU F 36 32.35 11.06 -37.23
CA GLU F 36 32.63 9.67 -37.62
C GLU F 36 32.39 9.45 -39.09
N LEU F 37 31.35 10.05 -39.64
CA LEU F 37 31.05 9.88 -41.05
C LEU F 37 32.04 10.68 -41.90
N THR F 38 32.44 11.87 -41.44
CA THR F 38 33.39 12.71 -42.14
C THR F 38 34.70 11.99 -42.42
N ASN F 39 35.25 11.27 -41.43
CA ASN F 39 36.50 10.53 -41.63
C ASN F 39 36.36 9.34 -42.53
N LEU F 40 35.21 8.67 -42.47
CA LEU F 40 34.95 7.52 -43.31
C LEU F 40 34.82 7.97 -44.75
N LEU F 41 34.13 9.09 -45.01
CA LEU F 41 33.96 9.58 -46.38
C LEU F 41 35.26 10.14 -46.91
N ARG F 42 36.07 10.78 -46.06
CA ARG F 42 37.39 11.28 -46.44
C ARG F 42 38.32 10.11 -46.79
N GLN F 43 38.17 8.95 -46.11
CA GLN F 43 38.90 7.71 -46.40
C GLN F 43 38.52 7.29 -47.85
N LEU F 44 37.20 7.36 -48.18
CA LEU F 44 36.65 7.05 -49.50
C LEU F 44 36.97 8.12 -50.54
N ASP F 45 38.02 8.94 -50.32
CA ASP F 45 38.45 9.98 -51.23
C ASP F 45 37.33 11.01 -51.55
N PHE F 46 36.36 11.15 -50.66
CA PHE F 46 35.29 12.13 -50.81
C PHE F 46 35.77 13.52 -50.39
N LYS F 47 35.15 14.56 -50.94
CA LYS F 47 35.44 15.93 -50.55
C LYS F 47 34.27 16.36 -49.64
N VAL F 48 34.51 16.36 -48.33
CA VAL F 48 33.44 16.58 -47.36
C VAL F 48 33.34 18.00 -46.75
N VAL F 49 32.10 18.49 -46.58
CA VAL F 49 31.78 19.73 -45.88
C VAL F 49 30.88 19.40 -44.66
N SER F 50 31.43 19.45 -43.45
CA SER F 50 30.68 19.11 -42.24
C SER F 50 30.31 20.34 -41.42
N LEU F 51 29.02 20.55 -41.16
CA LEU F 51 28.59 21.71 -40.39
C LEU F 51 27.69 21.33 -39.26
N LEU F 52 27.77 22.06 -38.15
CA LEU F 52 26.90 21.82 -37.01
C LEU F 52 26.06 23.04 -36.71
N ASP F 53 24.87 22.82 -36.13
CA ASP F 53 23.97 23.87 -35.67
C ASP F 53 23.77 24.99 -36.67
N LEU F 54 22.88 24.79 -37.64
CA LEU F 54 22.63 25.78 -38.66
C LEU F 54 21.19 26.27 -38.57
N THR F 55 20.99 27.56 -38.81
CA THR F 55 19.65 28.13 -38.85
C THR F 55 19.05 27.87 -40.25
N GLU F 56 17.76 28.20 -40.48
CA GLU F 56 17.12 28.01 -41.78
C GLU F 56 17.93 28.67 -42.91
N TYR F 57 18.45 29.88 -42.65
CA TYR F 57 19.25 30.58 -43.65
C TYR F 57 20.58 29.90 -43.85
N GLU F 58 21.30 29.58 -42.75
CA GLU F 58 22.62 28.93 -42.85
C GLU F 58 22.54 27.61 -43.60
N MET F 59 21.48 26.84 -43.32
CA MET F 59 21.20 25.55 -43.93
C MET F 59 21.00 25.67 -45.42
N ARG F 60 20.27 26.71 -45.88
CA ARG F 60 20.07 26.89 -47.32
C ARG F 60 21.37 27.21 -48.01
N ASN F 61 22.16 28.10 -47.41
CA ASN F 61 23.44 28.50 -47.95
C ASN F 61 24.43 27.33 -48.05
N ALA F 62 24.34 26.38 -47.12
CA ALA F 62 25.19 25.20 -47.15
C ALA F 62 24.88 24.36 -48.38
N VAL F 63 23.57 24.19 -48.70
CA VAL F 63 23.06 23.41 -49.84
C VAL F 63 23.54 23.97 -51.19
N ASP F 64 23.50 25.30 -51.35
CA ASP F 64 23.95 25.93 -52.59
C ASP F 64 25.48 25.87 -52.73
N GLU F 65 26.21 25.86 -51.59
CA GLU F 65 27.66 25.69 -51.57
C GLU F 65 28.01 24.26 -52.02
N PHE F 66 27.18 23.27 -51.60
CA PHE F 66 27.30 21.86 -51.95
C PHE F 66 26.99 21.64 -53.44
N LEU F 67 25.97 22.32 -53.95
CA LEU F 67 25.60 22.21 -55.37
C LEU F 67 26.72 22.68 -56.31
N LEU F 68 27.59 23.60 -55.82
CA LEU F 68 28.72 24.12 -56.60
C LEU F 68 29.81 23.08 -56.81
N LEU F 69 30.00 22.18 -55.85
CA LEU F 69 30.99 21.12 -56.01
C LEU F 69 30.50 19.97 -56.91
N LEU F 70 29.19 19.96 -57.26
CA LEU F 70 28.58 18.94 -58.12
C LEU F 70 28.59 19.37 -59.58
N ASP F 71 28.55 18.38 -60.48
CA ASP F 71 28.49 18.49 -61.93
C ASP F 71 28.18 17.09 -62.55
N LYS F 72 28.11 16.96 -63.89
CA LYS F 72 27.80 15.66 -64.50
C LYS F 72 28.80 14.55 -64.11
N GLY F 73 28.29 13.48 -63.52
CA GLY F 73 29.10 12.34 -63.09
C GLY F 73 29.60 12.38 -61.65
N VAL F 74 29.26 13.46 -60.93
CA VAL F 74 29.66 13.65 -59.54
C VAL F 74 28.70 12.96 -58.56
N TYR F 75 29.25 12.10 -57.70
CA TYR F 75 28.52 11.33 -56.68
C TYR F 75 28.24 12.28 -55.52
N GLY F 76 26.99 12.73 -55.38
CA GLY F 76 26.59 13.64 -54.32
C GLY F 76 25.93 12.93 -53.15
N LEU F 77 26.44 13.14 -51.94
CA LEU F 77 25.91 12.51 -50.75
C LEU F 77 25.47 13.56 -49.75
N LEU F 78 24.33 13.35 -49.10
CA LEU F 78 23.82 14.29 -48.10
C LEU F 78 23.38 13.58 -46.85
N TYR F 79 24.15 13.74 -45.80
CA TYR F 79 23.80 13.18 -44.50
C TYR F 79 23.29 14.32 -43.62
N TYR F 80 22.16 14.12 -42.97
CA TYR F 80 21.62 15.10 -42.04
C TYR F 80 21.31 14.41 -40.74
N ALA F 81 21.95 14.83 -39.66
CA ALA F 81 21.68 14.29 -38.34
C ALA F 81 21.07 15.42 -37.55
N GLY F 82 19.84 15.28 -37.11
CA GLY F 82 19.18 16.33 -36.35
C GLY F 82 17.70 16.12 -36.23
N HIS F 83 16.94 17.19 -35.91
CA HIS F 83 15.48 17.07 -35.83
C HIS F 83 14.89 17.11 -37.23
N GLY F 84 13.85 16.33 -37.45
CA GLY F 84 13.17 16.29 -38.74
C GLY F 84 11.75 15.76 -38.63
N TYR F 85 10.99 15.85 -39.72
CA TYR F 85 9.63 15.30 -39.73
C TYR F 85 9.20 14.87 -41.15
N GLU F 86 8.05 14.17 -41.27
CA GLU F 86 7.55 13.75 -42.58
C GLU F 86 6.05 14.04 -42.72
N ASN F 87 5.66 14.93 -43.63
CA ASN F 87 4.26 15.27 -43.86
C ASN F 87 3.92 15.01 -45.31
N PHE F 88 2.98 14.09 -45.55
CA PHE F 88 2.50 13.71 -46.89
C PHE F 88 3.65 13.32 -47.88
N GLY F 89 4.54 12.47 -47.39
CA GLY F 89 5.66 11.96 -48.18
C GLY F 89 6.86 12.87 -48.30
N ASN F 90 6.82 14.06 -47.68
CA ASN F 90 7.93 15.00 -47.77
C ASN F 90 8.79 14.99 -46.53
N SER F 91 10.10 14.80 -46.73
CA SER F 91 11.07 14.80 -45.66
C SER F 91 11.50 16.25 -45.39
N PHE F 92 11.38 16.70 -44.14
CA PHE F 92 11.75 18.06 -43.78
C PHE F 92 12.81 18.08 -42.70
N MET F 93 13.93 18.79 -42.98
CA MET F 93 15.02 18.92 -42.02
C MET F 93 14.77 20.15 -41.18
N VAL F 94 14.55 19.97 -39.88
CA VAL F 94 14.26 21.06 -38.94
C VAL F 94 15.52 21.78 -38.45
N PRO F 95 15.70 23.07 -38.82
CA PRO F 95 16.91 23.80 -38.36
C PRO F 95 16.88 24.15 -36.88
N VAL F 96 18.08 24.51 -36.36
CA VAL F 96 18.35 24.82 -34.95
C VAL F 96 17.51 26.00 -34.39
N ASP F 97 17.03 26.90 -35.28
CA ASP F 97 16.24 28.09 -34.92
C ASP F 97 14.72 27.94 -35.04
N ALA F 98 14.20 26.72 -35.23
CA ALA F 98 12.76 26.51 -35.38
C ALA F 98 11.90 26.94 -34.20
N PRO F 99 10.77 27.61 -34.48
CA PRO F 99 9.87 28.03 -33.38
C PRO F 99 9.05 26.87 -32.79
N ASN F 100 8.32 27.16 -31.71
CA ASN F 100 7.52 26.15 -31.03
C ASN F 100 6.05 26.57 -30.96
N PRO F 101 5.16 26.08 -31.88
CA PRO F 101 5.41 25.13 -32.97
C PRO F 101 5.98 25.74 -34.25
N TYR F 102 6.41 24.88 -35.19
CA TYR F 102 6.99 25.32 -36.46
C TYR F 102 6.21 24.80 -37.69
N ARG F 103 6.54 25.30 -38.88
CA ARG F 103 5.88 24.88 -40.10
C ARG F 103 6.90 24.63 -41.25
N SER F 104 6.40 24.23 -42.45
CA SER F 104 7.24 23.96 -43.63
C SER F 104 8.04 25.16 -44.12
N GLU F 105 7.58 26.37 -43.78
CA GLU F 105 8.26 27.61 -44.13
C GLU F 105 9.61 27.73 -43.39
N ASN F 106 9.64 27.21 -42.14
CA ASN F 106 10.81 27.20 -41.26
C ASN F 106 11.82 26.09 -41.59
N CYS F 107 11.40 25.02 -42.30
CA CYS F 107 12.27 23.87 -42.57
C CYS F 107 12.77 23.77 -44.02
N LEU F 108 13.59 22.76 -44.34
CA LEU F 108 14.13 22.51 -45.68
C LEU F 108 13.59 21.18 -46.20
N CYS F 109 12.99 21.17 -47.39
CA CYS F 109 12.48 19.92 -47.96
C CYS F 109 13.62 19.19 -48.65
N VAL F 110 13.77 17.90 -48.34
CA VAL F 110 14.83 17.07 -48.88
C VAL F 110 14.66 16.83 -50.38
N GLN F 111 13.43 16.55 -50.84
CA GLN F 111 13.15 16.33 -52.27
C GLN F 111 13.36 17.60 -53.11
N ASN F 112 13.19 18.79 -52.49
CA ASN F 112 13.43 20.10 -53.10
C ASN F 112 14.92 20.29 -53.41
N ILE F 113 15.81 19.74 -52.55
CA ILE F 113 17.25 19.78 -52.74
C ILE F 113 17.63 18.85 -53.88
N LEU F 114 17.08 17.62 -53.87
CA LEU F 114 17.34 16.62 -54.90
C LEU F 114 17.06 17.15 -56.31
N LYS F 115 16.03 18.01 -56.45
CA LYS F 115 15.62 18.63 -57.71
C LYS F 115 16.83 19.30 -58.39
N LEU F 116 17.52 20.16 -57.62
CA LEU F 116 18.70 20.92 -58.01
C LEU F 116 19.89 20.00 -58.30
N MET F 117 20.10 18.97 -57.46
CA MET F 117 21.18 17.99 -57.66
C MET F 117 21.01 17.28 -59.00
N GLN F 118 19.76 16.93 -59.34
CA GLN F 118 19.44 16.22 -60.58
C GLN F 118 19.75 17.07 -61.79
N GLU F 119 19.47 18.40 -61.70
CA GLU F 119 19.76 19.37 -62.77
C GLU F 119 21.27 19.33 -63.09
N LYS F 120 22.11 19.27 -62.05
CA LYS F 120 23.57 19.19 -62.18
C LYS F 120 24.06 17.93 -62.92
N GLU F 121 23.15 16.97 -63.19
CA GLU F 121 23.40 15.69 -63.88
C GLU F 121 24.32 14.78 -63.08
N THR F 122 24.19 14.83 -61.75
CA THR F 122 24.95 14.01 -60.79
C THR F 122 24.81 12.52 -61.11
N GLY F 123 25.91 11.79 -61.10
CA GLY F 123 25.92 10.37 -61.43
C GLY F 123 25.37 9.45 -60.36
N LEU F 124 25.16 9.99 -59.13
CA LEU F 124 24.61 9.27 -57.97
C LEU F 124 24.17 10.29 -56.91
N ASN F 125 22.99 10.09 -56.35
CA ASN F 125 22.43 10.96 -55.32
C ASN F 125 22.10 10.11 -54.12
N VAL F 126 22.76 10.34 -53.01
CA VAL F 126 22.54 9.57 -51.80
C VAL F 126 22.06 10.50 -50.72
N PHE F 127 21.03 10.10 -49.98
CA PHE F 127 20.54 10.93 -48.88
C PHE F 127 20.42 10.09 -47.65
N LEU F 128 21.35 10.25 -46.73
CA LEU F 128 21.29 9.51 -45.49
C LEU F 128 20.63 10.44 -44.46
N LEU F 129 19.34 10.23 -44.18
CA LEU F 129 18.60 11.10 -43.29
C LEU F 129 18.44 10.50 -41.90
N ASP F 130 19.18 11.06 -40.93
CA ASP F 130 19.15 10.61 -39.55
C ASP F 130 18.21 11.48 -38.71
N MET F 131 16.93 11.51 -39.09
CA MET F 131 15.94 12.36 -38.42
C MET F 131 14.63 11.61 -38.17
N CYS F 132 13.73 12.18 -37.35
CA CYS F 132 12.41 11.56 -37.12
C CYS F 132 11.50 11.74 -38.32
N ARG F 133 10.57 10.80 -38.52
CA ARG F 133 9.65 10.88 -39.64
C ARG F 133 8.18 10.93 -39.21
N LYS F 134 7.92 11.43 -38.00
CA LYS F 134 6.59 11.58 -37.44
C LYS F 134 5.83 12.71 -38.16
N ARG F 135 4.49 12.69 -38.04
CA ARG F 135 3.66 13.74 -38.60
C ARG F 135 3.75 15.01 -37.73
N ASN F 136 3.62 16.18 -38.37
CA ASN F 136 3.61 17.48 -37.72
C ASN F 136 2.15 17.95 -37.77
N ASP F 137 1.42 17.85 -36.66
CA ASP F 137 0.01 18.24 -36.59
C ASP F 137 -0.23 19.76 -36.67
N TYR F 138 0.83 20.56 -36.49
CA TYR F 138 0.73 22.02 -36.57
C TYR F 138 0.84 22.51 -38.01
N ASP F 139 1.53 21.75 -38.87
CA ASP F 139 1.65 22.11 -40.27
C ASP F 139 0.38 21.70 -41.02
N ASP F 140 -0.47 22.67 -41.33
CA ASP F 140 -1.73 22.43 -42.04
C ASP F 140 -1.56 22.33 -43.57
N THR F 141 -0.47 22.94 -44.11
CA THR F 141 -0.16 22.97 -45.53
C THR F 141 -0.08 21.57 -46.15
N PRO F 143 1.21 21.03 -50.38
CA PRO F 143 2.43 21.69 -50.87
C PRO F 143 3.04 20.91 -52.03
N ILE F 144 2.26 20.75 -53.12
CA ILE F 144 2.65 20.00 -54.31
C ILE F 144 3.91 20.53 -55.03
N LEU F 145 4.95 19.71 -55.09
CA LEU F 145 6.19 20.07 -55.78
C LEU F 145 6.26 19.28 -57.09
N ASP F 146 6.76 19.91 -58.18
CA ASP F 146 6.81 19.25 -59.48
C ASP F 146 7.63 17.95 -59.50
N ALA F 147 7.23 17.01 -60.37
CA ALA F 147 7.84 15.69 -60.54
C ALA F 147 9.31 15.75 -60.90
N LEU F 148 10.07 14.73 -60.49
CA LEU F 148 11.50 14.67 -60.76
C LEU F 148 11.78 13.86 -62.01
N LYS F 149 12.97 14.05 -62.58
CA LYS F 149 13.36 13.29 -63.76
C LYS F 149 13.63 11.83 -63.39
N VAL F 150 13.57 10.94 -64.37
CA VAL F 150 13.85 9.54 -64.16
C VAL F 150 15.33 9.28 -64.48
N THR F 151 16.17 9.68 -63.52
CA THR F 151 17.61 9.60 -63.63
C THR F 151 18.15 8.22 -63.24
N ALA F 152 17.36 7.41 -62.48
CA ALA F 152 17.72 6.05 -62.02
C ALA F 152 19.05 6.00 -61.27
N ASN F 153 19.23 6.94 -60.35
CA ASN F 153 20.45 7.09 -59.58
C ASN F 153 20.17 7.74 -58.23
N ILE F 154 19.00 7.50 -57.64
CA ILE F 154 18.65 8.06 -56.34
C ILE F 154 18.56 6.98 -55.28
N VAL F 155 19.21 7.21 -54.16
CA VAL F 155 19.22 6.29 -53.03
C VAL F 155 18.97 7.11 -51.79
N PHE F 156 18.11 6.64 -50.94
CA PHE F 156 17.80 7.28 -49.67
C PHE F 156 18.06 6.25 -48.61
N GLY F 157 18.87 6.60 -47.64
CA GLY F 157 19.12 5.75 -46.49
C GLY F 157 18.48 6.41 -45.31
N TYR F 158 17.18 6.17 -45.09
CA TYR F 158 16.48 6.78 -43.97
C TYR F 158 16.79 6.05 -42.68
N ALA F 159 17.02 6.80 -41.61
CA ALA F 159 17.29 6.19 -40.31
C ALA F 159 16.10 5.48 -39.75
N THR F 160 14.88 5.91 -40.11
CA THR F 160 13.64 5.33 -39.61
C THR F 160 12.54 5.27 -40.71
N CYS F 161 11.38 4.67 -40.40
CA CYS F 161 10.25 4.55 -41.30
C CYS F 161 9.30 5.74 -41.19
N GLN F 162 8.33 5.89 -42.12
CA GLN F 162 7.34 6.97 -42.02
C GLN F 162 6.53 6.81 -40.74
N GLY F 163 6.31 7.90 -40.05
CA GLY F 163 5.62 7.89 -38.77
C GLY F 163 6.47 7.42 -37.60
N ALA F 164 7.70 6.96 -37.85
CA ALA F 164 8.56 6.43 -36.80
C ALA F 164 9.69 7.40 -36.37
N GLU F 165 10.35 7.10 -35.24
CA GLU F 165 11.38 7.96 -34.70
C GLU F 165 12.76 7.38 -34.92
N ALA F 166 13.78 8.25 -34.83
CA ALA F 166 15.19 7.87 -34.91
C ALA F 166 15.74 8.16 -33.53
N PHE F 167 16.54 7.26 -32.98
CA PHE F 167 17.09 7.42 -31.65
C PHE F 167 18.59 7.50 -31.62
N GLU F 168 19.11 7.94 -30.46
CA GLU F 168 20.51 7.98 -30.11
C GLU F 168 20.65 7.47 -28.67
N ILE F 169 21.82 6.92 -28.30
CA ILE F 169 22.03 6.42 -26.93
C ILE F 169 22.43 7.58 -26.02
N GLN F 170 21.51 7.94 -25.11
CA GLN F 170 21.48 9.09 -24.19
C GLN F 170 22.63 9.27 -23.15
N HIS F 171 22.77 8.40 -22.14
CA HIS F 171 23.75 8.65 -21.07
C HIS F 171 25.13 8.07 -21.33
N SER F 172 25.46 7.83 -22.60
CA SER F 172 26.79 7.39 -22.97
C SER F 172 27.43 8.56 -23.69
N GLY F 173 28.46 9.13 -23.10
CA GLY F 173 29.16 10.26 -23.70
C GLY F 173 29.93 9.81 -24.92
N LEU F 174 30.05 10.68 -25.92
CA LEU F 174 30.76 10.40 -27.16
C LEU F 174 30.29 9.13 -27.85
N ALA F 175 29.00 8.79 -27.69
CA ALA F 175 28.39 7.63 -28.30
C ALA F 175 27.72 8.06 -29.63
N ASN F 176 27.40 7.09 -30.48
CA ASN F 176 26.77 7.34 -31.77
C ASN F 176 25.25 7.15 -31.66
N GLY F 177 24.52 7.68 -32.63
CA GLY F 177 23.09 7.42 -32.74
C GLY F 177 22.90 6.02 -33.34
N ILE F 178 21.69 5.45 -33.21
CA ILE F 178 21.45 4.10 -33.72
C ILE F 178 21.80 3.95 -35.22
N PHE F 179 21.31 4.86 -36.08
CA PHE F 179 21.62 4.78 -37.50
C PHE F 179 23.10 4.72 -37.82
N MET F 180 23.90 5.64 -37.28
CA MET F 180 25.34 5.74 -37.52
C MET F 180 26.13 4.60 -36.87
N LYS F 181 25.67 4.08 -35.72
CA LYS F 181 26.32 2.96 -35.01
C LYS F 181 26.53 1.75 -35.94
N PHE F 182 25.53 1.47 -36.75
CA PHE F 182 25.56 0.36 -37.68
C PHE F 182 26.17 0.73 -39.02
N LEU F 183 25.89 1.95 -39.48
CA LEU F 183 26.40 2.44 -40.75
C LEU F 183 27.89 2.50 -40.77
N LYS F 184 28.52 2.88 -39.65
CA LYS F 184 29.97 3.06 -39.63
C LYS F 184 30.74 1.75 -39.87
N ASP F 185 30.22 0.63 -39.38
CA ASP F 185 30.89 -0.66 -39.58
C ASP F 185 30.67 -1.27 -40.97
N ARG F 186 29.85 -0.63 -41.84
CA ARG F 186 29.55 -1.19 -43.15
C ARG F 186 30.00 -0.30 -44.30
N LEU F 187 29.93 1.00 -44.11
CA LEU F 187 30.22 2.02 -45.10
C LEU F 187 31.46 1.78 -45.99
N LEU F 188 32.57 1.29 -45.42
CA LEU F 188 33.80 1.09 -46.18
C LEU F 188 33.84 -0.12 -47.13
N GLU F 189 32.72 -0.82 -47.33
CA GLU F 189 32.66 -1.99 -48.21
C GLU F 189 32.61 -1.65 -49.71
N ASP F 190 32.98 -2.61 -50.59
CA ASP F 190 32.91 -2.39 -52.04
C ASP F 190 31.70 -3.13 -52.58
N LYS F 191 30.52 -2.65 -52.18
CA LYS F 191 29.22 -3.20 -52.57
C LYS F 191 28.34 -2.02 -53.03
N LYS F 192 27.31 -2.25 -53.88
CA LYS F 192 26.37 -1.19 -54.33
C LYS F 192 25.75 -0.51 -53.11
N ILE F 193 25.68 0.84 -53.07
CA ILE F 193 25.19 1.55 -51.89
C ILE F 193 23.84 1.04 -51.37
N THR F 194 23.03 0.49 -52.24
CA THR F 194 21.72 -0.07 -51.89
C THR F 194 21.89 -1.37 -51.12
N VAL F 195 22.84 -2.20 -51.55
CA VAL F 195 23.20 -3.44 -50.87
C VAL F 195 23.98 -3.15 -49.57
N LEU F 196 24.64 -1.97 -49.46
CA LEU F 196 25.34 -1.54 -48.26
C LEU F 196 24.29 -1.28 -47.17
N LEU F 197 23.31 -0.40 -47.44
CA LEU F 197 22.24 -0.08 -46.51
C LEU F 197 21.29 -1.26 -46.25
N ASP F 198 21.29 -2.26 -47.12
CA ASP F 198 20.52 -3.49 -46.94
C ASP F 198 21.18 -4.28 -45.78
N GLU F 199 22.51 -4.29 -45.71
CA GLU F 199 23.25 -4.95 -44.64
C GLU F 199 23.12 -4.19 -43.34
N VAL F 200 23.07 -2.85 -43.40
CA VAL F 200 22.88 -2.02 -42.21
C VAL F 200 21.50 -2.30 -41.60
N ALA F 201 20.48 -2.49 -42.44
CA ALA F 201 19.14 -2.79 -41.98
C ALA F 201 19.11 -4.11 -41.22
N GLU F 202 19.86 -5.13 -41.69
CA GLU F 202 19.92 -6.43 -41.05
C GLU F 202 20.65 -6.37 -39.72
N ASP F 203 21.70 -5.56 -39.65
CA ASP F 203 22.47 -5.38 -38.42
C ASP F 203 21.62 -4.63 -37.40
N MET F 204 20.92 -3.59 -37.84
CA MET F 204 20.02 -2.78 -36.99
C MET F 204 18.85 -3.59 -36.43
N GLY F 205 18.37 -4.56 -37.21
CA GLY F 205 17.28 -5.42 -36.78
C GLY F 205 17.65 -6.24 -35.55
N LYS F 206 18.95 -6.56 -35.40
CA LYS F 206 19.47 -7.31 -34.25
C LYS F 206 19.42 -6.45 -32.97
N CYS F 207 19.62 -5.11 -33.09
CA CYS F 207 19.58 -4.21 -31.94
C CYS F 207 18.26 -4.28 -31.19
N HIS F 208 18.32 -4.71 -29.92
CA HIS F 208 17.12 -4.87 -29.08
C HIS F 208 16.61 -3.54 -28.54
N LEU F 209 17.50 -2.56 -28.37
CA LEU F 209 17.17 -1.24 -27.80
C LEU F 209 16.05 -0.53 -28.56
N THR F 210 16.15 -0.50 -29.89
CA THR F 210 15.17 0.15 -30.73
C THR F 210 14.30 -0.81 -31.52
N LYS F 211 14.37 -2.12 -31.24
CA LYS F 211 13.59 -3.13 -31.96
C LYS F 211 12.09 -2.82 -31.90
N GLY F 212 11.46 -2.70 -33.06
CA GLY F 212 10.04 -2.39 -33.18
C GLY F 212 9.69 -0.93 -32.95
N LYS F 213 10.71 -0.10 -32.71
CA LYS F 213 10.55 1.33 -32.48
C LYS F 213 11.14 2.14 -33.62
N GLN F 214 12.23 1.63 -34.20
CA GLN F 214 12.95 2.25 -35.29
C GLN F 214 13.51 1.18 -36.18
N ALA F 215 13.12 1.20 -37.45
CA ALA F 215 13.61 0.31 -38.48
C ALA F 215 14.19 1.14 -39.61
N LEU F 216 15.21 0.61 -40.32
CA LEU F 216 15.84 1.35 -41.41
C LEU F 216 15.05 1.26 -42.70
N GLU F 217 14.68 2.40 -43.31
CA GLU F 217 13.96 2.37 -44.58
C GLU F 217 14.80 2.89 -45.75
N ILE F 218 14.74 2.19 -46.88
CA ILE F 218 15.49 2.59 -48.07
C ILE F 218 14.53 2.80 -49.20
N ARG F 219 14.71 3.90 -49.97
CA ARG F 219 13.96 4.13 -51.21
C ARG F 219 15.05 4.26 -52.26
N SER F 220 15.06 3.37 -53.25
CA SER F 220 16.08 3.45 -54.31
C SER F 220 15.52 3.26 -55.70
N SER F 221 16.18 3.93 -56.66
CA SER F 221 15.92 3.83 -58.10
C SER F 221 17.22 3.55 -58.89
N LEU F 222 18.36 3.37 -58.21
CA LEU F 222 19.67 3.09 -58.79
C LEU F 222 19.65 1.85 -59.71
N SER F 223 19.96 2.03 -61.00
CA SER F 223 20.01 0.92 -61.94
C SER F 223 21.43 0.42 -62.27
N GLU F 224 22.46 1.13 -61.84
CA GLU F 224 23.86 0.75 -62.07
C GLU F 224 24.52 0.44 -60.74
N LYS F 225 25.52 -0.45 -60.72
CA LYS F 225 26.20 -0.85 -59.47
C LYS F 225 27.17 0.20 -58.91
N ARG F 226 26.65 1.35 -58.49
CA ARG F 226 27.45 2.42 -57.92
C ARG F 226 27.63 2.18 -56.43
N ALA F 227 28.84 2.47 -55.94
CA ALA F 227 29.26 2.27 -54.56
C ALA F 227 30.04 3.48 -54.05
N LEU F 228 30.15 3.63 -52.73
CA LEU F 228 30.94 4.72 -52.16
C LEU F 228 32.43 4.56 -52.45
N THR F 229 32.91 3.30 -52.54
CA THR F 229 34.29 2.92 -52.82
C THR F 229 34.68 3.00 -54.32
N ASP F 230 33.79 3.52 -55.18
CA ASP F 230 34.10 3.62 -56.62
C ASP F 230 35.28 4.61 -56.86
N PRO F 231 36.07 4.43 -57.94
CA PRO F 231 37.22 5.32 -58.17
C PRO F 231 36.93 6.61 -58.93
N ILE F 232 37.57 7.70 -58.51
CA ILE F 232 37.44 8.98 -59.20
C ILE F 232 38.27 8.93 -60.49
N GLN F 233 37.67 9.31 -61.62
CA GLN F 233 38.36 9.33 -62.90
C GLN F 233 38.54 10.78 -63.39
N VAL F 243 39.75 23.51 -61.06
CA VAL F 243 38.58 24.40 -61.03
C VAL F 243 37.68 24.13 -59.80
N ARG F 244 37.17 22.88 -59.71
CA ARG F 244 36.32 22.37 -58.64
C ARG F 244 37.19 22.11 -57.41
N ASN F 245 38.39 21.52 -57.63
CA ASN F 245 39.39 21.26 -56.61
C ASN F 245 40.01 22.55 -56.04
N LEU F 246 39.89 23.68 -56.75
CA LEU F 246 40.42 24.94 -56.28
C LEU F 246 39.52 25.52 -55.19
N GLN F 247 38.19 25.38 -55.33
CA GLN F 247 37.25 25.90 -54.35
C GLN F 247 37.27 25.10 -53.05
N TRP F 248 37.46 23.77 -53.15
CA TRP F 248 37.48 22.92 -51.97
C TRP F 248 38.74 23.12 -51.13
N ALA F 249 39.91 23.23 -51.78
CA ALA F 249 41.17 23.48 -51.07
C ALA F 249 41.15 24.84 -50.30
N LYS F 250 40.29 25.77 -50.71
CA LYS F 250 40.11 27.05 -50.04
C LYS F 250 39.28 26.89 -48.77
N ALA F 251 38.32 25.97 -48.75
CA ALA F 251 37.41 25.74 -47.62
C ALA F 251 38.03 25.10 -46.37
N HIS F 252 38.99 24.19 -46.53
CA HIS F 252 39.62 23.50 -45.40
C HIS F 252 40.86 24.22 -44.83
N GLU F 253 40.97 25.55 -45.01
CA GLU F 253 42.15 26.27 -44.56
C GLU F 253 42.07 26.91 -43.18
N LEU F 254 43.06 26.58 -42.33
CA LEU F 254 43.22 27.12 -40.98
C LEU F 254 44.28 28.23 -40.94
N PRO F 255 44.18 29.21 -40.02
CA PRO F 255 45.24 30.22 -39.92
C PRO F 255 46.55 29.60 -39.39
N GLU F 256 47.70 30.21 -39.73
CA GLU F 256 49.00 29.70 -39.30
C GLU F 256 49.24 29.89 -37.80
N SER F 257 50.05 29.00 -37.20
CA SER F 257 50.38 29.09 -35.78
C SER F 257 51.21 30.36 -35.55
N MET F 258 50.57 31.41 -35.01
CA MET F 258 51.24 32.69 -34.84
C MET F 258 51.70 33.02 -33.42
N CYS F 259 52.88 33.66 -33.32
CA CYS F 259 53.52 34.06 -32.07
C CYS F 259 53.49 35.57 -31.88
N LEU F 260 52.77 36.05 -30.86
CA LEU F 260 52.71 37.48 -30.56
C LEU F 260 53.84 37.89 -29.63
N LYS F 261 54.40 39.06 -29.84
CA LYS F 261 55.47 39.57 -28.99
C LYS F 261 54.95 40.84 -28.36
N PHE F 262 54.93 40.91 -27.04
CA PHE F 262 54.41 42.07 -26.34
C PHE F 262 55.51 43.07 -26.04
N ASP F 263 55.13 44.35 -25.82
CA ASP F 263 56.08 45.40 -25.53
C ASP F 263 56.89 45.16 -24.26
N CYS F 264 56.37 44.35 -23.34
CA CYS F 264 57.08 44.03 -22.10
C CYS F 264 58.07 42.85 -22.22
N GLY F 265 58.10 42.16 -23.37
CA GLY F 265 59.01 41.05 -23.59
C GLY F 265 58.35 39.69 -23.70
N VAL F 266 57.18 39.53 -23.09
CA VAL F 266 56.45 38.27 -23.11
C VAL F 266 56.01 37.87 -24.51
N GLN F 267 56.36 36.65 -24.90
CA GLN F 267 55.97 36.07 -26.17
C GLN F 267 54.85 35.05 -25.89
N ILE F 268 53.82 35.03 -26.73
CA ILE F 268 52.69 34.12 -26.55
C ILE F 268 52.41 33.42 -27.86
N GLN F 269 52.21 32.10 -27.82
CA GLN F 269 51.92 31.32 -29.02
C GLN F 269 50.43 31.05 -29.12
N LEU F 270 49.86 31.26 -30.32
CA LEU F 270 48.46 31.04 -30.64
C LEU F 270 48.35 29.91 -31.67
N GLY F 271 47.67 28.83 -31.32
CA GLY F 271 47.47 27.72 -32.23
C GLY F 271 46.03 27.54 -32.64
N PHE F 272 45.78 26.90 -33.79
CA PHE F 272 44.40 26.69 -34.25
C PHE F 272 44.16 25.24 -34.62
N ALA F 273 42.93 24.75 -34.39
CA ALA F 273 42.51 23.38 -34.68
C ALA F 273 41.19 23.37 -35.44
N ALA F 274 40.94 22.34 -36.26
CA ALA F 274 39.69 22.23 -37.01
C ALA F 274 38.95 21.05 -36.49
N GLU F 275 37.73 21.25 -36.01
CA GLU F 275 36.91 20.14 -35.55
C GLU F 275 35.85 19.86 -36.63
N PHE F 276 35.16 20.91 -37.07
CA PHE F 276 34.18 20.87 -38.14
C PHE F 276 34.51 22.01 -39.15
N SER F 277 33.79 22.11 -40.27
CA SER F 277 34.03 23.17 -41.25
C SER F 277 33.64 24.57 -40.75
N ASN F 278 32.96 24.66 -39.62
CA ASN F 278 32.54 25.90 -38.97
C ASN F 278 32.92 25.96 -37.49
N VAL F 279 33.77 25.01 -37.01
CA VAL F 279 34.23 24.91 -35.64
C VAL F 279 35.74 24.89 -35.65
N MET F 280 36.35 25.76 -34.87
CA MET F 280 37.80 25.87 -34.81
C MET F 280 38.18 26.06 -33.37
N ILE F 281 39.20 25.36 -32.88
CA ILE F 281 39.65 25.54 -31.50
C ILE F 281 40.89 26.42 -31.50
N ILE F 282 40.86 27.54 -30.79
CA ILE F 282 42.05 28.39 -30.66
C ILE F 282 42.69 28.11 -29.31
N TYR F 283 44.02 27.98 -29.26
CA TYR F 283 44.69 27.75 -27.98
C TYR F 283 45.83 28.71 -27.72
N THR F 284 45.97 29.17 -26.47
CA THR F 284 47.05 30.10 -26.13
C THR F 284 48.01 29.56 -25.06
N SER F 285 49.29 29.59 -25.39
CA SER F 285 50.36 29.18 -24.48
C SER F 285 51.37 30.36 -24.31
N ILE F 286 52.12 30.37 -23.20
CA ILE F 286 53.13 31.39 -23.02
C ILE F 286 54.48 30.79 -23.34
N VAL F 287 55.06 31.18 -24.49
CA VAL F 287 56.35 30.64 -24.91
C VAL F 287 57.54 31.30 -24.13
N TYR F 288 57.79 32.61 -24.30
CA TYR F 288 58.85 33.27 -23.54
C TYR F 288 58.30 34.23 -22.49
N LYS F 289 58.85 34.18 -21.27
CA LYS F 289 58.47 35.10 -20.21
C LYS F 289 59.74 35.69 -19.61
N PRO F 290 59.88 37.02 -19.58
CA PRO F 290 61.11 37.62 -19.02
C PRO F 290 61.23 37.42 -17.50
N PRO F 291 62.46 37.34 -16.96
CA PRO F 291 62.62 37.07 -15.51
C PRO F 291 62.06 38.12 -14.55
N GLU F 292 61.96 39.38 -14.99
CA GLU F 292 61.38 40.47 -14.17
C GLU F 292 59.92 40.20 -13.87
N ILE F 293 59.23 39.49 -14.79
CA ILE F 293 57.84 39.12 -14.66
C ILE F 293 57.82 37.84 -13.86
N ILE F 294 57.08 37.85 -12.76
CA ILE F 294 56.98 36.67 -11.91
C ILE F 294 55.62 35.98 -12.03
N MET F 295 54.63 36.58 -12.76
CA MET F 295 53.28 36.07 -12.86
C MET F 295 52.52 36.67 -14.05
N CYS F 296 51.97 35.85 -14.96
CA CYS F 296 51.18 36.36 -16.07
C CYS F 296 50.22 35.34 -16.65
N ASP F 297 49.01 35.81 -17.00
CA ASP F 297 47.94 35.03 -17.63
C ASP F 297 47.63 35.68 -18.98
N ALA F 298 47.60 34.89 -20.03
CA ALA F 298 47.29 35.39 -21.37
C ALA F 298 45.99 34.78 -21.79
N TYR F 299 44.94 35.59 -21.90
CA TYR F 299 43.64 35.08 -22.30
C TYR F 299 43.13 35.76 -23.59
N VAL F 300 42.10 35.16 -24.21
CA VAL F 300 41.53 35.63 -25.48
C VAL F 300 40.15 36.23 -25.22
N THR F 301 39.84 37.37 -25.88
CA THR F 301 38.57 38.07 -25.72
C THR F 301 38.19 38.88 -27.00
N ASP F 302 37.06 39.64 -26.97
CA ASP F 302 36.57 40.54 -28.02
C ASP F 302 36.39 39.87 -29.38
N PHE F 303 35.81 38.69 -29.38
CA PHE F 303 35.50 38.01 -30.63
C PHE F 303 34.28 38.71 -31.23
N PRO F 304 34.17 38.77 -32.56
CA PRO F 304 33.01 39.44 -33.19
C PRO F 304 31.66 39.02 -32.62
N LEU F 305 30.77 39.98 -32.34
CA LEU F 305 29.46 39.71 -31.72
C LEU F 305 28.50 38.88 -32.62
N ASP F 306 28.77 38.80 -33.94
CA ASP F 306 27.95 37.98 -34.83
C ASP F 306 28.23 36.45 -34.65
N LEU F 307 29.35 36.10 -34.00
CA LEU F 307 29.76 34.73 -33.70
C LEU F 307 29.18 34.22 -32.38
N ASP F 308 28.29 35.00 -31.70
CA ASP F 308 27.60 34.70 -30.43
C ASP F 308 28.32 33.70 -29.52
N ILE F 309 29.39 34.15 -28.87
CA ILE F 309 30.19 33.27 -28.02
C ILE F 309 29.79 33.35 -26.54
N ASP F 310 30.07 32.27 -25.80
CA ASP F 310 29.78 32.13 -24.37
C ASP F 310 31.09 32.42 -23.61
N PRO F 311 31.20 33.58 -22.96
CA PRO F 311 32.47 33.92 -22.27
C PRO F 311 32.88 32.94 -21.17
N LYS F 312 31.90 32.30 -20.53
CA LYS F 312 32.20 31.31 -19.49
C LYS F 312 32.58 29.93 -20.07
N ASP F 313 32.54 29.77 -21.42
CA ASP F 313 32.89 28.57 -22.19
C ASP F 313 34.10 28.84 -23.10
N ALA F 314 34.99 29.76 -22.68
CA ALA F 314 36.24 30.17 -23.36
C ALA F 314 37.38 30.26 -22.33
N ASN F 315 38.63 30.11 -22.81
CA ASN F 315 39.81 30.14 -21.95
C ASN F 315 39.75 29.02 -20.93
N LYS F 316 39.64 27.79 -21.43
CA LYS F 316 39.55 26.63 -20.57
C LYS F 316 40.86 25.88 -20.57
N GLY F 317 41.14 25.19 -19.47
CA GLY F 317 42.39 24.45 -19.34
C GLY F 317 42.44 23.14 -20.12
N THR F 318 41.27 22.65 -20.54
CA THR F 318 41.11 21.42 -21.29
C THR F 318 40.12 21.65 -22.44
N PRO F 319 40.32 21.03 -23.62
CA PRO F 319 39.37 21.21 -24.72
C PRO F 319 37.97 20.67 -24.37
N GLU F 320 37.91 19.59 -23.57
CA GLU F 320 36.65 18.97 -23.13
C GLU F 320 35.80 19.87 -22.20
N GLU F 321 36.38 20.96 -21.70
CA GLU F 321 35.64 21.93 -20.89
C GLU F 321 34.90 22.94 -21.81
N THR F 322 35.34 23.08 -23.08
CA THR F 322 34.73 23.96 -24.09
C THR F 322 33.49 23.35 -24.77
N GLY F 323 33.36 22.02 -24.70
CA GLY F 323 32.29 21.25 -25.33
C GLY F 323 32.70 20.64 -26.66
N SER F 324 34.01 20.37 -26.81
CA SER F 324 34.61 19.85 -28.04
C SER F 324 34.83 18.32 -28.05
N TYR F 325 34.87 17.75 -29.26
CA TYR F 325 35.14 16.34 -29.57
C TYR F 325 36.57 15.94 -29.11
N LEU F 326 37.53 16.88 -29.25
CA LEU F 326 38.93 16.66 -28.88
C LEU F 326 39.19 16.63 -27.37
N HIS F 334 49.11 22.00 -22.72
CA HIS F 334 48.79 22.85 -21.57
C HIS F 334 48.60 24.31 -21.98
N CYS F 335 47.46 24.63 -22.58
CA CYS F 335 47.13 25.95 -23.12
C CYS F 335 45.76 26.46 -22.59
N LEU F 336 45.21 27.52 -23.20
CA LEU F 336 43.90 28.03 -22.85
C LEU F 336 43.07 27.92 -24.13
N TYR F 337 42.26 26.86 -24.18
CA TYR F 337 41.45 26.46 -25.33
C TYR F 337 40.13 27.20 -25.42
N THR F 338 39.82 27.73 -26.59
CA THR F 338 38.59 28.44 -26.81
C THR F 338 37.92 27.84 -28.05
N ARG F 339 36.70 27.29 -27.90
CA ARG F 339 36.00 26.70 -29.04
C ARG F 339 35.25 27.75 -29.81
N LEU F 340 35.63 27.96 -31.06
CA LEU F 340 34.98 28.91 -31.94
C LEU F 340 34.06 28.23 -32.92
N SER F 341 32.92 27.77 -32.43
CA SER F 341 31.88 27.18 -33.28
C SER F 341 31.09 28.36 -33.86
N SER F 342 30.37 28.11 -34.95
CA SER F 342 29.56 29.14 -35.61
C SER F 342 30.42 30.09 -36.43
N LEU F 343 31.43 29.53 -37.11
CA LEU F 343 32.25 30.32 -38.02
C LEU F 343 31.47 30.71 -39.28
N GLN F 344 30.39 29.96 -39.64
CA GLN F 344 29.55 30.23 -40.82
C GLN F 344 28.87 31.60 -40.75
N LYS F 345 28.53 32.06 -39.52
CA LYS F 345 27.89 33.34 -39.32
C LYS F 345 28.95 34.41 -39.08
N LEU F 346 29.95 34.47 -39.96
CA LEU F 346 31.03 35.44 -39.84
C LEU F 346 31.01 36.39 -41.00
N LYS F 347 30.69 37.66 -40.73
CA LYS F 347 30.71 38.70 -41.75
C LYS F 347 32.06 39.41 -41.61
N GLU F 348 32.93 39.25 -42.64
CA GLU F 348 34.27 39.85 -42.72
C GLU F 348 35.28 39.38 -41.64
N HIS F 349 36.56 39.25 -42.06
CA HIS F 349 37.77 38.91 -41.30
C HIS F 349 37.59 38.71 -39.81
N LEU F 350 38.13 37.59 -39.26
CA LEU F 350 38.04 37.30 -37.83
C LEU F 350 39.13 38.04 -37.04
N VAL F 351 38.71 39.03 -36.24
CA VAL F 351 39.60 39.88 -35.44
C VAL F 351 39.20 39.87 -33.95
N PHE F 352 40.08 39.36 -33.10
CA PHE F 352 39.86 39.27 -31.65
C PHE F 352 41.06 39.80 -30.86
N THR F 353 40.83 40.17 -29.60
CA THR F 353 41.84 40.73 -28.74
C THR F 353 42.49 39.70 -27.83
N VAL F 354 43.82 39.57 -27.89
CA VAL F 354 44.58 38.71 -26.98
C VAL F 354 45.11 39.64 -25.94
N CYS F 355 44.74 39.45 -24.66
CA CYS F 355 45.25 40.34 -23.62
C CYS F 355 46.15 39.64 -22.61
N LEU F 356 47.29 40.27 -22.33
CA LEU F 356 48.25 39.77 -21.34
C LEU F 356 47.98 40.41 -20.00
N SER F 357 48.14 39.64 -18.92
CA SER F 357 47.90 40.09 -17.54
C SER F 357 49.13 39.78 -16.67
N TYR F 358 50.23 40.54 -16.89
CA TYR F 358 51.51 40.32 -16.20
C TYR F 358 51.72 41.12 -14.91
N GLN F 359 52.70 40.70 -14.10
CA GLN F 359 53.07 41.30 -12.83
C GLN F 359 54.58 41.28 -12.67
N TYR F 360 55.15 42.39 -12.16
CA TYR F 360 56.58 42.54 -11.95
C TYR F 360 57.00 42.12 -10.56
N SER F 361 58.24 41.67 -10.42
CA SER F 361 58.79 41.31 -9.12
C SER F 361 59.16 42.65 -8.48
N GLY F 362 58.39 43.04 -7.47
CA GLY F 362 58.61 44.30 -6.80
C GLY F 362 57.40 45.20 -6.85
N LEU F 363 56.70 45.19 -7.98
CA LEU F 363 55.50 46.01 -8.19
C LEU F 363 54.25 45.25 -7.76
N GLU F 364 53.31 45.91 -7.08
CA GLU F 364 52.09 45.25 -6.60
C GLU F 364 50.93 45.25 -7.58
N ASP F 365 50.71 46.35 -8.30
CA ASP F 365 49.61 46.44 -9.26
C ASP F 365 49.87 45.60 -10.53
N THR F 366 48.87 44.78 -10.94
CA THR F 366 48.96 43.92 -12.12
C THR F 366 48.87 44.72 -13.42
N VAL F 367 49.92 44.69 -14.24
CA VAL F 367 49.93 45.40 -15.52
C VAL F 367 49.03 44.65 -16.53
N GLU F 368 48.38 45.39 -17.44
CA GLU F 368 47.53 44.81 -18.46
C GLU F 368 47.91 45.34 -19.84
N ASP F 369 48.06 44.46 -20.83
CA ASP F 369 48.35 44.88 -22.20
C ASP F 369 47.39 44.16 -23.18
N LYS F 370 47.23 44.70 -24.39
CA LYS F 370 46.36 44.11 -25.40
C LYS F 370 47.04 44.13 -26.76
N GLN F 371 46.91 43.06 -27.51
CA GLN F 371 47.46 42.97 -28.87
C GLN F 371 46.33 42.50 -29.80
N GLU F 372 45.98 43.29 -30.83
CA GLU F 372 44.90 42.95 -31.77
C GLU F 372 45.44 42.01 -32.83
N VAL F 373 44.69 40.93 -33.09
CA VAL F 373 45.07 39.86 -34.01
C VAL F 373 44.02 39.72 -35.13
N ASN F 374 44.48 39.36 -36.34
CA ASN F 374 43.61 39.14 -37.48
C ASN F 374 43.97 37.78 -38.13
N VAL F 375 43.04 36.83 -38.11
CA VAL F 375 43.29 35.50 -38.68
C VAL F 375 42.72 35.32 -40.13
N GLY F 376 42.17 36.39 -40.69
CA GLY F 376 41.61 36.36 -42.03
C GLY F 376 40.29 35.65 -42.05
N LYS F 377 40.11 34.74 -43.02
CA LYS F 377 38.88 33.97 -43.13
C LYS F 377 39.18 32.49 -42.91
N PRO F 378 39.06 31.99 -41.65
CA PRO F 378 39.33 30.57 -41.40
C PRO F 378 38.13 29.69 -41.73
N LEU F 379 38.36 28.64 -42.56
CA LEU F 379 37.34 27.68 -42.99
C LEU F 379 36.13 28.36 -43.66
C1 PHQ G 1 -2.64 3.33 12.51
O1 PHQ G 1 -1.44 3.13 12.43
O2 PHQ G 1 -3.34 3.38 13.66
C2 PHQ G 1 -2.68 2.85 14.84
C3 PHQ G 1 -1.57 3.73 15.32
C4 PHQ G 1 -1.74 5.10 15.45
C5 PHQ G 1 -0.71 5.90 15.91
C6 PHQ G 1 0.50 5.35 16.26
C7 PHQ G 1 0.69 4.00 16.14
C8 PHQ G 1 -0.33 3.18 15.67
N VAL G 2 -3.44 3.62 11.46
CA VAL G 2 -2.97 3.35 10.10
C VAL G 2 -3.27 4.52 9.16
N ARG G 3 -2.21 5.02 8.52
CA ARG G 3 -2.37 5.93 7.40
C ARG G 3 -2.43 5.10 6.11
N PRO G 4 -3.46 5.29 5.28
CA PRO G 4 -3.50 4.60 4.00
C PRO G 4 -2.64 5.35 2.98
N ARG G 5 -2.30 4.65 1.90
CA ARG G 5 -1.43 5.23 0.89
C ARG G 5 -2.07 5.15 -0.50
C1 CF0 G 6 -3.55 5.08 -0.60
C1 PHQ H 1 -5.17 -0.38 19.22
O1 PHQ H 1 -4.70 -1.46 19.48
O2 PHQ H 1 -5.45 0.06 17.97
C2 PHQ H 1 -4.95 -0.76 16.88
C3 PHQ H 1 -5.98 -1.74 16.38
C4 PHQ H 1 -5.67 -3.09 16.27
C5 PHQ H 1 -6.57 -3.98 15.71
C6 PHQ H 1 -7.80 -3.53 15.26
C7 PHQ H 1 -8.12 -2.20 15.37
C8 PHQ H 1 -7.22 -1.30 15.93
N VAL H 2 -5.57 0.53 20.13
CA VAL H 2 -5.26 0.34 21.54
C VAL H 2 -6.40 0.81 22.43
N ARG H 3 -6.75 -0.02 23.43
CA ARG H 3 -7.60 0.41 24.52
C ARG H 3 -6.90 0.11 25.85
N PRO H 4 -7.02 1.00 26.85
CA PRO H 4 -6.29 0.79 28.10
C PRO H 4 -6.87 -0.23 29.08
N ARG H 5 -6.13 -0.51 30.15
CA ARG H 5 -6.62 -1.32 31.25
C ARG H 5 -6.62 -0.52 32.55
C1 CF0 H 6 -6.56 0.97 32.49
C1 PHQ I 1 -7.39 -28.91 -31.74
O1 PHQ I 1 -7.44 -29.21 -30.57
O2 PHQ I 1 -7.24 -29.79 -32.76
C2 PHQ I 1 -7.15 -31.19 -32.41
C3 PHQ I 1 -5.78 -31.56 -31.90
C4 PHQ I 1 -4.65 -30.96 -32.42
C5 PHQ I 1 -3.39 -31.32 -31.95
C6 PHQ I 1 -3.26 -32.28 -30.96
C7 PHQ I 1 -4.39 -32.88 -30.44
C8 PHQ I 1 -5.64 -32.52 -30.91
N VAL I 2 -7.48 -27.65 -32.21
CA VAL I 2 -7.59 -26.54 -31.30
C VAL I 2 -8.82 -25.68 -31.63
N ARG I 3 -9.85 -25.80 -30.82
CA ARG I 3 -11.09 -25.07 -31.05
C ARG I 3 -11.28 -24.00 -29.96
N PRO I 4 -11.32 -22.71 -30.32
CA PRO I 4 -11.54 -21.65 -29.32
C PRO I 4 -12.93 -21.62 -28.69
N ARG I 5 -12.96 -21.39 -27.37
CA ARG I 5 -14.20 -21.14 -26.65
C ARG I 5 -14.40 -19.65 -26.38
C1 CF0 I 6 -13.49 -18.67 -27.05
C1 PHQ J 1 30.08 -0.91 62.02
O1 PHQ J 1 30.86 -0.08 61.61
O2 PHQ J 1 30.44 -1.99 62.75
C2 PHQ J 1 31.86 -2.23 62.90
C3 PHQ J 1 32.31 -3.32 61.95
C4 PHQ J 1 31.90 -4.63 62.13
C5 PHQ J 1 32.34 -5.63 61.27
C6 PHQ J 1 33.18 -5.32 60.22
C7 PHQ J 1 33.60 -4.02 60.04
C8 PHQ J 1 33.16 -3.02 60.90
N VAL J 2 28.74 -0.85 61.89
CA VAL J 2 28.11 0.05 60.93
C VAL J 2 27.12 1.02 61.58
N ARG J 3 26.99 2.20 60.98
CA ARG J 3 26.09 3.23 61.49
C ARG J 3 25.05 3.63 60.43
N PRO J 4 23.85 4.09 60.82
CA PRO J 4 22.81 4.41 59.82
C PRO J 4 23.05 5.66 58.98
N ARG J 5 22.07 5.98 58.13
CA ARG J 5 22.14 7.14 57.24
C ARG J 5 20.77 7.77 57.07
C1 CF0 J 6 19.61 7.22 57.85
C1 PHQ K 1 -54.77 -7.90 -7.53
O1 PHQ K 1 -53.64 -7.88 -7.97
O2 PHQ K 1 -55.08 -8.07 -6.22
C2 PHQ K 1 -53.96 -8.14 -5.30
C3 PHQ K 1 -53.47 -9.56 -5.20
C4 PHQ K 1 -54.30 -10.58 -4.74
C5 PHQ K 1 -53.85 -11.88 -4.68
C6 PHQ K 1 -52.57 -12.20 -5.07
C7 PHQ K 1 -51.73 -11.22 -5.54
C8 PHQ K 1 -52.18 -9.90 -5.61
N VAL K 2 -55.90 -7.79 -8.27
CA VAL K 2 -55.81 -7.46 -9.67
C VAL K 2 -56.43 -6.08 -9.93
N ARG K 3 -55.62 -5.18 -10.51
CA ARG K 3 -56.09 -3.86 -10.87
C ARG K 3 -56.45 -3.91 -12.36
N PRO K 4 -57.66 -3.49 -12.77
CA PRO K 4 -57.98 -3.50 -14.19
C PRO K 4 -57.58 -2.20 -14.87
N ARG K 5 -57.12 -2.32 -16.12
CA ARG K 5 -56.82 -1.18 -16.97
C ARG K 5 -58.00 -0.84 -17.88
C1 CF0 K 6 -59.35 -1.36 -17.51
C1 PHQ L 1 18.29 6.01 -23.92
O1 PHQ L 1 19.40 6.10 -24.41
O2 PHQ L 1 18.06 5.72 -22.61
C2 PHQ L 1 19.24 5.59 -21.75
C3 PHQ L 1 19.79 4.20 -21.86
C4 PHQ L 1 19.01 3.10 -21.53
C5 PHQ L 1 19.49 1.82 -21.71
C6 PHQ L 1 20.76 1.61 -22.22
C7 PHQ L 1 21.55 2.70 -22.55
C8 PHQ L 1 21.07 3.98 -22.38
N VAL L 2 17.13 6.13 -24.59
CA VAL L 2 17.14 6.54 -25.98
C VAL L 2 16.44 7.88 -26.13
N ARG L 3 17.13 8.84 -26.75
CA ARG L 3 16.55 10.15 -27.00
C ARG L 3 16.13 10.21 -28.47
N PRO L 4 14.85 10.51 -28.78
CA PRO L 4 14.45 10.68 -30.18
C PRO L 4 14.92 11.96 -30.87
N ARG L 5 15.19 11.85 -32.18
CA ARG L 5 15.53 12.99 -33.03
C ARG L 5 14.34 13.40 -33.90
C1 CF0 L 6 12.97 12.94 -33.50
N1 A1AAB M . 17.47 4.37 -15.04
N3 A1AAB M . 16.18 1.35 -13.44
C4 A1AAB M . 17.29 0.61 -13.45
C5 A1AAB M . 19.05 -1.06 -13.27
C6 A1AAB M . 19.86 -2.27 -13.00
C7 A1AAB M . 16.27 2.59 -13.94
C8 A1AAB M . 19.95 2.67 -15.07
C10 A1AAB M . 20.78 3.56 -14.15
C13 A1AAB M . 15.86 10.50 -14.73
C15 A1AAB M . 14.49 13.67 -14.66
C17 A1AAB M . 15.91 8.25 -13.92
F2 A1AAB M . 16.04 9.82 -11.39
C18 A1AAB M . 15.06 9.85 -12.30
F A1AAB M . 14.53 11.06 -12.15
F1 A1AAB M . 14.13 8.97 -11.92
C16 A1AAB M . 15.57 9.58 -13.68
N5 A1AAB M . 15.57 11.89 -14.54
N7 A1AAB M . 14.51 12.45 -15.16
C14 A1AAB M . 15.54 13.83 -13.76
N6 A1AAB M . 16.23 12.70 -13.70
N4 A1AAB M . 16.44 10.17 -15.89
C12 A1AAB M . 16.77 8.88 -16.05
C11 A1AAB M . 16.54 7.89 -15.11
N A1AAB M . 16.99 6.57 -15.34
C A1AAB M . 16.97 5.51 -14.48
O A1AAB M . 16.55 5.58 -13.33
C1 A1AAB M . 17.45 3.08 -14.47
S A1AAB M . 17.36 -1.02 -12.85
N2 A1AAB M . 19.52 0.03 -13.80
C3 A1AAB M . 18.52 0.98 -13.92
C2 A1AAB M . 18.60 2.27 -14.47
O1 A1AAB M . 19.79 3.40 -16.27
C9 A1AAB M . 20.03 2.61 -17.43
N1 A1AAB N . -6.71 -21.24 45.62
N3 A1AAB N . -3.55 -20.27 44.02
C4 A1AAB N . -3.00 -21.47 43.93
C5 A1AAB N . -1.69 -23.47 43.44
C6 A1AAB N . -0.67 -24.45 42.97
C7 A1AAB N . -4.78 -20.21 44.57
C8 A1AAB N . -5.43 -23.88 45.45
C10 A1AAB N . -6.43 -24.46 44.48
C13 A1AAB N . -12.80 -19.42 45.67
C15 A1AAB N . -15.92 -17.82 45.97
C17 A1AAB N . -10.67 -19.68 44.61
F2 A1AAB N . -12.04 -18.90 42.19
C18 A1AAB N . -12.28 -18.30 43.35
F A1AAB N . -13.54 -17.89 43.31
F1 A1AAB N . -11.55 -17.20 43.34
C16 A1AAB N . -11.97 -19.18 44.53
N5 A1AAB N . -14.22 -18.99 45.63
N7 A1AAB N . -14.63 -17.89 46.28
C14 A1AAB N . -16.26 -18.90 45.14
N6 A1AAB N . -15.17 -19.63 44.92
N4 A1AAB N . -12.40 -20.02 46.80
C12 A1AAB N . -11.12 -20.44 46.83
C11 A1AAB N . -10.23 -20.32 45.78
N A1AAB N . -8.91 -20.81 45.96
C A1AAB N . -7.86 -20.78 45.07
O A1AAB N . -7.95 -20.38 43.91
C1 A1AAB N . -5.43 -21.34 45.03
S A1AAB N . -1.50 -21.77 43.10
N2 A1AAB N . -2.75 -23.81 44.10
C3 A1AAB N . -3.52 -22.67 44.38
C2 A1AAB N . -4.79 -22.59 44.96
O1 A1AAB N . -6.12 -23.67 46.68
C9 A1AAB N . -5.25 -23.70 47.80
N1 A1AAB O . -29.84 -24.86 -8.04
N3 A1AAB O . -26.24 -24.82 -7.37
C4 A1AAB O . -26.21 -25.71 -6.38
C5 A1AAB O . -25.68 -27.42 -4.71
C6 A1AAB O . -25.01 -28.36 -3.77
C7 A1AAB O . -27.43 -24.54 -7.90
C8 A1AAB O . -29.76 -26.82 -5.83
C10 A1AAB O . -30.17 -27.99 -6.71
C13 A1AAB O . -33.64 -23.76 -13.04
C15 A1AAB O . -35.88 -22.35 -15.29
C17 A1AAB O . -31.57 -24.47 -12.08
F2 A1AAB O . -32.16 -24.00 -15.60
C18 A1AAB O . -31.52 -24.44 -14.52
F A1AAB O . -31.22 -25.72 -14.72
F1 A1AAB O . -30.36 -23.79 -14.53
C16 A1AAB O . -32.29 -24.21 -13.24
N5 A1AAB O . -34.56 -23.47 -14.11
N7 A1AAB O . -35.11 -22.26 -14.21
C14 A1AAB O . -35.77 -23.63 -15.82
N6 A1AAB O . -34.94 -24.33 -15.06
N4 A1AAB O . -34.21 -23.58 -11.83
C12 A1AAB O . -33.45 -23.84 -10.77
C11 A1AAB O . -32.13 -24.29 -10.82
N A1AAB O . -31.45 -24.52 -9.59
C A1AAB O . -30.15 -24.88 -9.38
O A1AAB O . -29.35 -25.17 -10.26
C1 A1AAB O . -28.60 -25.16 -7.43
S A1AAB O . -24.72 -26.34 -5.71
N2 A1AAB O . -26.96 -27.33 -4.86
C3 A1AAB O . -27.28 -26.37 -5.82
C2 A1AAB O . -28.53 -26.07 -6.38
O1 A1AAB O . -30.91 -25.99 -5.73
C9 A1AAB O . -30.89 -25.17 -4.58
N1 A1AAB P . 25.59 23.91 39.61
N3 A1AAB P . 25.71 20.33 38.88
C4 A1AAB P . 26.48 20.36 37.78
C5 A1AAB P . 27.85 20.00 35.81
C6 A1AAB P . 28.60 19.42 34.65
C7 A1AAB P . 25.44 21.49 39.47
C8 A1AAB P . 27.43 23.94 37.23
C10 A1AAB P . 28.79 24.21 37.83
C13 A1AAB P . 25.27 27.47 44.87
C15 A1AAB P . 24.30 29.33 47.62
C17 A1AAB P . 25.77 25.45 43.68
F2 A1AAB P . 27.52 25.28 46.19
C18 A1AAB P . 26.20 25.30 46.08
F A1AAB P . 25.73 25.74 47.24
F1 A1AAB P . 25.83 24.03 46.01
C16 A1AAB P . 25.74 26.11 44.91
N5 A1AAB P . 25.19 28.26 46.07
N7 A1AAB P . 24.00 28.72 46.48
C14 A1AAB P . 25.68 29.21 47.85
N6 A1AAB P . 26.23 28.54 46.85
N4 A1AAB P . 24.87 28.11 43.76
C12 A1AAB P . 24.92 27.41 42.62
C11 A1AAB P . 25.35 26.09 42.52
N A1AAB P . 25.29 25.44 41.26
C A1AAB P . 25.86 24.24 40.90
O A1AAB P . 26.53 23.54 41.66
C1 A1AAB P . 25.94 22.70 38.97
S A1AAB P . 26.96 18.95 36.88
N2 A1AAB P . 27.81 21.26 36.07
C3 A1AAB P . 27.03 21.48 37.20
C2 A1AAB P . 26.75 22.71 37.83
O1 A1AAB P . 26.66 25.13 37.36
C9 A1AAB P . 25.88 25.40 36.21
#